data_1KRQ
# 
_entry.id   1KRQ 
# 
_audit_conform.dict_name       mmcif_pdbx.dic 
_audit_conform.dict_version    5.376 
_audit_conform.dict_location   http://mmcif.pdb.org/dictionaries/ascii/mmcif_pdbx.dic 
# 
loop_
_database_2.database_id 
_database_2.database_code 
_database_2.pdbx_database_accession 
_database_2.pdbx_DOI 
PDB   1KRQ         pdb_00001krq 10.2210/pdb1krq/pdb 
RCSB  RCSB015272   ?            ?                   
WWPDB D_1000015272 ?            ?                   
# 
_pdbx_database_status.status_code                     REL 
_pdbx_database_status.entry_id                        1KRQ 
_pdbx_database_status.recvd_initial_deposition_date   2002-01-10 
_pdbx_database_status.deposit_site                    RCSB 
_pdbx_database_status.process_site                    RCSB 
_pdbx_database_status.SG_entry                        . 
_pdbx_database_status.status_code_sf                  REL 
_pdbx_database_status.pdb_format_compatible           Y 
_pdbx_database_status.status_code_mr                  ? 
_pdbx_database_status.status_code_cs                  ? 
_pdbx_database_status.status_code_nmr_data            ? 
_pdbx_database_status.methods_development_category    ? 
# 
loop_
_audit_author.name 
_audit_author.pdbx_ordinal 
'Hortolan, L.'             1 
'Saintout, N.'             2 
'Granier, G.'              3 
;Langlois d'Estaintot, B.
;
4 
'Manigand, C.'             5 
'Mizunoe, Y.'              6 
'Wai, S.N.'                7 
'Gallois, B.'              8 
'Precigoux, G.'            9 
# 
_citation.id                        primary 
_citation.title                     'STRUCTURE OF CAMPYLOBACTER JEJUNI FERRITIN AT 2.7 A RESOLUTION' 
_citation.journal_abbrev            'To be Published' 
_citation.journal_volume            ? 
_citation.page_first                ? 
_citation.page_last                 ? 
_citation.year                      ? 
_citation.journal_id_ASTM           ? 
_citation.country                   ? 
_citation.journal_id_ISSN           ? 
_citation.journal_id_CSD            0353 
_citation.book_publisher            ? 
_citation.pdbx_database_id_PubMed   ? 
_citation.pdbx_database_id_DOI      ? 
# 
loop_
_citation_author.citation_id 
_citation_author.name 
_citation_author.ordinal 
_citation_author.identifier_ORCID 
primary 'Hortolan, L.'             1 ? 
primary 'Saintout, N.'             2 ? 
primary 'Granier, G.'              3 ? 
primary 
;Langlois d'Estaintot, B.
;
4 ? 
primary 'Manigand, C.'             5 ? 
primary 'Mizunoe, Y.'              6 ? 
primary 'Wai, S.N.'                7 ? 
primary 'Gallois, B.'              8 ? 
primary 'Precigoux, G.'            9 ? 
# 
_cell.entry_id           1KRQ 
_cell.length_a           152.050 
_cell.length_b           152.050 
_cell.length_c           152.050 
_cell.angle_alpha        90.00 
_cell.angle_beta         90.00 
_cell.angle_gamma        90.00 
_cell.Z_PDB              48 
_cell.pdbx_unique_axis   ? 
# 
_symmetry.entry_id                         1KRQ 
_symmetry.space_group_name_H-M             'I 4 3 2' 
_symmetry.pdbx_full_space_group_name_H-M   ? 
_symmetry.cell_setting                     ? 
_symmetry.Int_Tables_number                211 
# 
loop_
_entity.id 
_entity.type 
_entity.src_method 
_entity.pdbx_description 
_entity.formula_weight 
_entity.pdbx_number_of_molecules 
_entity.pdbx_ec 
_entity.pdbx_mutation 
_entity.pdbx_fragment 
_entity.details 
1 polymer man ferritin 19510.986 1 ? ? ? ? 
2 water   nat water    18.015    4 ? ? ? ? 
# 
_entity_poly.entity_id                      1 
_entity_poly.type                           'polypeptide(L)' 
_entity_poly.nstd_linkage                   no 
_entity_poly.nstd_monomer                   no 
_entity_poly.pdbx_seq_one_letter_code       
;MLSKEVVKLLNEQINKEMYAANLYLSMSSWCYENSLDGAGAFLFAHASEESDHAKKLITYLNETDSHVELQEVKQPEQNF
KSLLDVFEKTYEHEQFITKSINTLVEHMLTHKDYSTFNFLQWYVSEQHEEEALFRGIVDKIKLIGEHGNGLYLADQYIKN
IALSRKK
;
_entity_poly.pdbx_seq_one_letter_code_can   
;MLSKEVVKLLNEQINKEMYAANLYLSMSSWCYENSLDGAGAFLFAHASEESDHAKKLITYLNETDSHVELQEVKQPEQNF
KSLLDVFEKTYEHEQFITKSINTLVEHMLTHKDYSTFNFLQWYVSEQHEEEALFRGIVDKIKLIGEHGNGLYLADQYIKN
IALSRKK
;
_entity_poly.pdbx_strand_id                 A 
_entity_poly.pdbx_target_identifier         ? 
# 
loop_
_entity_poly_seq.entity_id 
_entity_poly_seq.num 
_entity_poly_seq.mon_id 
_entity_poly_seq.hetero 
1 1   MET n 
1 2   LEU n 
1 3   SER n 
1 4   LYS n 
1 5   GLU n 
1 6   VAL n 
1 7   VAL n 
1 8   LYS n 
1 9   LEU n 
1 10  LEU n 
1 11  ASN n 
1 12  GLU n 
1 13  GLN n 
1 14  ILE n 
1 15  ASN n 
1 16  LYS n 
1 17  GLU n 
1 18  MET n 
1 19  TYR n 
1 20  ALA n 
1 21  ALA n 
1 22  ASN n 
1 23  LEU n 
1 24  TYR n 
1 25  LEU n 
1 26  SER n 
1 27  MET n 
1 28  SER n 
1 29  SER n 
1 30  TRP n 
1 31  CYS n 
1 32  TYR n 
1 33  GLU n 
1 34  ASN n 
1 35  SER n 
1 36  LEU n 
1 37  ASP n 
1 38  GLY n 
1 39  ALA n 
1 40  GLY n 
1 41  ALA n 
1 42  PHE n 
1 43  LEU n 
1 44  PHE n 
1 45  ALA n 
1 46  HIS n 
1 47  ALA n 
1 48  SER n 
1 49  GLU n 
1 50  GLU n 
1 51  SER n 
1 52  ASP n 
1 53  HIS n 
1 54  ALA n 
1 55  LYS n 
1 56  LYS n 
1 57  LEU n 
1 58  ILE n 
1 59  THR n 
1 60  TYR n 
1 61  LEU n 
1 62  ASN n 
1 63  GLU n 
1 64  THR n 
1 65  ASP n 
1 66  SER n 
1 67  HIS n 
1 68  VAL n 
1 69  GLU n 
1 70  LEU n 
1 71  GLN n 
1 72  GLU n 
1 73  VAL n 
1 74  LYS n 
1 75  GLN n 
1 76  PRO n 
1 77  GLU n 
1 78  GLN n 
1 79  ASN n 
1 80  PHE n 
1 81  LYS n 
1 82  SER n 
1 83  LEU n 
1 84  LEU n 
1 85  ASP n 
1 86  VAL n 
1 87  PHE n 
1 88  GLU n 
1 89  LYS n 
1 90  THR n 
1 91  TYR n 
1 92  GLU n 
1 93  HIS n 
1 94  GLU n 
1 95  GLN n 
1 96  PHE n 
1 97  ILE n 
1 98  THR n 
1 99  LYS n 
1 100 SER n 
1 101 ILE n 
1 102 ASN n 
1 103 THR n 
1 104 LEU n 
1 105 VAL n 
1 106 GLU n 
1 107 HIS n 
1 108 MET n 
1 109 LEU n 
1 110 THR n 
1 111 HIS n 
1 112 LYS n 
1 113 ASP n 
1 114 TYR n 
1 115 SER n 
1 116 THR n 
1 117 PHE n 
1 118 ASN n 
1 119 PHE n 
1 120 LEU n 
1 121 GLN n 
1 122 TRP n 
1 123 TYR n 
1 124 VAL n 
1 125 SER n 
1 126 GLU n 
1 127 GLN n 
1 128 HIS n 
1 129 GLU n 
1 130 GLU n 
1 131 GLU n 
1 132 ALA n 
1 133 LEU n 
1 134 PHE n 
1 135 ARG n 
1 136 GLY n 
1 137 ILE n 
1 138 VAL n 
1 139 ASP n 
1 140 LYS n 
1 141 ILE n 
1 142 LYS n 
1 143 LEU n 
1 144 ILE n 
1 145 GLY n 
1 146 GLU n 
1 147 HIS n 
1 148 GLY n 
1 149 ASN n 
1 150 GLY n 
1 151 LEU n 
1 152 TYR n 
1 153 LEU n 
1 154 ALA n 
1 155 ASP n 
1 156 GLN n 
1 157 TYR n 
1 158 ILE n 
1 159 LYS n 
1 160 ASN n 
1 161 ILE n 
1 162 ALA n 
1 163 LEU n 
1 164 SER n 
1 165 ARG n 
1 166 LYS n 
1 167 LYS n 
# 
_entity_src_gen.entity_id                          1 
_entity_src_gen.pdbx_src_id                        1 
_entity_src_gen.pdbx_alt_source_flag               sample 
_entity_src_gen.pdbx_seq_type                      ? 
_entity_src_gen.pdbx_beg_seq_num                   ? 
_entity_src_gen.pdbx_end_seq_num                   ? 
_entity_src_gen.gene_src_common_name               ? 
_entity_src_gen.gene_src_genus                     Campylobacter 
_entity_src_gen.pdbx_gene_src_gene                 cft 
_entity_src_gen.gene_src_species                   ? 
_entity_src_gen.gene_src_strain                    ? 
_entity_src_gen.gene_src_tissue                    ? 
_entity_src_gen.gene_src_tissue_fraction           ? 
_entity_src_gen.gene_src_details                   ? 
_entity_src_gen.pdbx_gene_src_fragment             ? 
_entity_src_gen.pdbx_gene_src_scientific_name      'Campylobacter jejuni' 
_entity_src_gen.pdbx_gene_src_ncbi_taxonomy_id     197 
_entity_src_gen.pdbx_gene_src_variant              ? 
_entity_src_gen.pdbx_gene_src_cell_line            ? 
_entity_src_gen.pdbx_gene_src_atcc                 ? 
_entity_src_gen.pdbx_gene_src_organ                ? 
_entity_src_gen.pdbx_gene_src_organelle            ? 
_entity_src_gen.pdbx_gene_src_cell                 ? 
_entity_src_gen.pdbx_gene_src_cellular_location    ? 
_entity_src_gen.host_org_common_name               ? 
_entity_src_gen.pdbx_host_org_scientific_name      'Escherichia coli BL21(DE3)' 
_entity_src_gen.pdbx_host_org_ncbi_taxonomy_id     469008 
_entity_src_gen.host_org_genus                     Escherichia 
_entity_src_gen.pdbx_host_org_gene                 ? 
_entity_src_gen.pdbx_host_org_organ                ? 
_entity_src_gen.host_org_species                   'Escherichia coli' 
_entity_src_gen.pdbx_host_org_tissue               ? 
_entity_src_gen.pdbx_host_org_tissue_fraction      ? 
_entity_src_gen.pdbx_host_org_strain               'BL21(DE3)' 
_entity_src_gen.pdbx_host_org_variant              ? 
_entity_src_gen.pdbx_host_org_cell_line            ? 
_entity_src_gen.pdbx_host_org_atcc                 ? 
_entity_src_gen.pdbx_host_org_culture_collection   ? 
_entity_src_gen.pdbx_host_org_cell                 ? 
_entity_src_gen.pdbx_host_org_organelle            ? 
_entity_src_gen.pdbx_host_org_cellular_location    ? 
_entity_src_gen.pdbx_host_org_vector_type          plasmid 
_entity_src_gen.pdbx_host_org_vector               ? 
_entity_src_gen.host_org_details                   ? 
_entity_src_gen.expression_system_id               ? 
_entity_src_gen.plasmid_name                       pET3b 
_entity_src_gen.plasmid_details                    ? 
_entity_src_gen.pdbx_description                   ? 
# 
_struct_ref.id                         1 
_struct_ref.db_name                    UNP 
_struct_ref.db_code                    FTN_CAMJE 
_struct_ref.entity_id                  1 
_struct_ref.pdbx_seq_one_letter_code   
;MLSKEVVKLLNEQINKEMYAANLYLSMSSWCYENSLDGAGAFLFAHASEESDHAKKLITYLNETDSHVELQEVKQPEQNF
KSLLDVFEKTYEHEQFITKSINTLVEHMLTHKDYSTFNFLQWYVSEQHEEEALFRGIVDKIKLIGEHGNGLYLADQYIKN
IALSRKK
;
_struct_ref.pdbx_align_begin           1 
_struct_ref.pdbx_db_accession          Q46106 
_struct_ref.pdbx_db_isoform            ? 
# 
_struct_ref_seq.align_id                      1 
_struct_ref_seq.ref_id                        1 
_struct_ref_seq.pdbx_PDB_id_code              1KRQ 
_struct_ref_seq.pdbx_strand_id                A 
_struct_ref_seq.seq_align_beg                 1 
_struct_ref_seq.pdbx_seq_align_beg_ins_code   ? 
_struct_ref_seq.seq_align_end                 167 
_struct_ref_seq.pdbx_seq_align_end_ins_code   ? 
_struct_ref_seq.pdbx_db_accession             Q46106 
_struct_ref_seq.db_align_beg                  1 
_struct_ref_seq.pdbx_db_align_beg_ins_code    ? 
_struct_ref_seq.db_align_end                  167 
_struct_ref_seq.pdbx_db_align_end_ins_code    ? 
_struct_ref_seq.pdbx_auth_seq_align_beg       1 
_struct_ref_seq.pdbx_auth_seq_align_end       167 
# 
loop_
_chem_comp.id 
_chem_comp.type 
_chem_comp.mon_nstd_flag 
_chem_comp.name 
_chem_comp.pdbx_synonyms 
_chem_comp.formula 
_chem_comp.formula_weight 
ALA 'L-peptide linking' y ALANINE         ? 'C3 H7 N O2'     89.093  
ARG 'L-peptide linking' y ARGININE        ? 'C6 H15 N4 O2 1' 175.209 
ASN 'L-peptide linking' y ASPARAGINE      ? 'C4 H8 N2 O3'    132.118 
ASP 'L-peptide linking' y 'ASPARTIC ACID' ? 'C4 H7 N O4'     133.103 
CYS 'L-peptide linking' y CYSTEINE        ? 'C3 H7 N O2 S'   121.158 
GLN 'L-peptide linking' y GLUTAMINE       ? 'C5 H10 N2 O3'   146.144 
GLU 'L-peptide linking' y 'GLUTAMIC ACID' ? 'C5 H9 N O4'     147.129 
GLY 'peptide linking'   y GLYCINE         ? 'C2 H5 N O2'     75.067  
HIS 'L-peptide linking' y HISTIDINE       ? 'C6 H10 N3 O2 1' 156.162 
HOH non-polymer         . WATER           ? 'H2 O'           18.015  
ILE 'L-peptide linking' y ISOLEUCINE      ? 'C6 H13 N O2'    131.173 
LEU 'L-peptide linking' y LEUCINE         ? 'C6 H13 N O2'    131.173 
LYS 'L-peptide linking' y LYSINE          ? 'C6 H15 N2 O2 1' 147.195 
MET 'L-peptide linking' y METHIONINE      ? 'C5 H11 N O2 S'  149.211 
PHE 'L-peptide linking' y PHENYLALANINE   ? 'C9 H11 N O2'    165.189 
PRO 'L-peptide linking' y PROLINE         ? 'C5 H9 N O2'     115.130 
SER 'L-peptide linking' y SERINE          ? 'C3 H7 N O3'     105.093 
THR 'L-peptide linking' y THREONINE       ? 'C4 H9 N O3'     119.119 
TRP 'L-peptide linking' y TRYPTOPHAN      ? 'C11 H12 N2 O2'  204.225 
TYR 'L-peptide linking' y TYROSINE        ? 'C9 H11 N O3'    181.189 
VAL 'L-peptide linking' y VALINE          ? 'C5 H11 N O2'    117.146 
# 
_exptl.entry_id          1KRQ 
_exptl.method            'X-RAY DIFFRACTION' 
_exptl.crystals_number   1 
# 
_exptl_crystal.id                    1 
_exptl_crystal.density_meas          ? 
_exptl_crystal.density_Matthews      3.95 
_exptl_crystal.density_percent_sol   68.62 
_exptl_crystal.description           ? 
# 
_exptl_crystal_grow.crystal_id      1 
_exptl_crystal_grow.method          'VAPOR DIFFUSION, HANGING DROP' 
_exptl_crystal_grow.temp            300 
_exptl_crystal_grow.temp_details    ? 
_exptl_crystal_grow.pH              7.5 
_exptl_crystal_grow.pdbx_details    
'Ammonium sulfate, PEG400, Hepes, Sodium azide, pH 7.5, VAPOR DIFFUSION, HANGING DROP, temperature 300K' 
_exptl_crystal_grow.pdbx_pH_range   . 
# 
_diffrn.id                     1 
_diffrn.ambient_temp           296 
_diffrn.ambient_temp_details   ? 
_diffrn.crystal_id             1 
# 
_diffrn_detector.diffrn_id              1 
_diffrn_detector.detector               'IMAGE PLATE' 
_diffrn_detector.type                   MARRESEARCH 
_diffrn_detector.pdbx_collection_date   2000-04-17 
_diffrn_detector.details                'W/Si mutilayer mirror' 
# 
_diffrn_radiation.diffrn_id                        1 
_diffrn_radiation.wavelength_id                    1 
_diffrn_radiation.pdbx_monochromatic_or_laue_m_l   M 
_diffrn_radiation.monochromator                    'focused Si(111)' 
_diffrn_radiation.pdbx_diffrn_protocol             'SINGLE WAVELENGTH' 
_diffrn_radiation.pdbx_scattering_type             x-ray 
# 
_diffrn_radiation_wavelength.id           1 
_diffrn_radiation_wavelength.wavelength   0.966 
_diffrn_radiation_wavelength.wt           1.0 
# 
_diffrn_source.diffrn_id                   1 
_diffrn_source.source                      SYNCHROTRON 
_diffrn_source.type                        'LURE BEAMLINE DW32' 
_diffrn_source.pdbx_synchrotron_site       LURE 
_diffrn_source.pdbx_synchrotron_beamline   DW32 
_diffrn_source.pdbx_wavelength             ? 
_diffrn_source.pdbx_wavelength_list        0.966 
# 
_reflns.entry_id                     1KRQ 
_reflns.observed_criterion_sigma_I   0.0 
_reflns.observed_criterion_sigma_F   ? 
_reflns.d_resolution_low             19.0 
_reflns.d_resolution_high            2.70 
_reflns.number_obs                   8373 
_reflns.number_all                   8373 
_reflns.percent_possible_obs         98.5 
_reflns.pdbx_Rmerge_I_obs            ? 
_reflns.pdbx_Rsym_value              0.0640000 
_reflns.pdbx_netI_over_sigmaI        5.9 
_reflns.B_iso_Wilson_estimate        44.75 
_reflns.pdbx_redundancy              6.5 
_reflns.R_free_details               ? 
_reflns.limit_h_max                  ? 
_reflns.limit_h_min                  ? 
_reflns.limit_k_max                  ? 
_reflns.limit_k_min                  ? 
_reflns.limit_l_max                  ? 
_reflns.limit_l_min                  ? 
_reflns.observed_criterion_F_max     ? 
_reflns.observed_criterion_F_min     ? 
_reflns.pdbx_ordinal                 1 
_reflns.pdbx_diffrn_id               1 
# 
_reflns_shell.d_res_high             2.70 
_reflns_shell.d_res_low              2.77 
_reflns_shell.percent_possible_all   99.8 
_reflns_shell.Rmerge_I_obs           ? 
_reflns_shell.pdbx_Rsym_value        0.3800000 
_reflns_shell.meanI_over_sigI_obs    2.0 
_reflns_shell.pdbx_redundancy        5.7 
_reflns_shell.percent_possible_obs   ? 
_reflns_shell.number_unique_all      ? 
_reflns_shell.pdbx_ordinal           1 
_reflns_shell.pdbx_diffrn_id         1 
# 
_refine.entry_id                                 1KRQ 
_refine.ls_number_reflns_obs                     8368 
_refine.ls_number_reflns_all                     8368 
_refine.pdbx_ls_sigma_I                          ? 
_refine.pdbx_ls_sigma_F                          0.0 
_refine.pdbx_data_cutoff_high_absF               ? 
_refine.pdbx_data_cutoff_low_absF                ? 
_refine.pdbx_data_cutoff_high_rms_absF           ? 
_refine.ls_d_res_low                             15.0 
_refine.ls_d_res_high                            2.70 
_refine.ls_percent_reflns_obs                    98.5 
_refine.ls_R_factor_obs                          0.2050000 
_refine.ls_R_factor_all                          0.2050000 
_refine.ls_R_factor_R_work                       0.2030000 
_refine.ls_R_factor_R_free                       0.2460000 
_refine.ls_R_factor_R_free_error                 ? 
_refine.ls_R_factor_R_free_error_details         ? 
_refine.ls_percent_reflns_R_free                 5 
_refine.ls_number_reflns_R_free                  399 
_refine.ls_number_parameters                     ? 
_refine.ls_number_restraints                     ? 
_refine.occupancy_min                            ? 
_refine.occupancy_max                            ? 
_refine.correlation_coeff_Fo_to_Fc               ? 
_refine.correlation_coeff_Fo_to_Fc_free          ? 
_refine.B_iso_mean                               53.2 
_refine.aniso_B[1][1]                            ? 
_refine.aniso_B[2][2]                            ? 
_refine.aniso_B[3][3]                            ? 
_refine.aniso_B[1][2]                            ? 
_refine.aniso_B[1][3]                            ? 
_refine.aniso_B[2][3]                            ? 
_refine.solvent_model_details                    'CALCULATED FROM COORDINATES' 
_refine.solvent_model_param_ksol                 0.37 
_refine.solvent_model_param_bsol                 64.48 
_refine.pdbx_solvent_vdw_probe_radii             ? 
_refine.pdbx_solvent_ion_probe_radii             ? 
_refine.pdbx_solvent_shrinkage_radii             ? 
_refine.pdbx_ls_cross_valid_method               THROUGHOUT 
_refine.details                                  ? 
_refine.pdbx_starting_model                      'PDB ENTRY 2FHA' 
_refine.pdbx_method_to_determine_struct          'MOLECULAR REPLACEMENT' 
_refine.pdbx_isotropic_thermal_model             Isotropic 
_refine.pdbx_stereochemistry_target_values       'Engh & Huber' 
_refine.pdbx_stereochem_target_val_spec_case     ? 
_refine.pdbx_R_Free_selection_details            RANDOM 
_refine.pdbx_overall_ESU_R                       ? 
_refine.pdbx_overall_ESU_R_Free                  ? 
_refine.overall_SU_ML                            ? 
_refine.overall_SU_B                             ? 
_refine.ls_redundancy_reflns_obs                 ? 
_refine.B_iso_min                                ? 
_refine.B_iso_max                                ? 
_refine.overall_SU_R_Cruickshank_DPI             ? 
_refine.overall_SU_R_free                        ? 
_refine.pdbx_refine_id                           'X-RAY DIFFRACTION' 
_refine.pdbx_diffrn_id                           1 
_refine.pdbx_TLS_residual_ADP_flag               ? 
_refine.pdbx_overall_phase_error                 ? 
_refine.pdbx_overall_SU_R_free_Cruickshank_DPI   ? 
_refine.pdbx_overall_SU_R_Blow_DPI               ? 
_refine.pdbx_overall_SU_R_free_Blow_DPI          ? 
# 
_refine_analyze.entry_id                        1KRQ 
_refine_analyze.Luzzati_coordinate_error_obs    0.30 
_refine_analyze.Luzzati_sigma_a_obs             0.34 
_refine_analyze.Luzzati_d_res_low_obs           15. 
_refine_analyze.Luzzati_coordinate_error_free   0.34 
_refine_analyze.Luzzati_sigma_a_free            0.48 
_refine_analyze.Luzzati_d_res_low_free          ? 
_refine_analyze.number_disordered_residues      ? 
_refine_analyze.occupancy_sum_hydrogen          ? 
_refine_analyze.occupancy_sum_non_hydrogen      ? 
_refine_analyze.pdbx_Luzzati_d_res_high_obs     ? 
_refine_analyze.pdbx_refine_id                  'X-RAY DIFFRACTION' 
# 
_refine_hist.pdbx_refine_id                   'X-RAY DIFFRACTION' 
_refine_hist.cycle_id                         LAST 
_refine_hist.pdbx_number_atoms_protein        1320 
_refine_hist.pdbx_number_atoms_nucleic_acid   0 
_refine_hist.pdbx_number_atoms_ligand         0 
_refine_hist.number_atoms_solvent             4 
_refine_hist.number_atoms_total               1324 
_refine_hist.d_res_high                       2.70 
_refine_hist.d_res_low                        15.0 
# 
loop_
_refine_ls_restr.type 
_refine_ls_restr.dev_ideal 
_refine_ls_restr.dev_ideal_target 
_refine_ls_restr.weight 
_refine_ls_restr.number 
_refine_ls_restr.pdbx_refine_id 
_refine_ls_restr.pdbx_restraint_function 
c_bond_d                0.006 ?   ? ? 'X-RAY DIFFRACTION' ? 
c_bond_d_na             ?     ?   ? ? 'X-RAY DIFFRACTION' ? 
c_bond_d_prot           ?     ?   ? ? 'X-RAY DIFFRACTION' ? 
c_angle_d               ?     ?   ? ? 'X-RAY DIFFRACTION' ? 
c_angle_d_na            ?     ?   ? ? 'X-RAY DIFFRACTION' ? 
c_angle_d_prot          ?     ?   ? ? 'X-RAY DIFFRACTION' ? 
c_angle_deg             1.05  ?   ? ? 'X-RAY DIFFRACTION' ? 
c_angle_deg_na          ?     ?   ? ? 'X-RAY DIFFRACTION' ? 
c_angle_deg_prot        ?     ?   ? ? 'X-RAY DIFFRACTION' ? 
c_dihedral_angle_d      16.27 ?   ? ? 'X-RAY DIFFRACTION' ? 
c_dihedral_angle_d_na   ?     ?   ? ? 'X-RAY DIFFRACTION' ? 
c_dihedral_angle_d_prot ?     ?   ? ? 'X-RAY DIFFRACTION' ? 
c_improper_angle_d      0.80  ?   ? ? 'X-RAY DIFFRACTION' ? 
c_improper_angle_d_na   ?     ?   ? ? 'X-RAY DIFFRACTION' ? 
c_improper_angle_d_prot ?     ?   ? ? 'X-RAY DIFFRACTION' ? 
c_mcbond_it             3.45  4.0 ? ? 'X-RAY DIFFRACTION' ? 
c_mcangle_it            4.57  4.0 ? ? 'X-RAY DIFFRACTION' ? 
c_scbond_it             5.65  4.0 ? ? 'X-RAY DIFFRACTION' ? 
c_scangle_it            7.65  6.0 ? ? 'X-RAY DIFFRACTION' ? 
# 
loop_
_refine_ls_shell.pdbx_total_number_of_bins_used 
_refine_ls_shell.d_res_high 
_refine_ls_shell.d_res_low 
_refine_ls_shell.number_reflns_R_work 
_refine_ls_shell.R_factor_R_work 
_refine_ls_shell.percent_reflns_obs 
_refine_ls_shell.R_factor_R_free 
_refine_ls_shell.R_factor_R_free_error 
_refine_ls_shell.percent_reflns_R_free 
_refine_ls_shell.number_reflns_R_free 
_refine_ls_shell.redundancy_reflns_obs 
_refine_ls_shell.number_reflns_all 
_refine_ls_shell.number_reflns_obs 
_refine_ls_shell.pdbx_refine_id 
_refine_ls_shell.R_factor_all 
. 2.70 2.82 . 0.2850000 . 0.3890000 . . 52 . . . 'X-RAY DIFFRACTION' . 
. 2.82 2.97 . 0.2650000 . 0.3000000 . . 53 . . . 'X-RAY DIFFRACTION' . 
. 2.97 3.15 . 0.2390000 . 0.3380000 . . 43 . . . 'X-RAY DIFFRACTION' . 
. 3.15 3.40 . 0.1860000 . 0.2460000 . . 50 . . . 'X-RAY DIFFRACTION' . 
. 3.40 3.73 . 0.1940000 . 0.2340000 . . 58 . . . 'X-RAY DIFFRACTION' . 
. 3.73 4.26 . 0.1920000 . 0.2340000 . . 43 . . . 'X-RAY DIFFRACTION' . 
# 
_struct.entry_id                  1KRQ 
_struct.title                     'CRYSTAL STRUCTURE ANALYSIS OF CAMPYLOBACTER JEJUNI FERRITIN' 
_struct.pdbx_model_details        ? 
_struct.pdbx_CASP_flag            ? 
_struct.pdbx_model_type_details   ? 
# 
_struct_keywords.entry_id        1KRQ 
_struct_keywords.pdbx_keywords   'METAL BINDING PROTEIN' 
_struct_keywords.text            'bacterial non-heme ferritin, H-chain like four-helix bundle, METAL BINDING PROTEIN' 
# 
loop_
_struct_asym.id 
_struct_asym.pdbx_blank_PDB_chainid_flag 
_struct_asym.pdbx_modified 
_struct_asym.entity_id 
_struct_asym.details 
A N N 1 ? 
B N N 2 ? 
# 
_struct_biol.id   1 
# 
loop_
_struct_conf.conf_type_id 
_struct_conf.id 
_struct_conf.pdbx_PDB_helix_id 
_struct_conf.beg_label_comp_id 
_struct_conf.beg_label_asym_id 
_struct_conf.beg_label_seq_id 
_struct_conf.pdbx_beg_PDB_ins_code 
_struct_conf.end_label_comp_id 
_struct_conf.end_label_asym_id 
_struct_conf.end_label_seq_id 
_struct_conf.pdbx_end_PDB_ins_code 
_struct_conf.beg_auth_comp_id 
_struct_conf.beg_auth_asym_id 
_struct_conf.beg_auth_seq_id 
_struct_conf.end_auth_comp_id 
_struct_conf.end_auth_asym_id 
_struct_conf.end_auth_seq_id 
_struct_conf.pdbx_PDB_helix_class 
_struct_conf.details 
_struct_conf.pdbx_PDB_helix_length 
HELX_P HELX_P1 1 SER A 3   ? ASN A 34  ? SER A 3   ASN A 34  1 ? 32 
HELX_P HELX_P2 2 LEU A 36  ? GLU A 63  ? LEU A 36  GLU A 63  1 ? 28 
HELX_P HELX_P3 3 SER A 82  ? HIS A 111 ? SER A 82  HIS A 111 1 ? 30 
HELX_P HELX_P4 4 ASP A 113 ? LEU A 120 ? ASP A 113 LEU A 120 1 ? 8  
HELX_P HELX_P5 5 LEU A 120 ? GLY A 145 ? LEU A 120 GLY A 145 1 ? 26 
HELX_P HELX_P6 6 ASN A 149 ? SER A 164 ? ASN A 149 SER A 164 1 ? 16 
# 
_struct_conf_type.id          HELX_P 
_struct_conf_type.criteria    ? 
_struct_conf_type.reference   ? 
# 
_atom_sites.entry_id                    1KRQ 
_atom_sites.fract_transf_matrix[1][1]   -0.00047897 
_atom_sites.fract_transf_matrix[1][2]   -0.00208323 
_atom_sites.fract_transf_matrix[1][3]   0.00621994 
_atom_sites.fract_transf_matrix[2][1]   -0.00335953 
_atom_sites.fract_transf_matrix[2][2]   0.00543438 
_atom_sites.fract_transf_matrix[2][3]   0.00156142 
_atom_sites.fract_transf_matrix[3][1]   -0.00563392 
_atom_sites.fract_transf_matrix[3][2]   -0.00306343 
_atom_sites.fract_transf_matrix[3][3]   -0.00145987 
_atom_sites.fract_transf_vector[1]      0.316265 
_atom_sites.fract_transf_vector[2]      0.561630 
_atom_sites.fract_transf_vector[3]      0.235052 
# 
loop_
_atom_type.symbol 
C 
N 
O 
S 
# 
loop_
_atom_site.group_PDB 
_atom_site.id 
_atom_site.type_symbol 
_atom_site.label_atom_id 
_atom_site.label_alt_id 
_atom_site.label_comp_id 
_atom_site.label_asym_id 
_atom_site.label_entity_id 
_atom_site.label_seq_id 
_atom_site.pdbx_PDB_ins_code 
_atom_site.Cartn_x 
_atom_site.Cartn_y 
_atom_site.Cartn_z 
_atom_site.occupancy 
_atom_site.B_iso_or_equiv 
_atom_site.pdbx_formal_charge 
_atom_site.auth_seq_id 
_atom_site.auth_comp_id 
_atom_site.auth_asym_id 
_atom_site.auth_atom_id 
_atom_site.pdbx_PDB_model_num 
ATOM   1    N N   . MET A 1 1   ? -20.473 7.800   -18.971 1.00 74.88 ? 1   MET A N   1 
ATOM   2    C CA  . MET A 1 1   ? -19.000 7.640   -19.133 1.00 75.28 ? 1   MET A CA  1 
ATOM   3    C C   . MET A 1 1   ? -18.269 8.697   -18.313 1.00 73.52 ? 1   MET A C   1 
ATOM   4    O O   . MET A 1 1   ? -18.865 9.689   -17.896 1.00 74.68 ? 1   MET A O   1 
ATOM   5    C CB  . MET A 1 1   ? -18.610 7.762   -20.611 1.00 77.42 ? 1   MET A CB  1 
ATOM   6    C CG  . MET A 1 1   ? -19.167 6.645   -21.498 1.00 78.96 ? 1   MET A CG  1 
ATOM   7    N N   . LEU A 1 2   ? -16.979 8.477   -18.078 1.00 67.67 ? 2   LEU A N   1 
ATOM   8    C CA  . LEU A 1 2   ? -16.183 9.410   -17.290 1.00 62.13 ? 2   LEU A CA  1 
ATOM   9    C C   . LEU A 1 2   ? -15.400 10.371  -18.176 1.00 60.75 ? 2   LEU A C   1 
ATOM   10   O O   . LEU A 1 2   ? -15.147 10.082  -19.345 1.00 63.34 ? 2   LEU A O   1 
ATOM   11   C CB  . LEU A 1 2   ? -15.210 8.638   -16.394 1.00 60.23 ? 2   LEU A CB  1 
ATOM   12   C CG  . LEU A 1 2   ? -15.790 7.639   -15.390 1.00 58.75 ? 2   LEU A CG  1 
ATOM   13   C CD1 . LEU A 1 2   ? -14.649 6.963   -14.665 1.00 59.58 ? 2   LEU A CD1 1 
ATOM   14   C CD2 . LEU A 1 2   ? -16.710 8.340   -14.403 1.00 55.97 ? 2   LEU A CD2 1 
ATOM   15   N N   . SER A 1 3   ? -15.008 11.512  -17.618 1.00 56.70 ? 3   SER A N   1 
ATOM   16   C CA  . SER A 1 3   ? -14.241 12.494  -18.374 1.00 55.61 ? 3   SER A CA  1 
ATOM   17   C C   . SER A 1 3   ? -12.809 11.989  -18.597 1.00 56.92 ? 3   SER A C   1 
ATOM   18   O O   . SER A 1 3   ? -12.274 11.233  -17.784 1.00 60.24 ? 3   SER A O   1 
ATOM   19   C CB  . SER A 1 3   ? -14.205 13.834  -17.631 1.00 49.84 ? 3   SER A CB  1 
ATOM   20   O OG  . SER A 1 3   ? -13.175 13.853  -16.660 1.00 52.76 ? 3   SER A OG  1 
ATOM   21   N N   . LYS A 1 4   ? -12.200 12.413  -19.700 1.00 55.60 ? 4   LYS A N   1 
ATOM   22   C CA  . LYS A 1 4   ? -10.844 12.006  -20.049 1.00 56.74 ? 4   LYS A CA  1 
ATOM   23   C C   . LYS A 1 4   ? -9.803  12.289  -18.960 1.00 56.95 ? 4   LYS A C   1 
ATOM   24   O O   . LYS A 1 4   ? -8.818  11.557  -18.837 1.00 57.37 ? 4   LYS A O   1 
ATOM   25   C CB  . LYS A 1 4   ? -10.417 12.689  -21.356 1.00 55.39 ? 4   LYS A CB  1 
ATOM   26   N N   . GLU A 1 5   ? -10.016 13.342  -18.178 1.00 55.99 ? 5   GLU A N   1 
ATOM   27   C CA  . GLU A 1 5   ? -9.072  13.696  -17.121 1.00 57.98 ? 5   GLU A CA  1 
ATOM   28   C C   . GLU A 1 5   ? -9.132  12.678  -15.989 1.00 58.11 ? 5   GLU A C   1 
ATOM   29   O O   . GLU A 1 5   ? -8.097  12.230  -15.482 1.00 57.15 ? 5   GLU A O   1 
ATOM   30   C CB  . GLU A 1 5   ? -9.376  15.100  -16.574 1.00 57.80 ? 5   GLU A CB  1 
ATOM   31   N N   . VAL A 1 6   ? -10.353 12.316  -15.600 1.00 56.32 ? 6   VAL A N   1 
ATOM   32   C CA  . VAL A 1 6   ? -10.568 11.348  -14.534 1.00 52.91 ? 6   VAL A CA  1 
ATOM   33   C C   . VAL A 1 6   ? -9.964  10.002  -14.911 1.00 51.37 ? 6   VAL A C   1 
ATOM   34   O O   . VAL A 1 6   ? -9.228  9.398   -14.123 1.00 50.89 ? 6   VAL A O   1 
ATOM   35   C CB  . VAL A 1 6   ? -12.069 11.172  -14.246 1.00 53.01 ? 6   VAL A CB  1 
ATOM   36   C CG1 . VAL A 1 6   ? -12.295 9.969   -13.348 1.00 50.25 ? 6   VAL A CG1 1 
ATOM   37   C CG2 . VAL A 1 6   ? -12.610 12.429  -13.589 1.00 49.66 ? 6   VAL A CG2 1 
ATOM   38   N N   . VAL A 1 7   ? -10.272 9.536   -16.117 1.00 46.98 ? 7   VAL A N   1 
ATOM   39   C CA  . VAL A 1 7   ? -9.737  8.269   -16.585 1.00 45.31 ? 7   VAL A CA  1 
ATOM   40   C C   . VAL A 1 7   ? -8.218  8.279   -16.511 1.00 48.24 ? 7   VAL A C   1 
ATOM   41   O O   . VAL A 1 7   ? -7.601  7.269   -16.175 1.00 51.84 ? 7   VAL A O   1 
ATOM   42   C CB  . VAL A 1 7   ? -10.155 7.983   -18.029 1.00 40.72 ? 7   VAL A CB  1 
ATOM   43   C CG1 . VAL A 1 7   ? -9.503  6.692   -18.513 1.00 33.00 ? 7   VAL A CG1 1 
ATOM   44   C CG2 . VAL A 1 7   ? -11.668 7.881   -18.112 1.00 39.26 ? 7   VAL A CG2 1 
ATOM   45   N N   . LYS A 1 8   ? -7.621  9.427   -16.819 1.00 50.33 ? 8   LYS A N   1 
ATOM   46   C CA  . LYS A 1 8   ? -6.168  9.569   -16.785 1.00 51.47 ? 8   LYS A CA  1 
ATOM   47   C C   . LYS A 1 8   ? -5.687  9.465   -15.342 1.00 49.13 ? 8   LYS A C   1 
ATOM   48   O O   . LYS A 1 8   ? -4.702  8.781   -15.039 1.00 41.77 ? 8   LYS A O   1 
ATOM   49   C CB  . LYS A 1 8   ? -5.761  10.920  -17.381 1.00 57.29 ? 8   LYS A CB  1 
ATOM   50   N N   . LEU A 1 9   ? -6.397  10.144  -14.449 1.00 48.42 ? 9   LEU A N   1 
ATOM   51   C CA  . LEU A 1 9   ? -6.056  10.116  -13.037 1.00 50.16 ? 9   LEU A CA  1 
ATOM   52   C C   . LEU A 1 9   ? -6.197  8.711   -12.438 1.00 52.40 ? 9   LEU A C   1 
ATOM   53   O O   . LEU A 1 9   ? -5.371  8.302   -11.617 1.00 53.27 ? 9   LEU A O   1 
ATOM   54   C CB  . LEU A 1 9   ? -6.939  11.093  -12.264 1.00 49.70 ? 9   LEU A CB  1 
ATOM   55   C CG  . LEU A 1 9   ? -6.750  12.591  -12.529 1.00 48.84 ? 9   LEU A CG  1 
ATOM   56   C CD1 . LEU A 1 9   ? -7.648  13.377  -11.574 1.00 44.70 ? 9   LEU A CD1 1 
ATOM   57   C CD2 . LEU A 1 9   ? -5.296  12.984  -12.320 1.00 43.30 ? 9   LEU A CD2 1 
ATOM   58   N N   . LEU A 1 10  ? -7.228  7.969   -12.846 1.00 49.12 ? 10  LEU A N   1 
ATOM   59   C CA  . LEU A 1 10  ? -7.426  6.625   -12.308 1.00 47.64 ? 10  LEU A CA  1 
ATOM   60   C C   . LEU A 1 10  ? -6.373  5.656   -12.839 1.00 48.96 ? 10  LEU A C   1 
ATOM   61   O O   . LEU A 1 10  ? -5.827  4.838   -12.080 1.00 47.19 ? 10  LEU A O   1 
ATOM   62   C CB  . LEU A 1 10  ? -8.850  6.130   -12.599 1.00 42.83 ? 10  LEU A CB  1 
ATOM   63   C CG  . LEU A 1 10  ? -9.905  6.935   -11.813 1.00 45.69 ? 10  LEU A CG  1 
ATOM   64   C CD1 . LEU A 1 10  ? -11.302 6.525   -12.211 1.00 41.34 ? 10  LEU A CD1 1 
ATOM   65   C CD2 . LEU A 1 10  ? -9.691  6.748   -10.308 1.00 40.92 ? 10  LEU A CD2 1 
ATOM   66   N N   . ASN A 1 11  ? -6.072  5.759   -14.131 1.00 45.89 ? 11  ASN A N   1 
ATOM   67   C CA  . ASN A 1 11  ? -5.048  4.909   -14.735 1.00 46.76 ? 11  ASN A CA  1 
ATOM   68   C C   . ASN A 1 11  ? -3.718  5.137   -14.035 1.00 47.11 ? 11  ASN A C   1 
ATOM   69   O O   . ASN A 1 11  ? -2.886  4.235   -13.924 1.00 50.14 ? 11  ASN A O   1 
ATOM   70   C CB  . ASN A 1 11  ? -4.889  5.237   -16.214 1.00 45.42 ? 11  ASN A CB  1 
ATOM   71   C CG  . ASN A 1 11  ? -5.798  4.428   -17.081 1.00 48.31 ? 11  ASN A CG  1 
ATOM   72   O OD1 . ASN A 1 11  ? -5.632  3.217   -17.202 1.00 54.34 ? 11  ASN A OD1 1 
ATOM   73   N ND2 . ASN A 1 11  ? -6.778  5.083   -17.690 1.00 50.88 ? 11  ASN A ND2 1 
ATOM   74   N N   . GLU A 1 12  ? -3.524  6.361   -13.568 1.00 48.62 ? 12  GLU A N   1 
ATOM   75   C CA  . GLU A 1 12  ? -2.301  6.727   -12.876 1.00 51.57 ? 12  GLU A CA  1 
ATOM   76   C C   . GLU A 1 12  ? -2.299  6.082   -11.491 1.00 48.69 ? 12  GLU A C   1 
ATOM   77   O O   . GLU A 1 12  ? -1.269  5.600   -11.016 1.00 46.81 ? 12  GLU A O   1 
ATOM   78   C CB  . GLU A 1 12  ? -2.237  8.247   -12.760 1.00 60.32 ? 12  GLU A CB  1 
ATOM   79   C CG  . GLU A 1 12  ? -0.881  8.834   -12.450 1.00 66.54 ? 12  GLU A CG  1 
ATOM   80   C CD  . GLU A 1 12  ? -0.922  10.355  -12.477 1.00 75.53 ? 12  GLU A CD  1 
ATOM   81   O OE1 . GLU A 1 12  ? -1.483  10.961  -11.532 1.00 75.01 ? 12  GLU A OE1 1 
ATOM   82   O OE2 . GLU A 1 12  ? -0.412  10.942  -13.458 1.00 79.43 ? 12  GLU A OE2 1 
ATOM   83   N N   . GLN A 1 13  ? -3.461  6.075   -10.846 1.00 42.75 ? 13  GLN A N   1 
ATOM   84   C CA  . GLN A 1 13  ? -3.582  5.470   -9.530  1.00 44.12 ? 13  GLN A CA  1 
ATOM   85   C C   . GLN A 1 13  ? -3.365  3.955   -9.638  1.00 45.22 ? 13  GLN A C   1 
ATOM   86   O O   . GLN A 1 13  ? -2.721  3.344   -8.782  1.00 42.24 ? 13  GLN A O   1 
ATOM   87   C CB  . GLN A 1 13  ? -4.960  5.754   -8.954  1.00 45.40 ? 13  GLN A CB  1 
ATOM   88   C CG  . GLN A 1 13  ? -5.100  5.387   -7.508  1.00 47.19 ? 13  GLN A CG  1 
ATOM   89   C CD  . GLN A 1 13  ? -4.072  6.074   -6.638  1.00 50.39 ? 13  GLN A CD  1 
ATOM   90   O OE1 . GLN A 1 13  ? -3.852  7.278   -6.751  1.00 49.92 ? 13  GLN A OE1 1 
ATOM   91   N NE2 . GLN A 1 13  ? -3.442  5.310   -5.749  1.00 51.80 ? 13  GLN A NE2 1 
ATOM   92   N N   . ILE A 1 14  ? -3.890  3.351   -10.699 1.00 42.42 ? 14  ILE A N   1 
ATOM   93   C CA  . ILE A 1 14  ? -3.723  1.920   -10.878 1.00 42.85 ? 14  ILE A CA  1 
ATOM   94   C C   . ILE A 1 14  ? -2.240  1.596   -10.944 1.00 46.83 ? 14  ILE A C   1 
ATOM   95   O O   . ILE A 1 14  ? -1.783  0.623   -10.339 1.00 48.97 ? 14  ILE A O   1 
ATOM   96   C CB  . ILE A 1 14  ? -4.445  1.419   -12.160 1.00 40.73 ? 14  ILE A CB  1 
ATOM   97   C CG1 . ILE A 1 14  ? -5.963  1.584   -11.994 1.00 39.65 ? 14  ILE A CG1 1 
ATOM   98   C CG2 . ILE A 1 14  ? -4.125  -0.045  -12.413 1.00 31.48 ? 14  ILE A CG2 1 
ATOM   99   C CD1 . ILE A 1 14  ? -6.759  1.392   -13.280 1.00 32.77 ? 14  ILE A CD1 1 
ATOM   100  N N   . ASN A 1 15  ? -1.477  2.420   -11.658 1.00 49.36 ? 15  ASN A N   1 
ATOM   101  C CA  . ASN A 1 15  ? -0.041  2.177   -11.774 1.00 47.54 ? 15  ASN A CA  1 
ATOM   102  C C   . ASN A 1 15  ? 0.657   2.263   -10.418 1.00 45.27 ? 15  ASN A C   1 
ATOM   103  O O   . ASN A 1 15  ? 1.515   1.443   -10.106 1.00 42.17 ? 15  ASN A O   1 
ATOM   104  C CB  . ASN A 1 15  ? 0.594   3.165   -12.761 1.00 48.98 ? 15  ASN A CB  1 
ATOM   105  C CG  . ASN A 1 15  ? 2.087   2.915   -12.958 1.00 51.30 ? 15  ASN A CG  1 
ATOM   106  O OD1 . ASN A 1 15  ? 2.926   3.512   -12.281 1.00 55.31 ? 15  ASN A OD1 1 
ATOM   107  N ND2 . ASN A 1 15  ? 2.421   2.015   -13.873 1.00 49.74 ? 15  ASN A ND2 1 
ATOM   108  N N   . LYS A 1 16  ? 0.286   3.249   -9.608  1.00 46.91 ? 16  LYS A N   1 
ATOM   109  C CA  . LYS A 1 16  ? 0.892   3.402   -8.287  1.00 46.73 ? 16  LYS A CA  1 
ATOM   110  C C   . LYS A 1 16  ? 0.640   2.165   -7.425  1.00 46.97 ? 16  LYS A C   1 
ATOM   111  O O   . LYS A 1 16  ? 1.532   1.705   -6.717  1.00 48.35 ? 16  LYS A O   1 
ATOM   112  C CB  . LYS A 1 16  ? 0.332   4.628   -7.564  1.00 48.22 ? 16  LYS A CB  1 
ATOM   113  C CG  . LYS A 1 16  ? 0.749   5.973   -8.120  1.00 47.15 ? 16  LYS A CG  1 
ATOM   114  C CD  . LYS A 1 16  ? 0.465   7.052   -7.080  1.00 52.37 ? 16  LYS A CD  1 
ATOM   115  C CE  . LYS A 1 16  ? 0.929   8.436   -7.511  1.00 49.24 ? 16  LYS A CE  1 
ATOM   116  N NZ  . LYS A 1 16  ? 0.049   9.020   -8.541  1.00 43.73 ? 16  LYS A NZ  1 
ATOM   117  N N   . GLU A 1 17  ? -0.579  1.635   -7.482  1.00 45.38 ? 17  GLU A N   1 
ATOM   118  C CA  . GLU A 1 17  ? -0.933  0.448   -6.710  1.00 43.80 ? 17  GLU A CA  1 
ATOM   119  C C   . GLU A 1 17  ? -0.136  -0.776  -7.182  1.00 43.82 ? 17  GLU A C   1 
ATOM   120  O O   . GLU A 1 17  ? 0.314   -1.588  -6.364  1.00 43.93 ? 17  GLU A O   1 
ATOM   121  C CB  . GLU A 1 17  ? -2.432  0.169   -6.826  1.00 40.67 ? 17  GLU A CB  1 
ATOM   122  C CG  . GLU A 1 17  ? -3.302  1.310   -6.358  1.00 43.45 ? 17  GLU A CG  1 
ATOM   123  C CD  . GLU A 1 17  ? -3.373  1.437   -4.848  1.00 47.80 ? 17  GLU A CD  1 
ATOM   124  O OE1 . GLU A 1 17  ? -2.543  0.817   -4.146  1.00 47.62 ? 17  GLU A OE1 1 
ATOM   125  O OE2 . GLU A 1 17  ? -4.266  2.170   -4.366  1.00 52.86 ? 17  GLU A OE2 1 
ATOM   126  N N   . MET A 1 18  ? 0.044   -0.909  -8.495  1.00 39.08 ? 18  MET A N   1 
ATOM   127  C CA  . MET A 1 18  ? 0.797   -2.037  -9.025  1.00 38.86 ? 18  MET A CA  1 
ATOM   128  C C   . MET A 1 18  ? 2.237   -1.920  -8.579  1.00 40.72 ? 18  MET A C   1 
ATOM   129  O O   . MET A 1 18  ? 2.899   -2.925  -8.317  1.00 45.77 ? 18  MET A O   1 
ATOM   130  C CB  . MET A 1 18  ? 0.747   -2.082  -10.553 1.00 33.37 ? 18  MET A CB  1 
ATOM   131  C CG  . MET A 1 18  ? -0.648  -2.166  -11.116 1.00 41.97 ? 18  MET A CG  1 
ATOM   132  S SD  . MET A 1 18  ? -0.770  -3.313  -12.485 1.00 49.06 ? 18  MET A SD  1 
ATOM   133  C CE  . MET A 1 18  ? -0.447  -2.251  -13.866 1.00 58.21 ? 18  MET A CE  1 
ATOM   134  N N   . TYR A 1 19  ? 2.730   -0.692  -8.487  1.00 41.26 ? 19  TYR A N   1 
ATOM   135  C CA  . TYR A 1 19  ? 4.107   -0.497  -8.070  1.00 40.75 ? 19  TYR A CA  1 
ATOM   136  C C   . TYR A 1 19  ? 4.264   -0.850  -6.590  1.00 38.98 ? 19  TYR A C   1 
ATOM   137  O O   . TYR A 1 19  ? 5.209   -1.544  -6.203  1.00 39.44 ? 19  TYR A O   1 
ATOM   138  C CB  . TYR A 1 19  ? 4.557   0.947   -8.317  1.00 37.06 ? 19  TYR A CB  1 
ATOM   139  C CG  . TYR A 1 19  ? 5.928   1.205   -7.753  1.00 40.13 ? 19  TYR A CG  1 
ATOM   140  C CD1 . TYR A 1 19  ? 7.064   0.672   -8.361  1.00 39.73 ? 19  TYR A CD1 1 
ATOM   141  C CD2 . TYR A 1 19  ? 6.087   1.899   -6.548  1.00 42.98 ? 19  TYR A CD2 1 
ATOM   142  C CE1 . TYR A 1 19  ? 8.322   0.818   -7.784  1.00 42.16 ? 19  TYR A CE1 1 
ATOM   143  C CE2 . TYR A 1 19  ? 7.338   2.049   -5.964  1.00 41.49 ? 19  TYR A CE2 1 
ATOM   144  C CZ  . TYR A 1 19  ? 8.451   1.506   -6.587  1.00 43.13 ? 19  TYR A CZ  1 
ATOM   145  O OH  . TYR A 1 19  ? 9.693   1.648   -6.007  1.00 50.81 ? 19  TYR A OH  1 
ATOM   146  N N   . ALA A 1 20  ? 3.333   -0.376  -5.771  1.00 36.34 ? 20  ALA A N   1 
ATOM   147  C CA  . ALA A 1 20  ? 3.361   -0.650  -4.339  1.00 40.12 ? 20  ALA A CA  1 
ATOM   148  C C   . ALA A 1 20  ? 3.363   -2.163  -4.055  1.00 41.55 ? 20  ALA A C   1 
ATOM   149  O O   . ALA A 1 20  ? 4.060   -2.643  -3.154  1.00 37.96 ? 20  ALA A O   1 
ATOM   150  C CB  . ALA A 1 20  ? 2.159   0.012   -3.666  1.00 40.46 ? 20  ALA A CB  1 
ATOM   151  N N   . ALA A 1 21  ? 2.583   -2.915  -4.827  1.00 41.77 ? 21  ALA A N   1 
ATOM   152  C CA  . ALA A 1 21  ? 2.526   -4.358  -4.638  1.00 42.63 ? 21  ALA A CA  1 
ATOM   153  C C   . ALA A 1 21  ? 3.928   -4.949  -4.774  1.00 43.86 ? 21  ALA A C   1 
ATOM   154  O O   . ALA A 1 21  ? 4.412   -5.623  -3.865  1.00 45.68 ? 21  ALA A O   1 
ATOM   155  C CB  . ALA A 1 21  ? 1.576   -4.987  -5.652  1.00 35.04 ? 21  ALA A CB  1 
ATOM   156  N N   . ASN A 1 22  ? 4.594   -4.687  -5.897  1.00 46.40 ? 22  ASN A N   1 
ATOM   157  C CA  . ASN A 1 22  ? 5.940   -5.216  -6.087  1.00 46.40 ? 22  ASN A CA  1 
ATOM   158  C C   . ASN A 1 22  ? 6.928   -4.666  -5.062  1.00 45.56 ? 22  ASN A C   1 
ATOM   159  O O   . ASN A 1 22  ? 7.856   -5.366  -4.660  1.00 48.09 ? 22  ASN A O   1 
ATOM   160  C CB  . ASN A 1 22  ? 6.444   -4.938  -7.500  1.00 44.94 ? 22  ASN A CB  1 
ATOM   161  C CG  . ASN A 1 22  ? 5.658   -5.690  -8.551  1.00 47.37 ? 22  ASN A CG  1 
ATOM   162  O OD1 . ASN A 1 22  ? 5.245   -6.825  -8.335  1.00 54.05 ? 22  ASN A OD1 1 
ATOM   163  N ND2 . ASN A 1 22  ? 5.460   -5.067  -9.703  1.00 53.56 ? 22  ASN A ND2 1 
ATOM   164  N N   . LEU A 1 23  ? 6.742   -3.422  -4.636  1.00 41.75 ? 23  LEU A N   1 
ATOM   165  C CA  . LEU A 1 23  ? 7.642   -2.860  -3.642  1.00 44.05 ? 23  LEU A CA  1 
ATOM   166  C C   . LEU A 1 23  ? 7.514   -3.673  -2.353  1.00 46.72 ? 23  LEU A C   1 
ATOM   167  O O   . LEU A 1 23  ? 8.518   -4.094  -1.772  1.00 43.62 ? 23  LEU A O   1 
ATOM   168  C CB  . LEU A 1 23  ? 7.305   -1.390  -3.367  1.00 40.74 ? 23  LEU A CB  1 
ATOM   169  C CG  . LEU A 1 23  ? 8.049   -0.730  -2.197  1.00 42.73 ? 23  LEU A CG  1 
ATOM   170  C CD1 . LEU A 1 23  ? 9.556   -0.861  -2.395  1.00 42.05 ? 23  LEU A CD1 1 
ATOM   171  C CD2 . LEU A 1 23  ? 7.639   0.739   -2.079  1.00 40.11 ? 23  LEU A CD2 1 
ATOM   172  N N   . TYR A 1 24  ? 6.274   -3.905  -1.921  1.00 46.87 ? 24  TYR A N   1 
ATOM   173  C CA  . TYR A 1 24  ? 6.022   -4.669  -0.704  1.00 46.85 ? 24  TYR A CA  1 
ATOM   174  C C   . TYR A 1 24  ? 6.486   -6.101  -0.872  1.00 45.28 ? 24  TYR A C   1 
ATOM   175  O O   . TYR A 1 24  ? 7.047   -6.701  0.047   1.00 44.32 ? 24  TYR A O   1 
ATOM   176  C CB  . TYR A 1 24  ? 4.532   -4.630  -0.345  1.00 47.44 ? 24  TYR A CB  1 
ATOM   177  C CG  . TYR A 1 24  ? 4.054   -3.230  -0.029  1.00 53.09 ? 24  TYR A CG  1 
ATOM   178  C CD1 . TYR A 1 24  ? 4.925   -2.290  0.533   1.00 53.09 ? 24  TYR A CD1 1 
ATOM   179  C CD2 . TYR A 1 24  ? 2.750   -2.832  -0.310  1.00 54.77 ? 24  TYR A CD2 1 
ATOM   180  C CE1 . TYR A 1 24  ? 4.513   -0.997  0.798   1.00 56.14 ? 24  TYR A CE1 1 
ATOM   181  C CE2 . TYR A 1 24  ? 2.324   -1.530  -0.048  1.00 57.10 ? 24  TYR A CE2 1 
ATOM   182  C CZ  . TYR A 1 24  ? 3.215   -0.618  0.504   1.00 57.97 ? 24  TYR A CZ  1 
ATOM   183  O OH  . TYR A 1 24  ? 2.825   0.679   0.746   1.00 56.75 ? 24  TYR A OH  1 
ATOM   184  N N   . LEU A 1 25  ? 6.257   -6.630  -2.064  1.00 43.49 ? 25  LEU A N   1 
ATOM   185  C CA  . LEU A 1 25  ? 6.647   -7.986  -2.406  1.00 45.61 ? 25  LEU A CA  1 
ATOM   186  C C   . LEU A 1 25  ? 8.168   -8.100  -2.296  1.00 47.78 ? 25  LEU A C   1 
ATOM   187  O O   . LEU A 1 25  ? 8.704   -9.121  -1.853  1.00 48.37 ? 25  LEU A O   1 
ATOM   188  C CB  . LEU A 1 25  ? 6.180   -8.289  -3.832  1.00 44.31 ? 25  LEU A CB  1 
ATOM   189  C CG  . LEU A 1 25  ? 5.875   -9.729  -4.240  1.00 44.88 ? 25  LEU A CG  1 
ATOM   190  C CD1 . LEU A 1 25  ? 5.098   -10.457 -3.145  1.00 42.21 ? 25  LEU A CD1 1 
ATOM   191  C CD2 . LEU A 1 25  ? 5.070   -9.689  -5.529  1.00 42.31 ? 25  LEU A CD2 1 
ATOM   192  N N   . SER A 1 26  ? 8.858   -7.032  -2.687  1.00 47.71 ? 26  SER A N   1 
ATOM   193  C CA  . SER A 1 26  ? 10.309  -7.001  -2.639  1.00 47.46 ? 26  SER A CA  1 
ATOM   194  C C   . SER A 1 26  ? 10.804  -6.936  -1.201  1.00 46.98 ? 26  SER A C   1 
ATOM   195  O O   . SER A 1 26  ? 11.738  -7.644  -0.839  1.00 51.89 ? 26  SER A O   1 
ATOM   196  C CB  . SER A 1 26  ? 10.836  -5.808  -3.438  1.00 52.74 ? 26  SER A CB  1 
ATOM   197  O OG  . SER A 1 26  ? 12.251  -5.814  -3.514  1.00 51.07 ? 26  SER A OG  1 
ATOM   198  N N   . MET A 1 27  ? 10.187  -6.096  -0.374  1.00 46.86 ? 27  MET A N   1 
ATOM   199  C CA  . MET A 1 27  ? 10.596  -5.990  1.031   1.00 46.55 ? 27  MET A CA  1 
ATOM   200  C C   . MET A 1 27  ? 10.349  -7.321  1.756   1.00 48.01 ? 27  MET A C   1 
ATOM   201  O O   . MET A 1 27  ? 11.096  -7.701  2.663   1.00 45.64 ? 27  MET A O   1 
ATOM   202  C CB  . MET A 1 27  ? 9.816   -4.887  1.739   1.00 43.12 ? 27  MET A CB  1 
ATOM   203  C CG  . MET A 1 27  ? 9.735   -3.610  0.959   1.00 47.67 ? 27  MET A CG  1 
ATOM   204  S SD  . MET A 1 27  ? 8.765   -2.373  1.802   1.00 50.19 ? 27  MET A SD  1 
ATOM   205  C CE  . MET A 1 27  ? 9.906   -1.004  1.822   1.00 45.43 ? 27  MET A CE  1 
ATOM   206  N N   . SER A 1 28  ? 9.290   -8.018  1.353   1.00 47.88 ? 28  SER A N   1 
ATOM   207  C CA  . SER A 1 28  ? 8.947   -9.303  1.946   1.00 46.77 ? 28  SER A CA  1 
ATOM   208  C C   . SER A 1 28  ? 10.106  -10.278 1.801   1.00 46.70 ? 28  SER A C   1 
ATOM   209  O O   . SER A 1 28  ? 10.533  -10.895 2.777   1.00 46.46 ? 28  SER A O   1 
ATOM   210  C CB  . SER A 1 28  ? 7.704   -9.885  1.268   1.00 48.45 ? 28  SER A CB  1 
ATOM   211  O OG  . SER A 1 28  ? 7.448   -11.207 1.711   1.00 46.54 ? 28  SER A OG  1 
ATOM   212  N N   . SER A 1 29  ? 10.612  -10.411 0.577   1.00 47.74 ? 29  SER A N   1 
ATOM   213  C CA  . SER A 1 29  ? 11.719  -11.321 0.301   1.00 45.00 ? 29  SER A CA  1 
ATOM   214  C C   . SER A 1 29  ? 12.989  -10.960 1.067   1.00 47.05 ? 29  SER A C   1 
ATOM   215  O O   . SER A 1 29  ? 13.695  -11.847 1.565   1.00 47.58 ? 29  SER A O   1 
ATOM   216  C CB  . SER A 1 29  ? 11.989  -11.373 -1.199  1.00 43.06 ? 29  SER A CB  1 
ATOM   217  O OG  . SER A 1 29  ? 10.928  -12.046 -1.864  1.00 46.32 ? 29  SER A OG  1 
ATOM   218  N N   . TRP A 1 30  ? 13.276  -9.667  1.176   1.00 43.42 ? 30  TRP A N   1 
ATOM   219  C CA  . TRP A 1 30  ? 14.451  -9.227  1.912   1.00 45.52 ? 30  TRP A CA  1 
ATOM   220  C C   . TRP A 1 30  ? 14.343  -9.708  3.368   1.00 48.00 ? 30  TRP A C   1 
ATOM   221  O O   . TRP A 1 30  ? 15.320  -10.176 3.957   1.00 48.91 ? 30  TRP A O   1 
ATOM   222  C CB  . TRP A 1 30  ? 14.554  -7.706  1.883   1.00 49.87 ? 30  TRP A CB  1 
ATOM   223  C CG  . TRP A 1 30  ? 15.757  -7.180  2.599   1.00 56.43 ? 30  TRP A CG  1 
ATOM   224  C CD1 . TRP A 1 30  ? 16.996  -6.947  2.069   1.00 57.22 ? 30  TRP A CD1 1 
ATOM   225  C CD2 . TRP A 1 30  ? 15.851  -6.852  3.993   1.00 58.64 ? 30  TRP A CD2 1 
ATOM   226  N NE1 . TRP A 1 30  ? 17.854  -6.494  3.046   1.00 59.07 ? 30  TRP A NE1 1 
ATOM   227  C CE2 . TRP A 1 30  ? 17.177  -6.426  4.236   1.00 58.96 ? 30  TRP A CE2 1 
ATOM   228  C CE3 . TRP A 1 30  ? 14.942  -6.879  5.059   1.00 56.15 ? 30  TRP A CE3 1 
ATOM   229  C CZ2 . TRP A 1 30  ? 17.616  -6.031  5.504   1.00 58.33 ? 30  TRP A CZ2 1 
ATOM   230  C CZ3 . TRP A 1 30  ? 15.381  -6.487  6.321   1.00 57.65 ? 30  TRP A CZ3 1 
ATOM   231  C CH2 . TRP A 1 30  ? 16.706  -6.069  6.530   1.00 58.56 ? 30  TRP A CH2 1 
ATOM   232  N N   . CYS A 1 31  ? 13.153  -9.585  3.948   1.00 46.40 ? 31  CYS A N   1 
ATOM   233  C CA  . CYS A 1 31  ? 12.936  -10.018 5.321   1.00 45.75 ? 31  CYS A CA  1 
ATOM   234  C C   . CYS A 1 31  ? 13.190  -11.513 5.468   1.00 46.77 ? 31  CYS A C   1 
ATOM   235  O O   . CYS A 1 31  ? 13.814  -11.949 6.436   1.00 44.82 ? 31  CYS A O   1 
ATOM   236  C CB  . CYS A 1 31  ? 11.512  -9.691  5.767   1.00 46.48 ? 31  CYS A CB  1 
ATOM   237  S SG  . CYS A 1 31  ? 11.197  -7.933  6.020   1.00 44.25 ? 31  CYS A SG  1 
ATOM   238  N N   . TYR A 1 32  ? 12.702  -12.299 4.513   1.00 45.47 ? 32  TYR A N   1 
ATOM   239  C CA  . TYR A 1 32  ? 12.915  -13.736 4.562   1.00 47.31 ? 32  TYR A CA  1 
ATOM   240  C C   . TYR A 1 32  ? 14.404  -14.034 4.511   1.00 49.24 ? 32  TYR A C   1 
ATOM   241  O O   . TYR A 1 32  ? 14.876  -14.924 5.210   1.00 53.99 ? 32  TYR A O   1 
ATOM   242  C CB  . TYR A 1 32  ? 12.197  -14.445 3.407   1.00 44.55 ? 32  TYR A CB  1 
ATOM   243  C CG  . TYR A 1 32  ? 10.713  -14.684 3.652   1.00 48.49 ? 32  TYR A CG  1 
ATOM   244  C CD1 . TYR A 1 32  ? 10.281  -15.548 4.669   1.00 44.16 ? 32  TYR A CD1 1 
ATOM   245  C CD2 . TYR A 1 32  ? 9.737   -14.044 2.870   1.00 40.41 ? 32  TYR A CD2 1 
ATOM   246  C CE1 . TYR A 1 32  ? 8.929   -15.770 4.900   1.00 41.79 ? 32  TYR A CE1 1 
ATOM   247  C CE2 . TYR A 1 32  ? 8.386   -14.262 3.095   1.00 40.43 ? 32  TYR A CE2 1 
ATOM   248  C CZ  . TYR A 1 32  ? 7.985   -15.127 4.110   1.00 45.74 ? 32  TYR A CZ  1 
ATOM   249  O OH  . TYR A 1 32  ? 6.642   -15.364 4.320   1.00 47.94 ? 32  TYR A OH  1 
ATOM   250  N N   . GLU A 1 33  ? 15.146  -13.284 3.699   1.00 49.27 ? 33  GLU A N   1 
ATOM   251  C CA  . GLU A 1 33  ? 16.588  -13.486 3.592   1.00 50.83 ? 33  GLU A CA  1 
ATOM   252  C C   . GLU A 1 33  ? 17.324  -13.166 4.880   1.00 50.46 ? 33  GLU A C   1 
ATOM   253  O O   . GLU A 1 33  ? 18.397  -13.698 5.123   1.00 54.35 ? 33  GLU A O   1 
ATOM   254  C CB  . GLU A 1 33  ? 17.180  -12.620 2.488   1.00 53.67 ? 33  GLU A CB  1 
ATOM   255  C CG  . GLU A 1 33  ? 16.921  -13.139 1.111   1.00 63.19 ? 33  GLU A CG  1 
ATOM   256  C CD  . GLU A 1 33  ? 17.482  -12.234 0.052   1.00 65.67 ? 33  GLU A CD  1 
ATOM   257  O OE1 . GLU A 1 33  ? 18.724  -12.088 -0.001  1.00 66.46 ? 33  GLU A OE1 1 
ATOM   258  O OE2 . GLU A 1 33  ? 16.675  -11.670 -0.721  1.00 69.58 ? 33  GLU A OE2 1 
ATOM   259  N N   . ASN A 1 34  ? 16.754  -12.294 5.700   1.00 48.85 ? 34  ASN A N   1 
ATOM   260  C CA  . ASN A 1 34  ? 17.399  -11.919 6.943   1.00 48.32 ? 34  ASN A CA  1 
ATOM   261  C C   . ASN A 1 34  ? 16.738  -12.524 8.167   1.00 49.91 ? 34  ASN A C   1 
ATOM   262  O O   . ASN A 1 34  ? 16.803  -11.955 9.257   1.00 52.05 ? 34  ASN A O   1 
ATOM   263  C CB  . ASN A 1 34  ? 17.441  -10.399 7.073   1.00 50.92 ? 34  ASN A CB  1 
ATOM   264  C CG  . ASN A 1 34  ? 18.292  -9.754  6.004   1.00 56.75 ? 34  ASN A CG  1 
ATOM   265  O OD1 . ASN A 1 34  ? 19.283  -9.084  6.301   1.00 56.25 ? 34  ASN A OD1 1 
ATOM   266  N ND2 . ASN A 1 34  ? 17.906  -9.946  4.746   1.00 60.52 ? 34  ASN A ND2 1 
ATOM   267  N N   . SER A 1 35  ? 16.093  -13.669 7.981   1.00 49.94 ? 35  SER A N   1 
ATOM   268  C CA  . SER A 1 35  ? 15.448  -14.385 9.078   1.00 51.61 ? 35  SER A CA  1 
ATOM   269  C C   . SER A 1 35  ? 14.284  -13.660 9.743   1.00 49.00 ? 35  SER A C   1 
ATOM   270  O O   . SER A 1 35  ? 13.942  -13.946 10.891  1.00 50.39 ? 35  SER A O   1 
ATOM   271  C CB  . SER A 1 35  ? 16.491  -14.726 10.142  1.00 53.49 ? 35  SER A CB  1 
ATOM   272  O OG  . SER A 1 35  ? 17.598  -15.378 9.549   1.00 62.86 ? 35  SER A OG  1 
ATOM   273  N N   . LEU A 1 36  ? 13.678  -12.719 9.038   1.00 47.25 ? 36  LEU A N   1 
ATOM   274  C CA  . LEU A 1 36  ? 12.546  -11.987 9.592   1.00 46.39 ? 36  LEU A CA  1 
ATOM   275  C C   . LEU A 1 36  ? 11.301  -12.490 8.888   1.00 45.46 ? 36  LEU A C   1 
ATOM   276  O O   . LEU A 1 36  ? 10.583  -11.717 8.257   1.00 45.97 ? 36  LEU A O   1 
ATOM   277  C CB  . LEU A 1 36  ? 12.734  -10.494 9.352   1.00 43.82 ? 36  LEU A CB  1 
ATOM   278  C CG  . LEU A 1 36  ? 14.043  -9.990  9.966   1.00 44.24 ? 36  LEU A CG  1 
ATOM   279  C CD1 . LEU A 1 36  ? 14.336  -8.569  9.532   1.00 38.01 ? 36  LEU A CD1 1 
ATOM   280  C CD2 . LEU A 1 36  ? 13.940  -10.088 11.478  1.00 44.73 ? 36  LEU A CD2 1 
ATOM   281  N N   . ASP A 1 37  ? 11.067  -13.798 8.999   1.00 45.30 ? 37  ASP A N   1 
ATOM   282  C CA  . ASP A 1 37  ? 9.931   -14.452 8.353   1.00 47.91 ? 37  ASP A CA  1 
ATOM   283  C C   . ASP A 1 37  ? 8.582   -14.001 8.885   1.00 43.04 ? 37  ASP A C   1 
ATOM   284  O O   . ASP A 1 37  ? 7.559   -14.226 8.248   1.00 44.75 ? 37  ASP A O   1 
ATOM   285  C CB  . ASP A 1 37  ? 10.051  -15.977 8.459   1.00 48.62 ? 37  ASP A CB  1 
ATOM   286  C CG  . ASP A 1 37  ? 10.170  -16.451 9.885   1.00 54.65 ? 37  ASP A CG  1 
ATOM   287  O OD1 . ASP A 1 37  ? 11.163  -16.094 10.548  1.00 54.22 ? 37  ASP A OD1 1 
ATOM   288  O OD2 . ASP A 1 37  ? 9.268   -17.182 10.347  1.00 60.68 ? 37  ASP A OD2 1 
ATOM   289  N N   . GLY A 1 38  ? 8.571   -13.373 10.053  1.00 40.47 ? 38  GLY A N   1 
ATOM   290  C CA  . GLY A 1 38  ? 7.313   -12.878 10.571  1.00 37.08 ? 38  GLY A CA  1 
ATOM   291  C C   . GLY A 1 38  ? 6.942   -11.706 9.675   1.00 41.57 ? 38  GLY A C   1 
ATOM   292  O O   . GLY A 1 38  ? 5.856   -11.661 9.081   1.00 41.93 ? 38  GLY A O   1 
ATOM   293  N N   . ALA A 1 39  ? 7.867   -10.756 9.565   1.00 40.43 ? 39  ALA A N   1 
ATOM   294  C CA  . ALA A 1 39  ? 7.664   -9.573  8.737   1.00 41.92 ? 39  ALA A CA  1 
ATOM   295  C C   . ALA A 1 39  ? 7.549   -10.000 7.282   1.00 41.64 ? 39  ALA A C   1 
ATOM   296  O O   . ALA A 1 39  ? 6.838   -9.374  6.488   1.00 40.60 ? 39  ALA A O   1 
ATOM   297  C CB  . ALA A 1 39  ? 8.829   -8.597  8.915   1.00 41.19 ? 39  ALA A CB  1 
ATOM   298  N N   . GLY A 1 40  ? 8.253   -11.076 6.941   1.00 40.84 ? 40  GLY A N   1 
ATOM   299  C CA  . GLY A 1 40  ? 8.212   -11.581 5.584   1.00 40.67 ? 40  GLY A CA  1 
ATOM   300  C C   . GLY A 1 40  ? 6.799   -11.963 5.189   1.00 41.34 ? 40  GLY A C   1 
ATOM   301  O O   . GLY A 1 40  ? 6.316   -11.570 4.127   1.00 41.84 ? 40  GLY A O   1 
ATOM   302  N N   . ALA A 1 41  ? 6.131   -12.729 6.046   1.00 39.61 ? 41  ALA A N   1 
ATOM   303  C CA  . ALA A 1 41  ? 4.764   -13.160 5.775   1.00 40.64 ? 41  ALA A CA  1 
ATOM   304  C C   . ALA A 1 41  ? 3.797   -11.974 5.772   1.00 42.99 ? 41  ALA A C   1 
ATOM   305  O O   . ALA A 1 41  ? 2.906   -11.891 4.925   1.00 42.61 ? 41  ALA A O   1 
ATOM   306  C CB  . ALA A 1 41  ? 4.330   -14.182 6.800   1.00 35.45 ? 41  ALA A CB  1 
ATOM   307  N N   . PHE A 1 42  ? 3.981   -11.049 6.710   1.00 43.24 ? 42  PHE A N   1 
ATOM   308  C CA  . PHE A 1 42  ? 3.112   -9.882  6.789   1.00 42.19 ? 42  PHE A CA  1 
ATOM   309  C C   . PHE A 1 42  ? 3.119   -9.054  5.507   1.00 42.67 ? 42  PHE A C   1 
ATOM   310  O O   . PHE A 1 42  ? 2.057   -8.676  5.001   1.00 41.68 ? 42  PHE A O   1 
ATOM   311  C CB  . PHE A 1 42  ? 3.505   -8.984  7.960   1.00 45.99 ? 42  PHE A CB  1 
ATOM   312  C CG  . PHE A 1 42  ? 2.646   -7.760  8.084   1.00 48.86 ? 42  PHE A CG  1 
ATOM   313  C CD1 . PHE A 1 42  ? 1.397   -7.831  8.687   1.00 47.52 ? 42  PHE A CD1 1 
ATOM   314  C CD2 . PHE A 1 42  ? 3.051   -6.551  7.520   1.00 47.72 ? 42  PHE A CD2 1 
ATOM   315  C CE1 . PHE A 1 42  ? 0.560   -6.717  8.720   1.00 50.12 ? 42  PHE A CE1 1 
ATOM   316  C CE2 . PHE A 1 42  ? 2.222   -5.438  7.551   1.00 50.64 ? 42  PHE A CE2 1 
ATOM   317  C CZ  . PHE A 1 42  ? 0.973   -5.522  8.151   1.00 48.15 ? 42  PHE A CZ  1 
ATOM   318  N N   . LEU A 1 43  ? 4.307   -8.765  4.979   1.00 39.30 ? 43  LEU A N   1 
ATOM   319  C CA  . LEU A 1 43  ? 4.396   -7.980  3.749   1.00 38.27 ? 43  LEU A CA  1 
ATOM   320  C C   . LEU A 1 43  ? 3.975   -8.765  2.496   1.00 37.71 ? 43  LEU A C   1 
ATOM   321  O O   . LEU A 1 43  ? 3.508   -8.174  1.518   1.00 33.45 ? 43  LEU A O   1 
ATOM   322  C CB  . LEU A 1 43  ? 5.806   -7.416  3.597   1.00 41.07 ? 43  LEU A CB  1 
ATOM   323  C CG  . LEU A 1 43  ? 6.144   -6.345  4.650   1.00 44.65 ? 43  LEU A CG  1 
ATOM   324  C CD1 . LEU A 1 43  ? 7.635   -6.063  4.659   1.00 44.70 ? 43  LEU A CD1 1 
ATOM   325  C CD2 . LEU A 1 43  ? 5.356   -5.076  4.358   1.00 42.56 ? 43  LEU A CD2 1 
ATOM   326  N N   . PHE A 1 44  ? 4.116   -10.092 2.530   1.00 36.54 ? 44  PHE A N   1 
ATOM   327  C CA  . PHE A 1 44  ? 3.717   -10.920 1.393   1.00 35.83 ? 44  PHE A CA  1 
ATOM   328  C C   . PHE A 1 44  ? 2.200   -10.806 1.269   1.00 40.01 ? 44  PHE A C   1 
ATOM   329  O O   . PHE A 1 44  ? 1.653   -10.673 0.172   1.00 42.12 ? 44  PHE A O   1 
ATOM   330  C CB  . PHE A 1 44  ? 4.095   -12.377 1.633   1.00 36.04 ? 44  PHE A CB  1 
ATOM   331  C CG  . PHE A 1 44  ? 3.891   -13.268 0.436   1.00 38.60 ? 44  PHE A CG  1 
ATOM   332  C CD1 . PHE A 1 44  ? 4.892   -13.412 -0.521  1.00 39.16 ? 44  PHE A CD1 1 
ATOM   333  C CD2 . PHE A 1 44  ? 2.691   -13.961 0.262   1.00 41.11 ? 44  PHE A CD2 1 
ATOM   334  C CE1 . PHE A 1 44  ? 4.704   -14.235 -1.640  1.00 42.51 ? 44  PHE A CE1 1 
ATOM   335  C CE2 . PHE A 1 44  ? 2.489   -14.785 -0.851  1.00 41.64 ? 44  PHE A CE2 1 
ATOM   336  C CZ  . PHE A 1 44  ? 3.501   -14.925 -1.807  1.00 43.27 ? 44  PHE A CZ  1 
ATOM   337  N N   . ALA A 1 45  ? 1.521   -10.853 2.409   1.00 39.62 ? 45  ALA A N   1 
ATOM   338  C CA  . ALA A 1 45  ? 0.071   -10.745 2.433   1.00 41.07 ? 45  ALA A CA  1 
ATOM   339  C C   . ALA A 1 45  ? -0.336  -9.346  1.984   1.00 43.12 ? 45  ALA A C   1 
ATOM   340  O O   . ALA A 1 45  ? -1.207  -9.178  1.127   1.00 44.36 ? 45  ALA A O   1 
ATOM   341  C CB  . ALA A 1 45  ? -0.450  -11.017 3.843   1.00 35.25 ? 45  ALA A CB  1 
ATOM   342  N N   . HIS A 1 46  ? 0.311   -8.343  2.565   1.00 43.52 ? 46  HIS A N   1 
ATOM   343  C CA  . HIS A 1 46  ? 0.005   -6.968  2.232   1.00 42.57 ? 46  HIS A CA  1 
ATOM   344  C C   . HIS A 1 46  ? 0.183   -6.661  0.745   1.00 41.94 ? 46  HIS A C   1 
ATOM   345  O O   . HIS A 1 46  ? -0.546  -5.836  0.187   1.00 39.81 ? 46  HIS A O   1 
ATOM   346  C CB  . HIS A 1 46  ? 0.862   -6.024  3.068   1.00 42.65 ? 46  HIS A CB  1 
ATOM   347  C CG  . HIS A 1 46  ? 0.442   -4.595  2.961   1.00 47.26 ? 46  HIS A CG  1 
ATOM   348  N ND1 . HIS A 1 46  ? -0.846  -4.181  3.224   1.00 50.06 ? 46  HIS A ND1 1 
ATOM   349  C CD2 . HIS A 1 46  ? 1.130   -3.485  2.602   1.00 49.15 ? 46  HIS A CD2 1 
ATOM   350  C CE1 . HIS A 1 46  ? -0.934  -2.877  3.030   1.00 53.65 ? 46  HIS A CE1 1 
ATOM   351  N NE2 . HIS A 1 46  ? 0.252   -2.431  2.653   1.00 54.43 ? 46  HIS A NE2 1 
ATOM   352  N N   . ALA A 1 47  ? 1.146   -7.317  0.101   1.00 42.24 ? 47  ALA A N   1 
ATOM   353  C CA  . ALA A 1 47  ? 1.374   -7.091  -1.327  1.00 42.45 ? 47  ALA A CA  1 
ATOM   354  C C   . ALA A 1 47  ? 0.147   -7.553  -2.107  1.00 41.88 ? 47  ALA A C   1 
ATOM   355  O O   . ALA A 1 47  ? -0.223  -6.944  -3.102  1.00 43.82 ? 47  ALA A O   1 
ATOM   356  C CB  . ALA A 1 47  ? 2.620   -7.843  -1.801  1.00 35.43 ? 47  ALA A CB  1 
ATOM   357  N N   . SER A 1 48  ? -0.489  -8.626  -1.645  1.00 44.22 ? 48  SER A N   1 
ATOM   358  C CA  . SER A 1 48  ? -1.684  -9.143  -2.307  1.00 44.70 ? 48  SER A CA  1 
ATOM   359  C C   . SER A 1 48  ? -2.860  -8.184  -2.162  1.00 44.66 ? 48  SER A C   1 
ATOM   360  O O   . SER A 1 48  ? -3.667  -8.034  -3.084  1.00 44.77 ? 48  SER A O   1 
ATOM   361  C CB  . SER A 1 48  ? -2.061  -10.499 -1.725  1.00 42.69 ? 48  SER A CB  1 
ATOM   362  O OG  . SER A 1 48  ? -1.019  -11.425 -1.955  1.00 59.05 ? 48  SER A OG  1 
ATOM   363  N N   . GLU A 1 49  ? -2.960  -7.544  -1.002  1.00 40.93 ? 49  GLU A N   1 
ATOM   364  C CA  . GLU A 1 49  ? -4.043  -6.605  -0.766  1.00 45.34 ? 49  GLU A CA  1 
ATOM   365  C C   . GLU A 1 49  ? -3.930  -5.412  -1.693  1.00 44.95 ? 49  GLU A C   1 
ATOM   366  O O   . GLU A 1 49  ? -4.914  -4.988  -2.303  1.00 41.64 ? 49  GLU A O   1 
ATOM   367  C CB  . GLU A 1 49  ? -4.016  -6.106  0.672   1.00 52.96 ? 49  GLU A CB  1 
ATOM   368  C CG  . GLU A 1 49  ? -4.698  -7.007  1.674   1.00 66.56 ? 49  GLU A CG  1 
ATOM   369  C CD  . GLU A 1 49  ? -4.738  -6.366  3.044   1.00 75.53 ? 49  GLU A CD  1 
ATOM   370  O OE1 . GLU A 1 49  ? -5.206  -5.207  3.127   1.00 79.30 ? 49  GLU A OE1 1 
ATOM   371  O OE2 . GLU A 1 49  ? -4.304  -7.009  4.030   1.00 80.16 ? 49  GLU A OE2 1 
ATOM   372  N N   . GLU A 1 50  ? -2.718  -4.874  -1.785  1.00 45.74 ? 50  GLU A N   1 
ATOM   373  C CA  . GLU A 1 50  ? -2.440  -3.715  -2.619  1.00 45.55 ? 50  GLU A CA  1 
ATOM   374  C C   . GLU A 1 50  ? -2.762  -4.069  -4.064  1.00 43.67 ? 50  GLU A C   1 
ATOM   375  O O   . GLU A 1 50  ? -3.271  -3.246  -4.828  1.00 43.19 ? 50  GLU A O   1 
ATOM   376  C CB  . GLU A 1 50  ? -0.971  -3.308  -2.477  1.00 49.55 ? 50  GLU A CB  1 
ATOM   377  C CG  . GLU A 1 50  ? -0.750  -1.816  -2.565  1.00 53.66 ? 50  GLU A CG  1 
ATOM   378  C CD  . GLU A 1 50  ? -1.538  -1.063  -1.509  1.00 56.91 ? 50  GLU A CD  1 
ATOM   379  O OE1 . GLU A 1 50  ? -1.319  -1.348  -0.313  1.00 56.81 ? 50  GLU A OE1 1 
ATOM   380  O OE2 . GLU A 1 50  ? -2.368  -0.196  -1.874  1.00 54.20 ? 50  GLU A OE2 1 
ATOM   381  N N   . SER A 1 51  ? -2.472  -5.307  -4.434  1.00 39.70 ? 51  SER A N   1 
ATOM   382  C CA  . SER A 1 51  ? -2.767  -5.763  -5.781  1.00 44.37 ? 51  SER A CA  1 
ATOM   383  C C   . SER A 1 51  ? -4.285  -5.781  -6.012  1.00 45.39 ? 51  SER A C   1 
ATOM   384  O O   . SER A 1 51  ? -4.754  -5.589  -7.133  1.00 46.81 ? 51  SER A O   1 
ATOM   385  C CB  . SER A 1 51  ? -2.182  -7.155  -5.996  1.00 44.12 ? 51  SER A CB  1 
ATOM   386  O OG  . SER A 1 51  ? -2.468  -7.615  -7.300  1.00 52.31 ? 51  SER A OG  1 
ATOM   387  N N   . ASP A 1 52  ? -5.054  -6.011  -4.950  1.00 47.01 ? 52  ASP A N   1 
ATOM   388  C CA  . ASP A 1 52  ? -6.499  -6.024  -5.073  1.00 46.21 ? 52  ASP A CA  1 
ATOM   389  C C   . ASP A 1 52  ? -7.024  -4.613  -5.270  1.00 46.98 ? 52  ASP A C   1 
ATOM   390  O O   . ASP A 1 52  ? -8.056  -4.418  -5.914  1.00 45.29 ? 52  ASP A O   1 
ATOM   391  C CB  . ASP A 1 52  ? -7.157  -6.633  -3.833  1.00 51.39 ? 52  ASP A CB  1 
ATOM   392  C CG  . ASP A 1 52  ? -7.190  -8.145  -3.868  1.00 56.76 ? 52  ASP A CG  1 
ATOM   393  O OD1 . ASP A 1 52  ? -7.108  -8.733  -4.974  1.00 57.99 ? 52  ASP A OD1 1 
ATOM   394  O OD2 . ASP A 1 52  ? -7.316  -8.744  -2.778  1.00 61.08 ? 52  ASP A OD2 1 
ATOM   395  N N   . HIS A 1 53  ? -6.323  -3.632  -4.704  1.00 46.62 ? 53  HIS A N   1 
ATOM   396  C CA  . HIS A 1 53  ? -6.724  -2.237  -4.838  1.00 47.63 ? 53  HIS A CA  1 
ATOM   397  C C   . HIS A 1 53  ? -6.648  -1.823  -6.309  1.00 47.93 ? 53  HIS A C   1 
ATOM   398  O O   . HIS A 1 53  ? -7.500  -1.073  -6.803  1.00 46.88 ? 53  HIS A O   1 
ATOM   399  C CB  . HIS A 1 53  ? -5.827  -1.342  -3.977  1.00 51.58 ? 53  HIS A CB  1 
ATOM   400  C CG  . HIS A 1 53  ? -6.047  -1.509  -2.503  1.00 56.37 ? 53  HIS A CG  1 
ATOM   401  N ND1 . HIS A 1 53  ? -5.237  -0.922  -1.556  1.00 60.50 ? 53  HIS A ND1 1 
ATOM   402  C CD2 . HIS A 1 53  ? -6.997  -2.186  -1.813  1.00 57.59 ? 53  HIS A CD2 1 
ATOM   403  C CE1 . HIS A 1 53  ? -5.676  -1.227  -0.349  1.00 59.92 ? 53  HIS A CE1 1 
ATOM   404  N NE2 . HIS A 1 53  ? -6.744  -1.993  -0.476  1.00 58.33 ? 53  HIS A NE2 1 
ATOM   405  N N   . ALA A 1 54  ? -5.640  -2.333  -7.010  1.00 43.55 ? 54  ALA A N   1 
ATOM   406  C CA  . ALA A 1 54  ? -5.472  -2.034  -8.422  1.00 44.73 ? 54  ALA A CA  1 
ATOM   407  C C   . ALA A 1 54  ? -6.620  -2.640  -9.235  1.00 46.51 ? 54  ALA A C   1 
ATOM   408  O O   . ALA A 1 54  ? -7.231  -1.958  -10.067 1.00 47.70 ? 54  ALA A O   1 
ATOM   409  C CB  . ALA A 1 54  ? -4.132  -2.570  -8.914  1.00 44.07 ? 54  ALA A CB  1 
ATOM   410  N N   . LYS A 1 55  ? -6.913  -3.918  -8.995  1.00 45.77 ? 55  LYS A N   1 
ATOM   411  C CA  . LYS A 1 55  ? -7.987  -4.601  -9.714  1.00 45.33 ? 55  LYS A CA  1 
ATOM   412  C C   . LYS A 1 55  ? -9.349  -3.964  -9.469  1.00 42.70 ? 55  LYS A C   1 
ATOM   413  O O   . LYS A 1 55  ? -10.203 -3.930  -10.362 1.00 41.21 ? 55  LYS A O   1 
ATOM   414  C CB  . LYS A 1 55  ? -8.036  -6.082  -9.325  1.00 50.42 ? 55  LYS A CB  1 
ATOM   415  C CG  . LYS A 1 55  ? -6.849  -6.885  -9.823  1.00 57.18 ? 55  LYS A CG  1 
ATOM   416  C CD  . LYS A 1 55  ? -6.867  -8.305  -9.285  1.00 63.43 ? 55  LYS A CD  1 
ATOM   417  C CE  . LYS A 1 55  ? -5.623  -9.057  -9.745  1.00 71.10 ? 55  LYS A CE  1 
ATOM   418  N NZ  . LYS A 1 55  ? -5.517  -10.413 -9.126  1.00 78.67 ? 55  LYS A NZ  1 
ATOM   419  N N   . LYS A 1 56  ? -9.560  -3.449  -8.266  1.00 40.60 ? 56  LYS A N   1 
ATOM   420  C CA  . LYS A 1 56  ? -10.840 -2.827  -7.969  1.00 43.89 ? 56  LYS A CA  1 
ATOM   421  C C   . LYS A 1 56  ? -10.998 -1.550  -8.811  1.00 43.92 ? 56  LYS A C   1 
ATOM   422  O O   . LYS A 1 56  ? -12.097 -1.231  -9.259  1.00 46.52 ? 56  LYS A O   1 
ATOM   423  C CB  . LYS A 1 56  ? -10.960 -2.543  -6.463  1.00 44.45 ? 56  LYS A CB  1 
ATOM   424  C CG  . LYS A 1 56  ? -12.346 -2.075  -6.020  1.00 53.91 ? 56  LYS A CG  1 
ATOM   425  C CD  . LYS A 1 56  ? -12.421 -1.895  -4.498  1.00 62.65 ? 56  LYS A CD  1 
ATOM   426  C CE  . LYS A 1 56  ? -13.650 -1.065  -4.046  1.00 66.06 ? 56  LYS A CE  1 
ATOM   427  N NZ  . LYS A 1 56  ? -14.956 -1.799  -4.015  1.00 64.75 ? 56  LYS A NZ  1 
ATOM   428  N N   . LEU A 1 57  ? -9.900  -0.832  -9.044  1.00 44.33 ? 57  LEU A N   1 
ATOM   429  C CA  . LEU A 1 57  ? -9.949  0.378   -9.866  1.00 41.82 ? 57  LEU A CA  1 
ATOM   430  C C   . LEU A 1 57  ? -10.140 -0.008  -11.332 1.00 39.91 ? 57  LEU A C   1 
ATOM   431  O O   . LEU A 1 57  ? -10.917 0.625   -12.055 1.00 36.26 ? 57  LEU A O   1 
ATOM   432  C CB  . LEU A 1 57  ? -8.665  1.203   -9.697  1.00 47.53 ? 57  LEU A CB  1 
ATOM   433  C CG  . LEU A 1 57  ? -8.557  2.014   -8.396  1.00 48.34 ? 57  LEU A CG  1 
ATOM   434  C CD1 . LEU A 1 57  ? -7.129  2.435   -8.164  1.00 45.50 ? 57  LEU A CD1 1 
ATOM   435  C CD2 . LEU A 1 57  ? -9.476  3.218   -8.464  1.00 45.37 ? 57  LEU A CD2 1 
ATOM   436  N N   . ILE A 1 58  ? -9.440  -1.051  -11.774 1.00 35.56 ? 58  ILE A N   1 
ATOM   437  C CA  . ILE A 1 58  ? -9.589  -1.505  -13.152 1.00 36.71 ? 58  ILE A CA  1 
ATOM   438  C C   . ILE A 1 58  ? -11.053 -1.893  -13.421 1.00 37.02 ? 58  ILE A C   1 
ATOM   439  O O   . ILE A 1 58  ? -11.601 -1.616  -14.486 1.00 34.37 ? 58  ILE A O   1 
ATOM   440  C CB  . ILE A 1 58  ? -8.682  -2.719  -13.444 1.00 37.34 ? 58  ILE A CB  1 
ATOM   441  C CG1 . ILE A 1 58  ? -7.210  -2.300  -13.338 1.00 38.81 ? 58  ILE A CG1 1 
ATOM   442  C CG2 . ILE A 1 58  ? -8.988  -3.282  -14.830 1.00 36.63 ? 58  ILE A CG2 1 
ATOM   443  C CD1 . ILE A 1 58  ? -6.204  -3.415  -13.620 1.00 34.36 ? 58  ILE A CD1 1 
ATOM   444  N N   . THR A 1 59  ? -11.688 -2.519  -12.438 1.00 37.00 ? 59  THR A N   1 
ATOM   445  C CA  . THR A 1 59  ? -13.076 -2.942  -12.580 1.00 36.39 ? 59  THR A CA  1 
ATOM   446  C C   . THR A 1 59  ? -14.045 -1.770  -12.672 1.00 37.28 ? 59  THR A C   1 
ATOM   447  O O   . THR A 1 59  ? -15.054 -1.848  -13.387 1.00 32.90 ? 59  THR A O   1 
ATOM   448  C CB  . THR A 1 59  ? -13.470 -3.884  -11.413 1.00 36.94 ? 59  THR A CB  1 
ATOM   449  O OG1 . THR A 1 59  ? -12.774 -5.126  -11.579 1.00 40.46 ? 59  THR A OG1 1 
ATOM   450  C CG2 . THR A 1 59  ? -14.978 -4.148  -11.386 1.00 26.67 ? 59  THR A CG2 1 
ATOM   451  N N   . TYR A 1 60  ? -13.744 -0.691  -11.950 1.00 36.70 ? 60  TYR A N   1 
ATOM   452  C CA  . TYR A 1 60  ? -14.587 0.499   -11.977 1.00 38.69 ? 60  TYR A CA  1 
ATOM   453  C C   . TYR A 1 60  ? -14.502 1.064   -13.389 1.00 42.31 ? 60  TYR A C   1 
ATOM   454  O O   . TYR A 1 60  ? -15.501 1.510   -13.950 1.00 42.86 ? 60  TYR A O   1 
ATOM   455  C CB  . TYR A 1 60  ? -14.096 1.544   -10.965 1.00 38.85 ? 60  TYR A CB  1 
ATOM   456  C CG  . TYR A 1 60  ? -14.895 2.833   -10.978 1.00 42.26 ? 60  TYR A CG  1 
ATOM   457  C CD1 . TYR A 1 60  ? -16.238 2.853   -10.587 1.00 40.10 ? 60  TYR A CD1 1 
ATOM   458  C CD2 . TYR A 1 60  ? -14.318 4.032   -11.410 1.00 43.32 ? 60  TYR A CD2 1 
ATOM   459  C CE1 . TYR A 1 60  ? -16.989 4.033   -10.625 1.00 40.50 ? 60  TYR A CE1 1 
ATOM   460  C CE2 . TYR A 1 60  ? -15.062 5.224   -11.458 1.00 42.17 ? 60  TYR A CE2 1 
ATOM   461  C CZ  . TYR A 1 60  ? -16.394 5.218   -11.062 1.00 42.46 ? 60  TYR A CZ  1 
ATOM   462  O OH  . TYR A 1 60  ? -17.123 6.393   -11.084 1.00 36.78 ? 60  TYR A OH  1 
ATOM   463  N N   . LEU A 1 61  ? -13.298 1.039   -13.958 1.00 42.86 ? 61  LEU A N   1 
ATOM   464  C CA  . LEU A 1 61  ? -13.104 1.533   -15.312 1.00 43.06 ? 61  LEU A CA  1 
ATOM   465  C C   . LEU A 1 61  ? -13.832 0.637   -16.298 1.00 42.52 ? 61  LEU A C   1 
ATOM   466  O O   . LEU A 1 61  ? -14.485 1.137   -17.214 1.00 44.91 ? 61  LEU A O   1 
ATOM   467  C CB  . LEU A 1 61  ? -11.612 1.600   -15.669 1.00 43.08 ? 61  LEU A CB  1 
ATOM   468  C CG  . LEU A 1 61  ? -10.816 2.742   -15.021 1.00 42.93 ? 61  LEU A CG  1 
ATOM   469  C CD1 . LEU A 1 61  ? -9.340  2.594   -15.322 1.00 44.23 ? 61  LEU A CD1 1 
ATOM   470  C CD2 . LEU A 1 61  ? -11.324 4.074   -15.537 1.00 46.33 ? 61  LEU A CD2 1 
ATOM   471  N N   . ASN A 1 62  ? -13.740 -0.679  -16.111 1.00 40.33 ? 62  ASN A N   1 
ATOM   472  C CA  . ASN A 1 62  ? -14.415 -1.599  -17.022 1.00 42.55 ? 62  ASN A CA  1 
ATOM   473  C C   . ASN A 1 62  ? -15.916 -1.396  -17.028 1.00 44.07 ? 62  ASN A C   1 
ATOM   474  O O   . ASN A 1 62  ? -16.550 -1.486  -18.079 1.00 44.77 ? 62  ASN A O   1 
ATOM   475  C CB  . ASN A 1 62  ? -14.125 -3.062  -16.680 1.00 41.81 ? 62  ASN A CB  1 
ATOM   476  C CG  . ASN A 1 62  ? -12.674 -3.422  -16.862 1.00 48.43 ? 62  ASN A CG  1 
ATOM   477  O OD1 . ASN A 1 62  ? -12.026 -2.972  -17.813 1.00 49.87 ? 62  ASN A OD1 1 
ATOM   478  N ND2 . ASN A 1 62  ? -12.149 -4.246  -15.957 1.00 49.15 ? 62  ASN A ND2 1 
ATOM   479  N N   . GLU A 1 63  ? -16.498 -1.111  -15.869 1.00 44.92 ? 63  GLU A N   1 
ATOM   480  C CA  . GLU A 1 63  ? -17.936 -0.932  -15.842 1.00 48.96 ? 63  GLU A CA  1 
ATOM   481  C C   . GLU A 1 63  ? -18.436 0.490   -16.074 1.00 49.97 ? 63  GLU A C   1 
ATOM   482  O O   . GLU A 1 63  ? -19.606 0.782   -15.826 1.00 52.91 ? 63  GLU A O   1 
ATOM   483  C CB  . GLU A 1 63  ? -18.529 -1.522  -14.554 1.00 50.69 ? 63  GLU A CB  1 
ATOM   484  C CG  . GLU A 1 63  ? -17.920 -1.036  -13.265 1.00 59.24 ? 63  GLU A CG  1 
ATOM   485  C CD  . GLU A 1 63  ? -18.554 -1.686  -12.045 1.00 58.90 ? 63  GLU A CD  1 
ATOM   486  O OE1 . GLU A 1 63  ? -18.456 -2.925  -11.902 1.00 56.96 ? 63  GLU A OE1 1 
ATOM   487  O OE2 . GLU A 1 63  ? -19.153 -0.951  -11.230 1.00 60.72 ? 63  GLU A OE2 1 
ATOM   488  N N   . THR A 1 64  ? -17.561 1.374   -16.547 1.00 48.61 ? 64  THR A N   1 
ATOM   489  C CA  . THR A 1 64  ? -17.966 2.744   -16.862 1.00 47.81 ? 64  THR A CA  1 
ATOM   490  C C   . THR A 1 64  ? -17.669 2.935   -18.335 1.00 51.67 ? 64  THR A C   1 
ATOM   491  O O   . THR A 1 64  ? -17.837 4.028   -18.887 1.00 54.48 ? 64  THR A O   1 
ATOM   492  C CB  . THR A 1 64  ? -17.195 3.829   -16.060 1.00 44.90 ? 64  THR A CB  1 
ATOM   493  O OG1 . THR A 1 64  ? -15.784 3.595   -16.144 1.00 44.66 ? 64  THR A OG1 1 
ATOM   494  C CG2 . THR A 1 64  ? -17.641 3.843   -14.618 1.00 43.10 ? 64  THR A CG2 1 
ATOM   495  N N   . ASP A 1 65  ? -17.226 1.851   -18.964 1.00 50.59 ? 65  ASP A N   1 
ATOM   496  C CA  . ASP A 1 65  ? -16.899 1.860   -20.381 1.00 52.70 ? 65  ASP A CA  1 
ATOM   497  C C   . ASP A 1 65  ? -15.749 2.833   -20.639 1.00 51.13 ? 65  ASP A C   1 
ATOM   498  O O   . ASP A 1 65  ? -15.780 3.619   -21.574 1.00 52.41 ? 65  ASP A O   1 
ATOM   499  C CB  . ASP A 1 65  ? -18.149 2.238   -21.189 1.00 54.16 ? 65  ASP A CB  1 
ATOM   500  C CG  . ASP A 1 65  ? -17.916 2.210   -22.688 1.00 57.41 ? 65  ASP A CG  1 
ATOM   501  O OD1 . ASP A 1 65  ? -17.363 1.212   -23.197 1.00 52.51 ? 65  ASP A OD1 1 
ATOM   502  O OD2 . ASP A 1 65  ? -18.301 3.194   -23.361 1.00 65.29 ? 65  ASP A OD2 1 
ATOM   503  N N   . SER A 1 66  ? -14.737 2.766   -19.783 1.00 52.33 ? 66  SER A N   1 
ATOM   504  C CA  . SER A 1 66  ? -13.565 3.617   -19.882 1.00 51.12 ? 66  SER A CA  1 
ATOM   505  C C   . SER A 1 66  ? -12.404 2.798   -20.397 1.00 52.50 ? 66  SER A C   1 
ATOM   506  O O   . SER A 1 66  ? -12.379 1.581   -20.238 1.00 58.23 ? 66  SER A O   1 
ATOM   507  C CB  . SER A 1 66  ? -13.211 4.194   -18.514 1.00 52.76 ? 66  SER A CB  1 
ATOM   508  O OG  . SER A 1 66  ? -14.253 5.020   -18.024 1.00 57.64 ? 66  SER A OG  1 
ATOM   509  N N   . HIS A 1 67  ? -11.436 3.465   -21.014 1.00 54.04 ? 67  HIS A N   1 
ATOM   510  C CA  . HIS A 1 67  ? -10.282 2.772   -21.557 1.00 50.26 ? 67  HIS A CA  1 
ATOM   511  C C   . HIS A 1 67  ? -9.200  2.658   -20.506 1.00 51.16 ? 67  HIS A C   1 
ATOM   512  O O   . HIS A 1 67  ? -8.815  3.640   -19.873 1.00 53.34 ? 67  HIS A O   1 
ATOM   513  C CB  . HIS A 1 67  ? -9.756  3.499   -22.799 1.00 49.06 ? 67  HIS A CB  1 
ATOM   514  C CG  . HIS A 1 67  ? -8.648  2.780   -23.494 1.00 50.64 ? 67  HIS A CG  1 
ATOM   515  N ND1 . HIS A 1 67  ? -8.872  1.748   -24.384 1.00 51.26 ? 67  HIS A ND1 1 
ATOM   516  C CD2 . HIS A 1 67  ? -7.310  2.972   -23.477 1.00 50.44 ? 67  HIS A CD2 1 
ATOM   517  C CE1 . HIS A 1 67  ? -7.720  1.342   -24.886 1.00 55.07 ? 67  HIS A CE1 1 
ATOM   518  N NE2 . HIS A 1 67  ? -6.754  2.073   -24.350 1.00 53.91 ? 67  HIS A NE2 1 
ATOM   519  N N   . VAL A 1 68  ? -8.717  1.440   -20.315 1.00 51.54 ? 68  VAL A N   1 
ATOM   520  C CA  . VAL A 1 68  ? -7.676  1.169   -19.341 1.00 49.68 ? 68  VAL A CA  1 
ATOM   521  C C   . VAL A 1 68  ? -6.342  1.242   -20.053 1.00 48.98 ? 68  VAL A C   1 
ATOM   522  O O   . VAL A 1 68  ? -6.236  0.870   -21.217 1.00 47.79 ? 68  VAL A O   1 
ATOM   523  C CB  . VAL A 1 68  ? -7.869  -0.240  -18.714 1.00 48.16 ? 68  VAL A CB  1 
ATOM   524  C CG1 . VAL A 1 68  ? -6.693  -0.594  -17.819 1.00 43.96 ? 68  VAL A CG1 1 
ATOM   525  C CG2 . VAL A 1 68  ? -9.171  -0.264  -17.915 1.00 46.87 ? 68  VAL A CG2 1 
ATOM   526  N N   . GLU A 1 69  ? -5.332  1.733   -19.347 1.00 49.60 ? 69  GLU A N   1 
ATOM   527  C CA  . GLU A 1 69  ? -3.997  1.860   -19.905 1.00 52.34 ? 69  GLU A CA  1 
ATOM   528  C C   . GLU A 1 69  ? -2.961  1.407   -18.905 1.00 50.88 ? 69  GLU A C   1 
ATOM   529  O O   . GLU A 1 69  ? -2.561  2.173   -18.031 1.00 51.92 ? 69  GLU A O   1 
ATOM   530  C CB  . GLU A 1 69  ? -3.699  3.311   -20.277 1.00 56.16 ? 69  GLU A CB  1 
ATOM   531  C CG  . GLU A 1 69  ? -4.264  3.769   -21.605 1.00 67.65 ? 69  GLU A CG  1 
ATOM   532  C CD  . GLU A 1 69  ? -3.709  5.127   -22.025 1.00 72.73 ? 69  GLU A CD  1 
ATOM   533  O OE1 . GLU A 1 69  ? -2.467  5.300   -21.990 1.00 73.74 ? 69  GLU A OE1 1 
ATOM   534  O OE2 . GLU A 1 69  ? -4.512  6.013   -22.391 1.00 72.53 ? 69  GLU A OE2 1 
ATOM   535  N N   . LEU A 1 70  ? -2.515  0.167   -19.025 1.00 51.07 ? 70  LEU A N   1 
ATOM   536  C CA  . LEU A 1 70  ? -1.509  -0.322  -18.103 1.00 54.60 ? 70  LEU A CA  1 
ATOM   537  C C   . LEU A 1 70  ? -0.141  0.130   -18.588 1.00 56.95 ? 70  LEU A C   1 
ATOM   538  O O   . LEU A 1 70  ? 0.271   -0.173  -19.705 1.00 60.10 ? 70  LEU A O   1 
ATOM   539  C CB  . LEU A 1 70  ? -1.573  -1.848  -17.993 1.00 52.48 ? 70  LEU A CB  1 
ATOM   540  C CG  . LEU A 1 70  ? -2.920  -2.423  -17.538 1.00 53.44 ? 70  LEU A CG  1 
ATOM   541  C CD1 . LEU A 1 70  ? -2.791  -3.930  -17.385 1.00 56.65 ? 70  LEU A CD1 1 
ATOM   542  C CD2 . LEU A 1 70  ? -3.346  -1.792  -16.213 1.00 51.69 ? 70  LEU A CD2 1 
ATOM   543  N N   . GLN A 1 71  ? 0.543   0.887   -17.739 1.00 60.89 ? 71  GLN A N   1 
ATOM   544  C CA  . GLN A 1 71  ? 1.872   1.399   -18.038 1.00 62.33 ? 71  GLN A CA  1 
ATOM   545  C C   . GLN A 1 71  ? 2.908   0.384   -17.561 1.00 60.53 ? 71  GLN A C   1 
ATOM   546  O O   . GLN A 1 71  ? 2.555   -0.724  -17.165 1.00 60.03 ? 71  GLN A O   1 
ATOM   547  C CB  . GLN A 1 71  ? 2.072   2.737   -17.324 1.00 68.07 ? 71  GLN A CB  1 
ATOM   548  N N   . GLU A 1 72  ? 4.184   0.747   -17.601 1.00 60.01 ? 72  GLU A N   1 
ATOM   549  C CA  . GLU A 1 72  ? 5.216   -0.177  -17.148 1.00 59.08 ? 72  GLU A CA  1 
ATOM   550  C C   . GLU A 1 72  ? 5.368   0.009   -15.645 1.00 55.01 ? 72  GLU A C   1 
ATOM   551  O O   . GLU A 1 72  ? 5.122   1.092   -15.122 1.00 53.13 ? 72  GLU A O   1 
ATOM   552  C CB  . GLU A 1 72  ? 6.550   0.089   -17.863 1.00 62.01 ? 72  GLU A CB  1 
ATOM   553  C CG  . GLU A 1 72  ? 7.360   1.250   -17.309 1.00 69.02 ? 72  GLU A CG  1 
ATOM   554  C CD  . GLU A 1 72  ? 8.604   1.554   -18.140 1.00 75.80 ? 72  GLU A CD  1 
ATOM   555  O OE1 . GLU A 1 72  ? 9.365   0.610   -18.457 1.00 76.66 ? 72  GLU A OE1 1 
ATOM   556  O OE2 . GLU A 1 72  ? 8.823   2.745   -18.470 1.00 77.08 ? 72  GLU A OE2 1 
ATOM   557  N N   . VAL A 1 73  ? 5.745   -1.055  -14.951 1.00 49.09 ? 73  VAL A N   1 
ATOM   558  C CA  . VAL A 1 73  ? 5.916   -0.979  -13.513 1.00 48.17 ? 73  VAL A CA  1 
ATOM   559  C C   . VAL A 1 73  ? 7.411   -0.935  -13.248 1.00 50.99 ? 73  VAL A C   1 
ATOM   560  O O   . VAL A 1 73  ? 8.151   -1.864  -13.586 1.00 50.29 ? 73  VAL A O   1 
ATOM   561  C CB  . VAL A 1 73  ? 5.251   -2.202  -12.806 1.00 51.29 ? 73  VAL A CB  1 
ATOM   562  C CG1 . VAL A 1 73  ? 5.447   -2.125  -11.284 1.00 46.26 ? 73  VAL A CG1 1 
ATOM   563  C CG2 . VAL A 1 73  ? 3.758   -2.235  -13.133 1.00 43.03 ? 73  VAL A CG2 1 
ATOM   564  N N   . LYS A 1 74  ? 7.854   0.167   -12.660 1.00 54.07 ? 74  LYS A N   1 
ATOM   565  C CA  . LYS A 1 74  ? 9.267   0.368   -12.377 1.00 57.23 ? 74  LYS A CA  1 
ATOM   566  C C   . LYS A 1 74  ? 9.833   -0.649  -11.407 1.00 56.10 ? 74  LYS A C   1 
ATOM   567  O O   . LYS A 1 74  ? 9.137   -1.113  -10.510 1.00 61.34 ? 74  LYS A O   1 
ATOM   568  C CB  . LYS A 1 74  ? 9.493   1.775   -11.819 1.00 57.68 ? 74  LYS A CB  1 
ATOM   569  N N   . GLN A 1 75  ? 11.098  -1.003  -11.599 1.00 54.58 ? 75  GLN A N   1 
ATOM   570  C CA  . GLN A 1 75  ? 11.762  -1.932  -10.698 1.00 55.20 ? 75  GLN A CA  1 
ATOM   571  C C   . GLN A 1 75  ? 11.753  -1.303  -9.295  1.00 52.40 ? 75  GLN A C   1 
ATOM   572  O O   . GLN A 1 75  ? 11.915  -0.096  -9.146  1.00 49.30 ? 75  GLN A O   1 
ATOM   573  C CB  . GLN A 1 75  ? 13.204  -2.182  -11.154 1.00 56.09 ? 75  GLN A CB  1 
ATOM   574  C CG  . GLN A 1 75  ? 14.055  -2.883  -10.109 1.00 63.12 ? 75  GLN A CG  1 
ATOM   575  C CD  . GLN A 1 75  ? 15.425  -3.296  -10.620 1.00 65.81 ? 75  GLN A CD  1 
ATOM   576  O OE1 . GLN A 1 75  ? 15.542  -4.041  -11.594 1.00 67.40 ? 75  GLN A OE1 1 
ATOM   577  N NE2 . GLN A 1 75  ? 16.470  -2.823  -9.951  1.00 66.71 ? 75  GLN A NE2 1 
ATOM   578  N N   . PRO A 1 76  ? 11.526  -2.113  -8.253  1.00 53.47 ? 76  PRO A N   1 
ATOM   579  C CA  . PRO A 1 76  ? 11.514  -1.540  -6.900  1.00 54.27 ? 76  PRO A CA  1 
ATOM   580  C C   . PRO A 1 76  ? 12.867  -1.672  -6.193  1.00 54.37 ? 76  PRO A C   1 
ATOM   581  O O   . PRO A 1 76  ? 13.771  -2.340  -6.689  1.00 55.27 ? 76  PRO A O   1 
ATOM   582  C CB  . PRO A 1 76  ? 10.419  -2.343  -6.208  1.00 53.24 ? 76  PRO A CB  1 
ATOM   583  C CG  . PRO A 1 76  ? 10.612  -3.720  -6.807  1.00 52.22 ? 76  PRO A CG  1 
ATOM   584  C CD  . PRO A 1 76  ? 10.866  -3.438  -8.278  1.00 51.31 ? 76  PRO A CD  1 
ATOM   585  N N   . GLU A 1 77  ? 12.999  -1.025  -5.040  1.00 57.05 ? 77  GLU A N   1 
ATOM   586  C CA  . GLU A 1 77  ? 14.231  -1.104  -4.263  1.00 62.67 ? 77  GLU A CA  1 
ATOM   587  C C   . GLU A 1 77  ? 14.377  -2.561  -3.798  1.00 64.75 ? 77  GLU A C   1 
ATOM   588  O O   . GLU A 1 77  ? 13.406  -3.185  -3.360  1.00 62.95 ? 77  GLU A O   1 
ATOM   589  C CB  . GLU A 1 77  ? 14.149  -0.143  -3.078  1.00 65.81 ? 77  GLU A CB  1 
ATOM   590  C CG  . GLU A 1 77  ? 13.491  1.173   -3.462  1.00 73.25 ? 77  GLU A CG  1 
ATOM   591  C CD  . GLU A 1 77  ? 13.560  2.224   -2.374  1.00 80.04 ? 77  GLU A CD  1 
ATOM   592  O OE1 . GLU A 1 77  ? 13.348  1.884   -1.190  1.00 84.32 ? 77  GLU A OE1 1 
ATOM   593  O OE2 . GLU A 1 77  ? 13.810  3.403   -2.710  1.00 84.37 ? 77  GLU A OE2 1 
ATOM   594  N N   . GLN A 1 78  ? 15.588  -3.099  -3.908  1.00 65.83 ? 78  GLN A N   1 
ATOM   595  C CA  . GLN A 1 78  ? 15.837  -4.491  -3.554  1.00 64.97 ? 78  GLN A CA  1 
ATOM   596  C C   . GLN A 1 78  ? 16.607  -4.701  -2.261  1.00 65.69 ? 78  GLN A C   1 
ATOM   597  O O   . GLN A 1 78  ? 16.681  -5.821  -1.760  1.00 69.08 ? 78  GLN A O   1 
ATOM   598  C CB  . GLN A 1 78  ? 16.579  -5.194  -4.695  1.00 68.12 ? 78  GLN A CB  1 
ATOM   599  C CG  . GLN A 1 78  ? 15.866  -5.147  -6.040  1.00 72.68 ? 78  GLN A CG  1 
ATOM   600  C CD  . GLN A 1 78  ? 16.638  -5.864  -7.139  1.00 77.20 ? 78  GLN A CD  1 
ATOM   601  O OE1 . GLN A 1 78  ? 17.751  -6.355  -6.916  1.00 78.14 ? 78  GLN A OE1 1 
ATOM   602  N NE2 . GLN A 1 78  ? 16.050  -5.930  -8.331  1.00 76.36 ? 78  GLN A NE2 1 
ATOM   603  N N   . ASN A 1 79  ? 17.196  -3.643  -1.723  1.00 64.02 ? 79  ASN A N   1 
ATOM   604  C CA  . ASN A 1 79  ? 17.950  -3.790  -0.492  1.00 64.22 ? 79  ASN A CA  1 
ATOM   605  C C   . ASN A 1 79  ? 17.584  -2.751  0.556   1.00 63.48 ? 79  ASN A C   1 
ATOM   606  O O   . ASN A 1 79  ? 17.291  -1.595  0.240   1.00 63.30 ? 79  ASN A O   1 
ATOM   607  C CB  . ASN A 1 79  ? 19.456  -3.749  -0.777  1.00 70.38 ? 79  ASN A CB  1 
ATOM   608  C CG  . ASN A 1 79  ? 19.955  -5.008  -1.482  1.00 73.44 ? 79  ASN A CG  1 
ATOM   609  O OD1 . ASN A 1 79  ? 19.880  -5.126  -2.710  1.00 72.39 ? 79  ASN A OD1 1 
ATOM   610  N ND2 . ASN A 1 79  ? 20.456  -5.964  -0.699  1.00 76.14 ? 79  ASN A ND2 1 
ATOM   611  N N   . PHE A 1 80  ? 17.602  -3.185  1.812   1.00 60.28 ? 80  PHE A N   1 
ATOM   612  C CA  . PHE A 1 80  ? 17.260  -2.323  2.931   1.00 56.20 ? 80  PHE A CA  1 
ATOM   613  C C   . PHE A 1 80  ? 18.296  -2.524  4.022   1.00 55.53 ? 80  PHE A C   1 
ATOM   614  O O   . PHE A 1 80  ? 19.121  -3.431  3.929   1.00 57.64 ? 80  PHE A O   1 
ATOM   615  C CB  . PHE A 1 80  ? 15.846  -2.662  3.417   1.00 52.83 ? 80  PHE A CB  1 
ATOM   616  C CG  . PHE A 1 80  ? 14.818  -2.638  2.315   1.00 44.99 ? 80  PHE A CG  1 
ATOM   617  C CD1 . PHE A 1 80  ? 14.730  -3.695  1.407   1.00 43.17 ? 80  PHE A CD1 1 
ATOM   618  C CD2 . PHE A 1 80  ? 14.015  -1.514  2.118   1.00 44.00 ? 80  PHE A CD2 1 
ATOM   619  C CE1 . PHE A 1 80  ? 13.863  -3.633  0.312   1.00 40.54 ? 80  PHE A CE1 1 
ATOM   620  C CE2 . PHE A 1 80  ? 13.147  -1.436  1.029   1.00 42.59 ? 80  PHE A CE2 1 
ATOM   621  C CZ  . PHE A 1 80  ? 13.072  -2.499  0.121   1.00 42.86 ? 80  PHE A CZ  1 
ATOM   622  N N   . LYS A 1 81  ? 18.253  -1.688  5.051   1.00 54.32 ? 81  LYS A N   1 
ATOM   623  C CA  . LYS A 1 81  ? 19.234  -1.761  6.128   1.00 57.05 ? 81  LYS A CA  1 
ATOM   624  C C   . LYS A 1 81  ? 18.823  -2.581  7.337   1.00 57.39 ? 81  LYS A C   1 
ATOM   625  O O   . LYS A 1 81  ? 19.670  -3.153  8.019   1.00 56.96 ? 81  LYS A O   1 
ATOM   626  C CB  . LYS A 1 81  ? 19.591  -0.350  6.589   1.00 60.71 ? 81  LYS A CB  1 
ATOM   627  C CG  . LYS A 1 81  ? 20.173  0.535   5.494   1.00 66.64 ? 81  LYS A CG  1 
ATOM   628  C CD  . LYS A 1 81  ? 20.440  1.942   6.013   1.00 72.59 ? 81  LYS A CD  1 
ATOM   629  C CE  . LYS A 1 81  ? 21.180  2.780   4.980   1.00 78.00 ? 81  LYS A CE  1 
ATOM   630  N NZ  . LYS A 1 81  ? 20.422  2.893   3.697   1.00 80.86 ? 81  LYS A NZ  1 
ATOM   631  N N   . SER A 1 82  ? 17.528  -2.644  7.610   1.00 57.85 ? 82  SER A N   1 
ATOM   632  C CA  . SER A 1 82  ? 17.063  -3.388  8.771   1.00 53.13 ? 82  SER A CA  1 
ATOM   633  C C   . SER A 1 82  ? 15.552  -3.456  8.831   1.00 50.75 ? 82  SER A C   1 
ATOM   634  O O   . SER A 1 82  ? 14.857  -2.851  8.010   1.00 48.39 ? 82  SER A O   1 
ATOM   635  C CB  . SER A 1 82  ? 17.571  -2.708  10.039  1.00 51.51 ? 82  SER A CB  1 
ATOM   636  O OG  . SER A 1 82  ? 17.105  -1.368  10.087  1.00 47.98 ? 82  SER A OG  1 
ATOM   637  N N   . LEU A 1 83  ? 15.059  -4.197  9.819   1.00 48.71 ? 83  LEU A N   1 
ATOM   638  C CA  . LEU A 1 83  ? 13.629  -4.352  10.046  1.00 48.44 ? 83  LEU A CA  1 
ATOM   639  C C   . LEU A 1 83  ? 12.957  -2.981  10.127  1.00 50.24 ? 83  LEU A C   1 
ATOM   640  O O   . LEU A 1 83  ? 11.968  -2.724  9.441   1.00 51.54 ? 83  LEU A O   1 
ATOM   641  C CB  . LEU A 1 83  ? 13.390  -5.114  11.351  1.00 45.38 ? 83  LEU A CB  1 
ATOM   642  C CG  . LEU A 1 83  ? 11.923  -5.321  11.727  1.00 45.13 ? 83  LEU A CG  1 
ATOM   643  C CD1 . LEU A 1 83  ? 11.254  -6.202  10.678  1.00 41.48 ? 83  LEU A CD1 1 
ATOM   644  C CD2 . LEU A 1 83  ? 11.827  -5.954  13.111  1.00 41.30 ? 83  LEU A CD2 1 
ATOM   645  N N   . LEU A 1 84  ? 13.507  -2.104  10.966  1.00 51.73 ? 84  LEU A N   1 
ATOM   646  C CA  . LEU A 1 84  ? 12.969  -0.758  11.141  1.00 51.46 ? 84  LEU A CA  1 
ATOM   647  C C   . LEU A 1 84  ? 13.024  0.048   9.852   1.00 52.88 ? 84  LEU A C   1 
ATOM   648  O O   . LEU A 1 84  ? 12.090  0.785   9.521   1.00 51.80 ? 84  LEU A O   1 
ATOM   649  C CB  . LEU A 1 84  ? 13.739  -0.012  12.225  1.00 50.00 ? 84  LEU A CB  1 
ATOM   650  C CG  . LEU A 1 84  ? 13.247  1.415   12.471  1.00 52.89 ? 84  LEU A CG  1 
ATOM   651  C CD1 . LEU A 1 84  ? 11.727  1.425   12.635  1.00 52.43 ? 84  LEU A CD1 1 
ATOM   652  C CD2 . LEU A 1 84  ? 13.920  1.974   13.709  1.00 51.41 ? 84  LEU A CD2 1 
ATOM   653  N N   . ASP A 1 85  ? 14.129  -0.081  9.129   1.00 51.63 ? 85  ASP A N   1 
ATOM   654  C CA  . ASP A 1 85  ? 14.277  0.632   7.870   1.00 51.96 ? 85  ASP A CA  1 
ATOM   655  C C   . ASP A 1 85  ? 13.120  0.243   6.936   1.00 50.86 ? 85  ASP A C   1 
ATOM   656  O O   . ASP A 1 85  ? 12.454  1.103   6.356   1.00 48.56 ? 85  ASP A O   1 
ATOM   657  C CB  . ASP A 1 85  ? 15.635  0.290   7.240   1.00 51.24 ? 85  ASP A CB  1 
ATOM   658  C CG  . ASP A 1 85  ? 15.809  0.887   5.853   1.00 53.92 ? 85  ASP A CG  1 
ATOM   659  O OD1 . ASP A 1 85  ? 15.526  2.094   5.674   1.00 52.93 ? 85  ASP A OD1 1 
ATOM   660  O OD2 . ASP A 1 85  ? 16.237  0.144   4.942   1.00 57.05 ? 85  ASP A OD2 1 
ATOM   661  N N   . VAL A 1 86  ? 12.879  -1.058  6.817   1.00 48.57 ? 86  VAL A N   1 
ATOM   662  C CA  . VAL A 1 86  ? 11.819  -1.577  5.964   1.00 48.82 ? 86  VAL A CA  1 
ATOM   663  C C   . VAL A 1 86  ? 10.448  -0.995  6.292   1.00 47.73 ? 86  VAL A C   1 
ATOM   664  O O   . VAL A 1 86  ? 9.735   -0.502  5.410   1.00 43.03 ? 86  VAL A O   1 
ATOM   665  C CB  . VAL A 1 86  ? 11.725  -3.104  6.085   1.00 51.75 ? 86  VAL A CB  1 
ATOM   666  C CG1 . VAL A 1 86  ? 10.510  -3.613  5.324   1.00 53.25 ? 86  VAL A CG1 1 
ATOM   667  C CG2 . VAL A 1 86  ? 13.000  -3.741  5.557   1.00 51.89 ? 86  VAL A CG2 1 
ATOM   668  N N   . PHE A 1 87  ? 10.081  -1.052  7.565   1.00 45.17 ? 87  PHE A N   1 
ATOM   669  C CA  . PHE A 1 87  ? 8.787   -0.550  7.973   1.00 47.02 ? 87  PHE A CA  1 
ATOM   670  C C   . PHE A 1 87  ? 8.653   0.960   8.017   1.00 48.66 ? 87  PHE A C   1 
ATOM   671  O O   . PHE A 1 87  ? 7.543   1.476   8.088   1.00 52.28 ? 87  PHE A O   1 
ATOM   672  C CB  . PHE A 1 87  ? 8.377   -1.206  9.289   1.00 45.35 ? 87  PHE A CB  1 
ATOM   673  C CG  . PHE A 1 87  ? 7.845   -2.596  9.102   1.00 45.93 ? 87  PHE A CG  1 
ATOM   674  C CD1 . PHE A 1 87  ? 6.516   -2.799  8.743   1.00 46.37 ? 87  PHE A CD1 1 
ATOM   675  C CD2 . PHE A 1 87  ? 8.689   -3.698  9.204   1.00 45.54 ? 87  PHE A CD2 1 
ATOM   676  C CE1 . PHE A 1 87  ? 6.034   -4.084  8.485   1.00 49.38 ? 87  PHE A CE1 1 
ATOM   677  C CE2 . PHE A 1 87  ? 8.222   -4.986  8.949   1.00 46.43 ? 87  PHE A CE2 1 
ATOM   678  C CZ  . PHE A 1 87  ? 6.891   -5.182  8.588   1.00 49.16 ? 87  PHE A CZ  1 
ATOM   679  N N   . GLU A 1 88  ? 9.767   1.680   7.963   1.00 52.65 ? 88  GLU A N   1 
ATOM   680  C CA  . GLU A 1 88  ? 9.675   3.134   7.932   1.00 51.96 ? 88  GLU A CA  1 
ATOM   681  C C   . GLU A 1 88  ? 9.370   3.482   6.485   1.00 48.78 ? 88  GLU A C   1 
ATOM   682  O O   . GLU A 1 88  ? 8.522   4.324   6.207   1.00 48.67 ? 88  GLU A O   1 
ATOM   683  C CB  . GLU A 1 88  ? 10.981  3.792   8.387   1.00 55.68 ? 88  GLU A CB  1 
ATOM   684  C CG  . GLU A 1 88  ? 11.237  3.653   9.881   1.00 61.77 ? 88  GLU A CG  1 
ATOM   685  C CD  . GLU A 1 88  ? 12.443  4.443   10.353  1.00 66.13 ? 88  GLU A CD  1 
ATOM   686  O OE1 . GLU A 1 88  ? 13.514  4.339   9.711   1.00 68.54 ? 88  GLU A OE1 1 
ATOM   687  O OE2 . GLU A 1 88  ? 12.323  5.158   11.372  1.00 67.84 ? 88  GLU A OE2 1 
ATOM   688  N N   . LYS A 1 89  ? 10.052  2.804   5.566   1.00 46.64 ? 89  LYS A N   1 
ATOM   689  C CA  . LYS A 1 89  ? 9.838   3.008   4.138   1.00 51.87 ? 89  LYS A CA  1 
ATOM   690  C C   . LYS A 1 89  ? 8.386   2.668   3.781   1.00 53.71 ? 89  LYS A C   1 
ATOM   691  O O   . LYS A 1 89  ? 7.736   3.395   3.026   1.00 52.27 ? 89  LYS A O   1 
ATOM   692  C CB  . LYS A 1 89  ? 10.762  2.104   3.330   1.00 52.52 ? 89  LYS A CB  1 
ATOM   693  C CG  . LYS A 1 89  ? 12.237  2.304   3.583   1.00 56.65 ? 89  LYS A CG  1 
ATOM   694  C CD  . LYS A 1 89  ? 12.741  3.600   2.981   1.00 61.15 ? 89  LYS A CD  1 
ATOM   695  C CE  . LYS A 1 89  ? 14.264  3.651   3.038   1.00 62.15 ? 89  LYS A CE  1 
ATOM   696  N NZ  . LYS A 1 89  ? 14.864  2.537   2.243   1.00 66.50 ? 89  LYS A NZ  1 
ATOM   697  N N   . THR A 1 90  ? 7.895   1.553   4.321   1.00 54.49 ? 90  THR A N   1 
ATOM   698  C CA  . THR A 1 90  ? 6.529   1.100   4.076   1.00 52.24 ? 90  THR A CA  1 
ATOM   699  C C   . THR A 1 90  ? 5.515   2.137   4.549   1.00 52.30 ? 90  THR A C   1 
ATOM   700  O O   . THR A 1 90  ? 4.585   2.482   3.820   1.00 48.96 ? 90  THR A O   1 
ATOM   701  C CB  . THR A 1 90  ? 6.242   -0.226  4.801   1.00 51.17 ? 90  THR A CB  1 
ATOM   702  O OG1 . THR A 1 90  ? 7.137   -1.232  4.325   1.00 53.24 ? 90  THR A OG1 1 
ATOM   703  C CG2 . THR A 1 90  ? 4.829   -0.677  4.539   1.00 49.16 ? 90  THR A CG2 1 
ATOM   704  N N   . TYR A 1 91  ? 5.684   2.624   5.774   1.00 52.00 ? 91  TYR A N   1 
ATOM   705  C CA  . TYR A 1 91  ? 4.778   3.639   6.308   1.00 55.09 ? 91  TYR A CA  1 
ATOM   706  C C   . TYR A 1 91  ? 4.843   4.870   5.411   1.00 57.04 ? 91  TYR A C   1 
ATOM   707  O O   . TYR A 1 91  ? 3.825   5.485   5.081   1.00 53.99 ? 91  TYR A O   1 
ATOM   708  C CB  . TYR A 1 91  ? 5.188   4.027   7.729   1.00 54.12 ? 91  TYR A CB  1 
ATOM   709  C CG  . TYR A 1 91  ? 4.340   5.120   8.344   1.00 60.17 ? 91  TYR A CG  1 
ATOM   710  C CD1 . TYR A 1 91  ? 2.947   5.093   8.240   1.00 61.42 ? 91  TYR A CD1 1 
ATOM   711  C CD2 . TYR A 1 91  ? 4.924   6.155   9.078   1.00 60.08 ? 91  TYR A CD2 1 
ATOM   712  C CE1 . TYR A 1 91  ? 2.156   6.062   8.855   1.00 64.62 ? 91  TYR A CE1 1 
ATOM   713  C CE2 . TYR A 1 91  ? 4.143   7.131   9.700   1.00 63.02 ? 91  TYR A CE2 1 
ATOM   714  C CZ  . TYR A 1 91  ? 2.759   7.078   9.589   1.00 67.27 ? 91  TYR A CZ  1 
ATOM   715  O OH  . TYR A 1 91  ? 1.973   8.014   10.234  1.00 69.98 ? 91  TYR A OH  1 
ATOM   716  N N   . GLU A 1 92  ? 6.067   5.208   5.028   1.00 58.94 ? 92  GLU A N   1 
ATOM   717  C CA  . GLU A 1 92  ? 6.355   6.342   4.170   1.00 58.90 ? 92  GLU A CA  1 
ATOM   718  C C   . GLU A 1 92  ? 5.561   6.211   2.878   1.00 55.84 ? 92  GLU A C   1 
ATOM   719  O O   . GLU A 1 92  ? 4.847   7.133   2.476   1.00 55.55 ? 92  GLU A O   1 
ATOM   720  C CB  . GLU A 1 92  ? 7.857   6.360   3.885   1.00 64.99 ? 92  GLU A CB  1 
ATOM   721  C CG  . GLU A 1 92  ? 8.387   7.566   3.141   1.00 75.69 ? 92  GLU A CG  1 
ATOM   722  C CD  . GLU A 1 92  ? 9.901   7.527   3.039   1.00 83.37 ? 92  GLU A CD  1 
ATOM   723  O OE1 . GLU A 1 92  ? 10.557  7.506   4.106   1.00 88.13 ? 92  GLU A OE1 1 
ATOM   724  O OE2 . GLU A 1 92  ? 10.435  7.507   1.904   1.00 83.08 ? 92  GLU A OE2 1 
ATOM   725  N N   . HIS A 1 93  ? 5.677   5.055   2.234   1.00 53.26 ? 93  HIS A N   1 
ATOM   726  C CA  . HIS A 1 93  ? 4.966   4.815   0.990   1.00 50.17 ? 93  HIS A CA  1 
ATOM   727  C C   . HIS A 1 93  ? 3.443   4.846   1.178   1.00 49.30 ? 93  HIS A C   1 
ATOM   728  O O   . HIS A 1 93  ? 2.714   5.285   0.296   1.00 50.18 ? 93  HIS A O   1 
ATOM   729  C CB  . HIS A 1 93  ? 5.376   3.476   0.392   1.00 48.75 ? 93  HIS A CB  1 
ATOM   730  C CG  . HIS A 1 93  ? 4.988   3.322   -1.043  1.00 54.78 ? 93  HIS A CG  1 
ATOM   731  N ND1 . HIS A 1 93  ? 3.883   2.599   -1.437  1.00 53.16 ? 93  HIS A ND1 1 
ATOM   732  C CD2 . HIS A 1 93  ? 5.594   3.740   -2.177  1.00 55.33 ? 93  HIS A CD2 1 
ATOM   733  C CE1 . HIS A 1 93  ? 3.826   2.575   -2.754  1.00 57.12 ? 93  HIS A CE1 1 
ATOM   734  N NE2 . HIS A 1 93  ? 4.851   3.257   -3.230  1.00 60.23 ? 93  HIS A NE2 1 
ATOM   735  N N   . GLU A 1 94  ? 2.961   4.371   2.317   1.00 49.35 ? 94  GLU A N   1 
ATOM   736  C CA  . GLU A 1 94  ? 1.526   4.388   2.576   1.00 51.07 ? 94  GLU A CA  1 
ATOM   737  C C   . GLU A 1 94  ? 1.011   5.823   2.624   1.00 52.51 ? 94  GLU A C   1 
ATOM   738  O O   . GLU A 1 94  ? -0.039  6.136   2.058   1.00 55.33 ? 94  GLU A O   1 
ATOM   739  C CB  . GLU A 1 94  ? 1.206   3.681   3.894   1.00 53.24 ? 94  GLU A CB  1 
ATOM   740  C CG  . GLU A 1 94  ? 1.210   2.163   3.807   1.00 53.13 ? 94  GLU A CG  1 
ATOM   741  C CD  . GLU A 1 94  ? 0.266   1.641   2.745   1.00 56.04 ? 94  GLU A CD  1 
ATOM   742  O OE1 . GLU A 1 94  ? -0.881  2.133   2.671   1.00 55.69 ? 94  GLU A OE1 1 
ATOM   743  O OE2 . GLU A 1 94  ? 0.667   0.733   1.987   1.00 58.81 ? 94  GLU A OE2 1 
ATOM   744  N N   . GLN A 1 95  ? 1.748   6.696   3.305   1.00 55.29 ? 95  GLN A N   1 
ATOM   745  C CA  . GLN A 1 95  ? 1.361   8.101   3.394   1.00 54.07 ? 95  GLN A CA  1 
ATOM   746  C C   . GLN A 1 95  ? 1.328   8.709   1.997   1.00 53.71 ? 95  GLN A C   1 
ATOM   747  O O   . GLN A 1 95  ? 0.453   9.523   1.688   1.00 53.94 ? 95  GLN A O   1 
ATOM   748  C CB  . GLN A 1 95  ? 2.326   8.869   4.294   1.00 52.37 ? 95  GLN A CB  1 
ATOM   749  C CG  . GLN A 1 95  ? 1.999   8.714   5.761   1.00 62.58 ? 95  GLN A CG  1 
ATOM   750  C CD  . GLN A 1 95  ? 2.861   9.577   6.656   1.00 68.94 ? 95  GLN A CD  1 
ATOM   751  O OE1 . GLN A 1 95  ? 4.066   9.350   6.782   1.00 70.88 ? 95  GLN A OE1 1 
ATOM   752  N NE2 . GLN A 1 95  ? 2.245   10.578  7.286   1.00 73.31 ? 95  GLN A NE2 1 
ATOM   753  N N   . PHE A 1 96  ? 2.276   8.306   1.155   1.00 49.51 ? 96  PHE A N   1 
ATOM   754  C CA  . PHE A 1 96  ? 2.320   8.791   -0.221  1.00 50.97 ? 96  PHE A CA  1 
ATOM   755  C C   . PHE A 1 96  ? 1.019   8.406   -0.939  1.00 52.07 ? 96  PHE A C   1 
ATOM   756  O O   . PHE A 1 96  ? 0.408   9.236   -1.621  1.00 56.54 ? 96  PHE A O   1 
ATOM   757  C CB  . PHE A 1 96  ? 3.523   8.186   -0.952  1.00 48.63 ? 96  PHE A CB  1 
ATOM   758  C CG  . PHE A 1 96  ? 3.477   8.358   -2.437  1.00 48.06 ? 96  PHE A CG  1 
ATOM   759  C CD1 . PHE A 1 96  ? 3.528   9.626   -3.009  1.00 46.88 ? 96  PHE A CD1 1 
ATOM   760  C CD2 . PHE A 1 96  ? 3.360   7.244   -3.274  1.00 50.36 ? 96  PHE A CD2 1 
ATOM   761  C CE1 . PHE A 1 96  ? 3.459   9.789   -4.402  1.00 48.55 ? 96  PHE A CE1 1 
ATOM   762  C CE2 . PHE A 1 96  ? 3.290   7.394   -4.670  1.00 48.71 ? 96  PHE A CE2 1 
ATOM   763  C CZ  . PHE A 1 96  ? 3.339   8.668   -5.234  1.00 46.63 ? 96  PHE A CZ  1 
ATOM   764  N N   . ILE A 1 97  ? 0.595   7.150   -0.774  1.00 49.58 ? 97  ILE A N   1 
ATOM   765  C CA  . ILE A 1 97  ? -0.637  6.660   -1.395  1.00 47.56 ? 97  ILE A CA  1 
ATOM   766  C C   . ILE A 1 97  ? -1.863  7.383   -0.847  1.00 46.52 ? 97  ILE A C   1 
ATOM   767  O O   . ILE A 1 97  ? -2.812  7.662   -1.584  1.00 42.02 ? 97  ILE A O   1 
ATOM   768  C CB  . ILE A 1 97  ? -0.802  5.137   -1.181  1.00 49.25 ? 97  ILE A CB  1 
ATOM   769  C CG1 . ILE A 1 97  ? 0.188   4.386   -2.071  1.00 47.41 ? 97  ILE A CG1 1 
ATOM   770  C CG2 . ILE A 1 97  ? -2.228  4.697   -1.502  1.00 46.37 ? 97  ILE A CG2 1 
ATOM   771  C CD1 . ILE A 1 97  ? 0.165   2.889   -1.871  1.00 52.94 ? 97  ILE A CD1 1 
ATOM   772  N N   . THR A 1 98  ? -1.850  7.683   0.449   1.00 45.69 ? 98  THR A N   1 
ATOM   773  C CA  . THR A 1 98  ? -2.966  8.400   1.044   1.00 47.96 ? 98  THR A CA  1 
ATOM   774  C C   . THR A 1 98  ? -3.065  9.749   0.338   1.00 50.63 ? 98  THR A C   1 
ATOM   775  O O   . THR A 1 98  ? -4.136  10.140  -0.139  1.00 53.96 ? 98  THR A O   1 
ATOM   776  C CB  . THR A 1 98  ? -2.759  8.633   2.554   1.00 48.13 ? 98  THR A CB  1 
ATOM   777  O OG1 . THR A 1 98  ? -2.762  7.373   3.233   1.00 48.79 ? 98  THR A OG1 1 
ATOM   778  C CG2 . THR A 1 98  ? -3.871  9.505   3.121   1.00 45.08 ? 98  THR A CG2 1 
ATOM   779  N N   . LYS A 1 99  ? -1.934  10.447  0.254   1.00 49.76 ? 99  LYS A N   1 
ATOM   780  C CA  . LYS A 1 99  ? -1.885  11.748  -0.395  1.00 46.59 ? 99  LYS A CA  1 
ATOM   781  C C   . LYS A 1 99  ? -2.437  11.639  -1.807  1.00 45.19 ? 99  LYS A C   1 
ATOM   782  O O   . LYS A 1 99  ? -3.266  12.461  -2.211  1.00 45.68 ? 99  LYS A O   1 
ATOM   783  C CB  . LYS A 1 99  ? -0.450  12.285  -0.432  1.00 48.58 ? 99  LYS A CB  1 
ATOM   784  N N   . SER A 1 100 ? -1.988  10.638  -2.562  1.00 38.91 ? 100 SER A N   1 
ATOM   785  C CA  . SER A 1 100 ? -2.509  10.470  -3.920  1.00 45.13 ? 100 SER A CA  1 
ATOM   786  C C   . SER A 1 100 ? -4.042  10.360  -3.913  1.00 50.29 ? 100 SER A C   1 
ATOM   787  O O   . SER A 1 100 ? -4.713  10.938  -4.777  1.00 49.62 ? 100 SER A O   1 
ATOM   788  C CB  . SER A 1 100 ? -1.937  9.214   -4.578  1.00 44.71 ? 100 SER A CB  1 
ATOM   789  O OG  . SER A 1 100 ? -0.536  9.307   -4.739  1.00 56.06 ? 100 SER A OG  1 
ATOM   790  N N   . ILE A 1 101 ? -4.588  9.617   -2.941  1.00 48.64 ? 101 ILE A N   1 
ATOM   791  C CA  . ILE A 1 101 ? -6.030  9.434   -2.847  1.00 48.18 ? 101 ILE A CA  1 
ATOM   792  C C   . ILE A 1 101 ? -6.732  10.761  -2.577  1.00 47.33 ? 101 ILE A C   1 
ATOM   793  O O   . ILE A 1 101 ? -7.757  11.059  -3.198  1.00 43.77 ? 101 ILE A O   1 
ATOM   794  C CB  . ILE A 1 101 ? -6.417  8.407   -1.742  1.00 52.09 ? 101 ILE A CB  1 
ATOM   795  C CG1 . ILE A 1 101 ? -5.817  7.035   -2.057  1.00 50.56 ? 101 ILE A CG1 1 
ATOM   796  C CG2 . ILE A 1 101 ? -7.941  8.247   -1.676  1.00 45.75 ? 101 ILE A CG2 1 
ATOM   797  C CD1 . ILE A 1 101 ? -6.333  6.432   -3.350  1.00 55.59 ? 101 ILE A CD1 1 
ATOM   798  N N   . ASN A 1 102 ? -6.191  11.556  -1.658  1.00 46.41 ? 102 ASN A N   1 
ATOM   799  C CA  . ASN A 1 102 ? -6.779  12.863  -1.358  1.00 48.44 ? 102 ASN A CA  1 
ATOM   800  C C   . ASN A 1 102 ? -6.825  13.742  -2.608  1.00 49.36 ? 102 ASN A C   1 
ATOM   801  O O   . ASN A 1 102 ? -7.841  14.382  -2.891  1.00 46.22 ? 102 ASN A O   1 
ATOM   802  C CB  . ASN A 1 102 ? -5.983  13.585  -0.277  1.00 50.69 ? 102 ASN A CB  1 
ATOM   803  C CG  . ASN A 1 102 ? -6.156  12.964  1.075   1.00 52.09 ? 102 ASN A CG  1 
ATOM   804  O OD1 . ASN A 1 102 ? -7.274  12.666  1.485   1.00 54.89 ? 102 ASN A OD1 1 
ATOM   805  N ND2 . ASN A 1 102 ? -5.054  12.772  1.790   1.00 55.99 ? 102 ASN A ND2 1 
ATOM   806  N N   . THR A 1 103 ? -5.725  13.773  -3.358  1.00 47.52 ? 103 THR A N   1 
ATOM   807  C CA  . THR A 1 103 ? -5.676  14.567  -4.581  1.00 49.58 ? 103 THR A CA  1 
ATOM   808  C C   . THR A 1 103 ? -6.786  14.110  -5.543  1.00 50.01 ? 103 THR A C   1 
ATOM   809  O O   . THR A 1 103 ? -7.429  14.932  -6.189  1.00 56.69 ? 103 THR A O   1 
ATOM   810  C CB  . THR A 1 103 ? -4.286  14.448  -5.277  1.00 51.24 ? 103 THR A CB  1 
ATOM   811  O OG1 . THR A 1 103 ? -3.256  14.880  -4.374  1.00 51.62 ? 103 THR A OG1 1 
ATOM   812  C CG2 . THR A 1 103 ? -4.230  15.313  -6.530  1.00 45.36 ? 103 THR A CG2 1 
ATOM   813  N N   . LEU A 1 104 ? -7.018  12.805  -5.632  1.00 48.88 ? 104 LEU A N   1 
ATOM   814  C CA  . LEU A 1 104 ? -8.065  12.280  -6.508  1.00 47.65 ? 104 LEU A CA  1 
ATOM   815  C C   . LEU A 1 104 ? -9.445  12.699  -6.041  1.00 45.44 ? 104 LEU A C   1 
ATOM   816  O O   . LEU A 1 104 ? -10.301 13.073  -6.841  1.00 42.72 ? 104 LEU A O   1 
ATOM   817  C CB  . LEU A 1 104 ? -8.030  10.751  -6.556  1.00 48.04 ? 104 LEU A CB  1 
ATOM   818  C CG  . LEU A 1 104 ? -6.991  10.076  -7.436  1.00 50.04 ? 104 LEU A CG  1 
ATOM   819  C CD1 . LEU A 1 104 ? -7.165  8.566   -7.336  1.00 53.81 ? 104 LEU A CD1 1 
ATOM   820  C CD2 . LEU A 1 104 ? -7.163  10.545  -8.870  1.00 50.84 ? 104 LEU A CD2 1 
ATOM   821  N N   . VAL A 1 105 ? -9.665  12.599  -4.738  1.00 46.14 ? 105 VAL A N   1 
ATOM   822  C CA  . VAL A 1 105 ? -10.949 12.953  -4.159  1.00 47.20 ? 105 VAL A CA  1 
ATOM   823  C C   . VAL A 1 105 ? -11.227 14.426  -4.432  1.00 47.19 ? 105 VAL A C   1 
ATOM   824  O O   . VAL A 1 105 ? -12.318 14.780  -4.868  1.00 45.89 ? 105 VAL A O   1 
ATOM   825  C CB  . VAL A 1 105 ? -10.964 12.641  -2.626  1.00 48.58 ? 105 VAL A CB  1 
ATOM   826  C CG1 . VAL A 1 105 ? -12.248 13.151  -1.979  1.00 44.78 ? 105 VAL A CG1 1 
ATOM   827  C CG2 . VAL A 1 105 ? -10.839 11.136  -2.417  1.00 44.07 ? 105 VAL A CG2 1 
ATOM   828  N N   . GLU A 1 106 ? -10.226 15.272  -4.196  1.00 49.51 ? 106 GLU A N   1 
ATOM   829  C CA  . GLU A 1 106 ? -10.354 16.708  -4.437  1.00 51.22 ? 106 GLU A CA  1 
ATOM   830  C C   . GLU A 1 106 ? -10.762 16.968  -5.884  1.00 48.70 ? 106 GLU A C   1 
ATOM   831  O O   . GLU A 1 106 ? -11.733 17.682  -6.149  1.00 47.95 ? 106 GLU A O   1 
ATOM   832  C CB  . GLU A 1 106 ? -9.029  17.417  -4.154  1.00 57.05 ? 106 GLU A CB  1 
ATOM   833  C CG  . GLU A 1 106 ? -9.108  18.938  -4.195  1.00 61.71 ? 106 GLU A CG  1 
ATOM   834  C CD  . GLU A 1 106 ? -7.763  19.596  -3.941  1.00 65.54 ? 106 GLU A CD  1 
ATOM   835  O OE1 . GLU A 1 106 ? -6.825  19.361  -4.732  1.00 64.41 ? 106 GLU A OE1 1 
ATOM   836  O OE2 . GLU A 1 106 ? -7.645  20.352  -2.952  1.00 69.83 ? 106 GLU A OE2 1 
ATOM   837  N N   . HIS A 1 107 ? -10.025 16.381  -6.821  1.00 45.08 ? 107 HIS A N   1 
ATOM   838  C CA  . HIS A 1 107 ? -10.345 16.572  -8.222  1.00 50.26 ? 107 HIS A CA  1 
ATOM   839  C C   . HIS A 1 107 ? -11.770 16.158  -8.587  1.00 50.66 ? 107 HIS A C   1 
ATOM   840  O O   . HIS A 1 107 ? -12.362 16.733  -9.500  1.00 55.77 ? 107 HIS A O   1 
ATOM   841  C CB  . HIS A 1 107 ? -9.355  15.831  -9.122  1.00 54.46 ? 107 HIS A CB  1 
ATOM   842  C CG  . HIS A 1 107 ? -9.557  16.109  -10.582 1.00 66.24 ? 107 HIS A CG  1 
ATOM   843  N ND1 . HIS A 1 107 ? -10.673 15.686  -11.272 1.00 68.67 ? 107 HIS A ND1 1 
ATOM   844  C CD2 . HIS A 1 107 ? -8.811  16.812  -11.469 1.00 68.28 ? 107 HIS A CD2 1 
ATOM   845  C CE1 . HIS A 1 107 ? -10.606 16.116  -12.521 1.00 69.46 ? 107 HIS A CE1 1 
ATOM   846  N NE2 . HIS A 1 107 ? -9.487  16.802  -12.665 1.00 69.02 ? 107 HIS A NE2 1 
ATOM   847  N N   . MET A 1 108 ? -12.330 15.174  -7.890  1.00 49.81 ? 108 MET A N   1 
ATOM   848  C CA  . MET A 1 108 ? -13.693 14.741  -8.199  1.00 47.46 ? 108 MET A CA  1 
ATOM   849  C C   . MET A 1 108 ? -14.716 15.778  -7.754  1.00 47.76 ? 108 MET A C   1 
ATOM   850  O O   . MET A 1 108 ? -15.714 16.011  -8.440  1.00 43.06 ? 108 MET A O   1 
ATOM   851  C CB  . MET A 1 108 ? -14.014 13.405  -7.529  1.00 44.03 ? 108 MET A CB  1 
ATOM   852  C CG  . MET A 1 108 ? -13.101 12.266  -7.918  1.00 43.78 ? 108 MET A CG  1 
ATOM   853  S SD  . MET A 1 108 ? -12.872 12.078  -9.692  1.00 47.19 ? 108 MET A SD  1 
ATOM   854  C CE  . MET A 1 108 ? -11.113 11.972  -9.780  1.00 41.78 ? 108 MET A CE  1 
ATOM   855  N N   . LEU A 1 109 ? -14.465 16.391  -6.601  1.00 50.49 ? 109 LEU A N   1 
ATOM   856  C CA  . LEU A 1 109 ? -15.363 17.404  -6.065  1.00 54.06 ? 109 LEU A CA  1 
ATOM   857  C C   . LEU A 1 109 ? -15.348 18.686  -6.892  1.00 55.67 ? 109 LEU A C   1 
ATOM   858  O O   . LEU A 1 109 ? -16.407 19.246  -7.203  1.00 53.25 ? 109 LEU A O   1 
ATOM   859  C CB  . LEU A 1 109 ? -15.000 17.739  -4.618  1.00 52.85 ? 109 LEU A CB  1 
ATOM   860  C CG  . LEU A 1 109 ? -15.518 16.802  -3.529  1.00 55.63 ? 109 LEU A CG  1 
ATOM   861  C CD1 . LEU A 1 109 ? -15.289 17.449  -2.159  1.00 54.69 ? 109 LEU A CD1 1 
ATOM   862  C CD2 . LEU A 1 109 ? -17.004 16.546  -3.738  1.00 52.51 ? 109 LEU A CD2 1 
ATOM   863  N N   . THR A 1 110 ? -14.153 19.146  -7.254  1.00 55.53 ? 110 THR A N   1 
ATOM   864  C CA  . THR A 1 110 ? -14.048 20.373  -8.029  1.00 57.76 ? 110 THR A CA  1 
ATOM   865  C C   . THR A 1 110 ? -14.621 20.176  -9.423  1.00 57.97 ? 110 THR A C   1 
ATOM   866  O O   . THR A 1 110 ? -15.349 21.035  -9.919  1.00 61.14 ? 110 THR A O   1 
ATOM   867  C CB  . THR A 1 110 ? -12.584 20.880  -8.151  1.00 56.69 ? 110 THR A CB  1 
ATOM   868  O OG1 . THR A 1 110 ? -11.834 19.999  -8.990  1.00 59.57 ? 110 THR A OG1 1 
ATOM   869  C CG2 . THR A 1 110 ? -11.927 20.949  -6.790  1.00 55.87 ? 110 THR A CG2 1 
ATOM   870  N N   . HIS A 1 111 ? -14.307 19.051  -10.055 1.00 52.70 ? 111 HIS A N   1 
ATOM   871  C CA  . HIS A 1 111 ? -14.821 18.813  -11.386 1.00 52.98 ? 111 HIS A CA  1 
ATOM   872  C C   . HIS A 1 111 ? -16.192 18.171  -11.389 1.00 53.41 ? 111 HIS A C   1 
ATOM   873  O O   . HIS A 1 111 ? -16.659 17.670  -12.416 1.00 51.51 ? 111 HIS A O   1 
ATOM   874  C CB  . HIS A 1 111 ? -13.823 18.001  -12.201 1.00 57.77 ? 111 HIS A CB  1 
ATOM   875  C CG  . HIS A 1 111 ? -12.577 18.759  -12.531 1.00 68.36 ? 111 HIS A CG  1 
ATOM   876  N ND1 . HIS A 1 111 ? -11.990 19.651  -11.658 1.00 72.02 ? 111 HIS A ND1 1 
ATOM   877  C CD2 . HIS A 1 111 ? -11.798 18.746  -13.638 1.00 67.34 ? 111 HIS A CD2 1 
ATOM   878  C CE1 . HIS A 1 111 ? -10.905 20.158  -12.215 1.00 71.28 ? 111 HIS A CE1 1 
ATOM   879  N NE2 . HIS A 1 111 ? -10.766 19.626  -13.414 1.00 70.66 ? 111 HIS A NE2 1 
ATOM   880  N N   . LYS A 1 112 ? -16.834 18.194  -10.228 1.00 53.18 ? 112 LYS A N   1 
ATOM   881  C CA  . LYS A 1 112 ? -18.188 17.674  -10.059 1.00 55.44 ? 112 LYS A CA  1 
ATOM   882  C C   . LYS A 1 112 ? -18.494 16.220  -10.452 1.00 53.40 ? 112 LYS A C   1 
ATOM   883  O O   . LYS A 1 112 ? -19.597 15.934  -10.916 1.00 51.98 ? 112 LYS A O   1 
ATOM   884  C CB  . LYS A 1 112 ? -19.158 18.607  -10.789 1.00 57.86 ? 112 LYS A CB  1 
ATOM   885  C CG  . LYS A 1 112 ? -18.991 20.064  -10.390 1.00 64.36 ? 112 LYS A CG  1 
ATOM   886  C CD  . LYS A 1 112 ? -19.743 21.007  -11.309 1.00 69.65 ? 112 LYS A CD  1 
ATOM   887  C CE  . LYS A 1 112 ? -19.256 22.440  -11.109 1.00 75.25 ? 112 LYS A CE  1 
ATOM   888  N NZ  . LYS A 1 112 ? -20.016 23.450  -11.913 1.00 79.77 ? 112 LYS A NZ  1 
ATOM   889  N N   . ASP A 1 113 ? -17.541 15.304  -10.287 1.00 51.99 ? 113 ASP A N   1 
ATOM   890  C CA  . ASP A 1 113 ? -17.818 13.896  -10.603 1.00 50.68 ? 113 ASP A CA  1 
ATOM   891  C C   . ASP A 1 113 ? -18.212 13.194  -9.300  1.00 50.56 ? 113 ASP A C   1 
ATOM   892  O O   . ASP A 1 113 ? -17.383 12.573  -8.626  1.00 46.21 ? 113 ASP A O   1 
ATOM   893  C CB  . ASP A 1 113 ? -16.602 13.190  -11.196 1.00 47.64 ? 113 ASP A CB  1 
ATOM   894  C CG  . ASP A 1 113 ? -16.910 11.749  -11.587 1.00 50.90 ? 113 ASP A CG  1 
ATOM   895  O OD1 . ASP A 1 113 ? -18.030 11.275  -11.296 1.00 45.85 ? 113 ASP A OD1 1 
ATOM   896  O OD2 . ASP A 1 113 ? -16.038 11.090  -12.185 1.00 53.84 ? 113 ASP A OD2 1 
ATOM   897  N N   . TYR A 1 114 ? -19.486 13.297  -8.951  1.00 47.05 ? 114 TYR A N   1 
ATOM   898  C CA  . TYR A 1 114 ? -19.967 12.712  -7.719  1.00 51.75 ? 114 TYR A CA  1 
ATOM   899  C C   . TYR A 1 114 ? -19.991 11.182  -7.669  1.00 51.55 ? 114 TYR A C   1 
ATOM   900  O O   . TYR A 1 114 ? -19.879 10.605  -6.589  1.00 53.80 ? 114 TYR A O   1 
ATOM   901  C CB  . TYR A 1 114 ? -21.326 13.330  -7.385  1.00 54.46 ? 114 TYR A CB  1 
ATOM   902  C CG  . TYR A 1 114 ? -21.204 14.834  -7.202  1.00 59.81 ? 114 TYR A CG  1 
ATOM   903  C CD1 . TYR A 1 114 ? -20.306 15.372  -6.267  1.00 59.86 ? 114 TYR A CD1 1 
ATOM   904  C CD2 . TYR A 1 114 ? -21.936 15.724  -7.995  1.00 61.54 ? 114 TYR A CD2 1 
ATOM   905  C CE1 . TYR A 1 114 ? -20.137 16.745  -6.133  1.00 59.74 ? 114 TYR A CE1 1 
ATOM   906  C CE2 . TYR A 1 114 ? -21.774 17.106  -7.869  1.00 60.20 ? 114 TYR A CE2 1 
ATOM   907  C CZ  . TYR A 1 114 ? -20.873 17.605  -6.939  1.00 65.16 ? 114 TYR A CZ  1 
ATOM   908  O OH  . TYR A 1 114 ? -20.703 18.964  -6.821  1.00 71.30 ? 114 TYR A OH  1 
ATOM   909  N N   . SER A 1 115 ? -20.116 10.522  -8.816  1.00 48.17 ? 115 SER A N   1 
ATOM   910  C CA  . SER A 1 115 ? -20.095 9.064   -8.832  1.00 47.04 ? 115 SER A CA  1 
ATOM   911  C C   . SER A 1 115 ? -18.716 8.577   -8.392  1.00 45.62 ? 115 SER A C   1 
ATOM   912  O O   . SER A 1 115 ? -18.595 7.832   -7.424  1.00 45.04 ? 115 SER A O   1 
ATOM   913  C CB  . SER A 1 115 ? -20.393 8.520   -10.231 1.00 50.44 ? 115 SER A CB  1 
ATOM   914  O OG  . SER A 1 115 ? -21.789 8.429   -10.457 1.00 62.39 ? 115 SER A OG  1 
ATOM   915  N N   . THR A 1 116 ? -17.678 8.997   -9.109  1.00 42.96 ? 116 THR A N   1 
ATOM   916  C CA  . THR A 1 116 ? -16.322 8.592   -8.771  1.00 41.41 ? 116 THR A CA  1 
ATOM   917  C C   . THR A 1 116 ? -15.952 9.046   -7.366  1.00 40.80 ? 116 THR A C   1 
ATOM   918  O O   . THR A 1 116 ? -15.134 8.416   -6.701  1.00 43.83 ? 116 THR A O   1 
ATOM   919  C CB  . THR A 1 116 ? -15.309 9.151   -9.776  1.00 39.32 ? 116 THR A CB  1 
ATOM   920  O OG1 . THR A 1 116 ? -15.662 8.710   -11.088 1.00 41.31 ? 116 THR A OG1 1 
ATOM   921  C CG2 . THR A 1 116 ? -13.910 8.658   -9.461  1.00 36.73 ? 116 THR A CG2 1 
ATOM   922  N N   . PHE A 1 117 ? -16.559 10.137  -6.908  1.00 43.74 ? 117 PHE A N   1 
ATOM   923  C CA  . PHE A 1 117 ? -16.293 10.628  -5.552  1.00 43.46 ? 117 PHE A CA  1 
ATOM   924  C C   . PHE A 1 117 ? -16.825 9.591   -4.573  1.00 41.36 ? 117 PHE A C   1 
ATOM   925  O O   . PHE A 1 117 ? -16.170 9.228   -3.601  1.00 39.83 ? 117 PHE A O   1 
ATOM   926  C CB  . PHE A 1 117 ? -17.004 11.958  -5.286  1.00 38.99 ? 117 PHE A CB  1 
ATOM   927  C CG  . PHE A 1 117 ? -16.895 12.414  -3.860  1.00 40.63 ? 117 PHE A CG  1 
ATOM   928  C CD1 . PHE A 1 117 ? -15.699 12.928  -3.366  1.00 38.01 ? 117 PHE A CD1 1 
ATOM   929  C CD2 . PHE A 1 117 ? -17.968 12.259  -2.984  1.00 39.32 ? 117 PHE A CD2 1 
ATOM   930  C CE1 . PHE A 1 117 ? -15.577 13.278  -2.011  1.00 40.36 ? 117 PHE A CE1 1 
ATOM   931  C CE2 . PHE A 1 117 ? -17.854 12.605  -1.625  1.00 39.30 ? 117 PHE A CE2 1 
ATOM   932  C CZ  . PHE A 1 117 ? -16.663 13.112  -1.139  1.00 36.38 ? 117 PHE A CZ  1 
ATOM   933  N N   . ASN A 1 118 ? -18.040 9.137   -4.849  1.00 40.63 ? 118 ASN A N   1 
ATOM   934  C CA  . ASN A 1 118 ? -18.702 8.135   -4.035  1.00 41.31 ? 118 ASN A CA  1 
ATOM   935  C C   . ASN A 1 118 ? -17.863 6.850   -4.034  1.00 40.37 ? 118 ASN A C   1 
ATOM   936  O O   . ASN A 1 118 ? -17.487 6.329   -2.982  1.00 38.53 ? 118 ASN A O   1 
ATOM   937  C CB  . ASN A 1 118 ? -20.092 7.870   -4.612  1.00 43.18 ? 118 ASN A CB  1 
ATOM   938  C CG  . ASN A 1 118 ? -20.847 6.810   -3.854  1.00 45.74 ? 118 ASN A CG  1 
ATOM   939  O OD1 . ASN A 1 118 ? -20.390 5.684   -3.727  1.00 51.16 ? 118 ASN A OD1 1 
ATOM   940  N ND2 . ASN A 1 118 ? -22.017 7.166   -3.347  1.00 51.96 ? 118 ASN A ND2 1 
ATOM   941  N N   . PHE A 1 119 ? -17.566 6.354   -5.226  1.00 36.73 ? 119 PHE A N   1 
ATOM   942  C CA  . PHE A 1 119 ? -16.781 5.147   -5.369  1.00 36.35 ? 119 PHE A CA  1 
ATOM   943  C C   . PHE A 1 119 ? -15.441 5.188   -4.632  1.00 40.58 ? 119 PHE A C   1 
ATOM   944  O O   . PHE A 1 119 ? -14.973 4.164   -4.140  1.00 46.42 ? 119 PHE A O   1 
ATOM   945  C CB  . PHE A 1 119 ? -16.518 4.868   -6.842  1.00 35.53 ? 119 PHE A CB  1 
ATOM   946  C CG  . PHE A 1 119 ? -15.468 3.826   -7.070  1.00 40.98 ? 119 PHE A CG  1 
ATOM   947  C CD1 . PHE A 1 119 ? -15.785 2.473   -7.012  1.00 39.34 ? 119 PHE A CD1 1 
ATOM   948  C CD2 . PHE A 1 119 ? -14.143 4.197   -7.286  1.00 42.46 ? 119 PHE A CD2 1 
ATOM   949  C CE1 . PHE A 1 119 ? -14.799 1.508   -7.162  1.00 38.08 ? 119 PHE A CE1 1 
ATOM   950  C CE2 . PHE A 1 119 ? -13.151 3.237   -7.436  1.00 41.37 ? 119 PHE A CE2 1 
ATOM   951  C CZ  . PHE A 1 119 ? -13.479 1.890   -7.373  1.00 42.45 ? 119 PHE A CZ  1 
ATOM   952  N N   . LEU A 1 120 ? -14.812 6.355   -4.563  1.00 39.45 ? 120 LEU A N   1 
ATOM   953  C CA  . LEU A 1 120 ? -13.517 6.446   -3.900  1.00 40.98 ? 120 LEU A CA  1 
ATOM   954  C C   . LEU A 1 120 ? -13.564 6.501   -2.376  1.00 41.30 ? 120 LEU A C   1 
ATOM   955  O O   . LEU A 1 120 ? -12.514 6.438   -1.722  1.00 39.90 ? 120 LEU A O   1 
ATOM   956  C CB  . LEU A 1 120 ? -12.734 7.658   -4.413  1.00 40.99 ? 120 LEU A CB  1 
ATOM   957  C CG  . LEU A 1 120 ? -12.042 7.626   -5.781  1.00 47.95 ? 120 LEU A CG  1 
ATOM   958  C CD1 . LEU A 1 120 ? -11.334 8.963   -5.966  1.00 46.18 ? 120 LEU A CD1 1 
ATOM   959  C CD2 . LEU A 1 120 ? -11.033 6.480   -5.887  1.00 42.12 ? 120 LEU A CD2 1 
ATOM   960  N N   . GLN A 1 121 ? -14.759 6.616   -1.803  1.00 38.02 ? 121 GLN A N   1 
ATOM   961  C CA  . GLN A 1 121 ? -14.858 6.702   -0.351  1.00 38.45 ? 121 GLN A CA  1 
ATOM   962  C C   . GLN A 1 121 ? -14.298 5.463   0.308   1.00 41.23 ? 121 GLN A C   1 
ATOM   963  O O   . GLN A 1 121 ? -13.819 5.505   1.442   1.00 39.49 ? 121 GLN A O   1 
ATOM   964  C CB  . GLN A 1 121 ? -16.300 6.937   0.074   1.00 33.06 ? 121 GLN A CB  1 
ATOM   965  C CG  . GLN A 1 121 ? -16.774 8.320   -0.294  1.00 42.36 ? 121 GLN A CG  1 
ATOM   966  C CD  . GLN A 1 121 ? -15.800 9.403   0.182   1.00 47.18 ? 121 GLN A CD  1 
ATOM   967  O OE1 . GLN A 1 121 ? -15.581 9.581   1.384   1.00 47.37 ? 121 GLN A OE1 1 
ATOM   968  N NE2 . GLN A 1 121 ? -15.205 10.118  -0.767  1.00 43.95 ? 121 GLN A NE2 1 
ATOM   969  N N   . TRP A 1 122 ? -14.338 4.361   -0.430  1.00 43.06 ? 122 TRP A N   1 
ATOM   970  C CA  . TRP A 1 122 ? -13.818 3.100   0.055   1.00 42.23 ? 122 TRP A CA  1 
ATOM   971  C C   . TRP A 1 122 ? -12.315 3.238   0.325   1.00 44.45 ? 122 TRP A C   1 
ATOM   972  O O   . TRP A 1 122 ? -11.827 2.804   1.373   1.00 44.41 ? 122 TRP A O   1 
ATOM   973  C CB  . TRP A 1 122 ? -14.069 2.008   -0.984  1.00 50.57 ? 122 TRP A CB  1 
ATOM   974  C CG  . TRP A 1 122 ? -13.649 0.682   -0.515  1.00 58.53 ? 122 TRP A CG  1 
ATOM   975  C CD1 . TRP A 1 122 ? -14.323 -0.140  0.351   1.00 60.77 ? 122 TRP A CD1 1 
ATOM   976  C CD2 . TRP A 1 122 ? -12.391 0.052   -0.771  1.00 62.49 ? 122 TRP A CD2 1 
ATOM   977  N NE1 . TRP A 1 122 ? -13.554 -1.240  0.655   1.00 62.91 ? 122 TRP A NE1 1 
ATOM   978  C CE2 . TRP A 1 122 ? -12.363 -1.148  -0.017  1.00 63.59 ? 122 TRP A CE2 1 
ATOM   979  C CE3 . TRP A 1 122 ? -11.282 0.388   -1.559  1.00 59.75 ? 122 TRP A CE3 1 
ATOM   980  C CZ2 . TRP A 1 122 ? -11.264 -2.015  -0.028  1.00 62.94 ? 122 TRP A CZ2 1 
ATOM   981  C CZ3 . TRP A 1 122 ? -10.190 -0.470  -1.570  1.00 65.30 ? 122 TRP A CZ3 1 
ATOM   982  C CH2 . TRP A 1 122 ? -10.190 -1.662  -0.805  1.00 67.15 ? 122 TRP A CH2 1 
ATOM   983  N N   . TYR A 1 123 ? -11.584 3.840   -0.616  1.00 42.55 ? 123 TYR A N   1 
ATOM   984  C CA  . TYR A 1 123 ? -10.138 4.027   -0.460  1.00 43.46 ? 123 TYR A CA  1 
ATOM   985  C C   . TYR A 1 123 ? -9.777  5.006   0.644   1.00 42.35 ? 123 TYR A C   1 
ATOM   986  O O   . TYR A 1 123 ? -8.762  4.843   1.316   1.00 42.68 ? 123 TYR A O   1 
ATOM   987  C CB  . TYR A 1 123 ? -9.493  4.509   -1.761  1.00 46.47 ? 123 TYR A CB  1 
ATOM   988  C CG  . TYR A 1 123 ? -9.454  3.456   -2.819  1.00 48.30 ? 123 TYR A CG  1 
ATOM   989  C CD1 . TYR A 1 123 ? -10.580 3.188   -3.603  1.00 51.62 ? 123 TYR A CD1 1 
ATOM   990  C CD2 . TYR A 1 123 ? -8.321  2.665   -2.985  1.00 50.78 ? 123 TYR A CD2 1 
ATOM   991  C CE1 . TYR A 1 123 ? -10.581 2.145   -4.533  1.00 55.76 ? 123 TYR A CE1 1 
ATOM   992  C CE2 . TYR A 1 123 ? -8.306  1.617   -3.905  1.00 58.33 ? 123 TYR A CE2 1 
ATOM   993  C CZ  . TYR A 1 123 ? -9.440  1.361   -4.677  1.00 59.32 ? 123 TYR A CZ  1 
ATOM   994  O OH  . TYR A 1 123 ? -9.424  0.321   -5.581  1.00 59.49 ? 123 TYR A OH  1 
ATOM   995  N N   . VAL A 1 124 ? -10.583 6.039   0.822   1.00 40.34 ? 124 VAL A N   1 
ATOM   996  C CA  . VAL A 1 124 ? -10.290 6.987   1.880   1.00 44.15 ? 124 VAL A CA  1 
ATOM   997  C C   . VAL A 1 124 ? -10.345 6.204   3.180   1.00 43.99 ? 124 VAL A C   1 
ATOM   998  O O   . VAL A 1 124 ? -9.404  6.196   3.963   1.00 47.91 ? 124 VAL A O   1 
ATOM   999  C CB  . VAL A 1 124 ? -11.335 8.124   1.929   1.00 44.95 ? 124 VAL A CB  1 
ATOM   1000 C CG1 . VAL A 1 124 ? -11.149 8.958   3.200   1.00 41.23 ? 124 VAL A CG1 1 
ATOM   1001 C CG2 . VAL A 1 124 ? -11.207 8.990   0.688   1.00 41.96 ? 124 VAL A CG2 1 
ATOM   1002 N N   . SER A 1 125 ? -11.464 5.527   3.383   1.00 46.16 ? 125 SER A N   1 
ATOM   1003 C CA  . SER A 1 125 ? -11.691 4.724   4.570   1.00 48.01 ? 125 SER A CA  1 
ATOM   1004 C C   . SER A 1 125 ? -10.577 3.689   4.777   1.00 48.16 ? 125 SER A C   1 
ATOM   1005 O O   . SER A 1 125 ? -10.013 3.573   5.862   1.00 50.09 ? 125 SER A O   1 
ATOM   1006 C CB  . SER A 1 125 ? -13.045 4.029   4.432   1.00 47.30 ? 125 SER A CB  1 
ATOM   1007 O OG  . SER A 1 125 ? -13.446 3.452   5.650   1.00 52.41 ? 125 SER A OG  1 
ATOM   1008 N N   . GLU A 1 126 ? -10.262 2.948   3.722   1.00 48.59 ? 126 GLU A N   1 
ATOM   1009 C CA  . GLU A 1 126 ? -9.234  1.917   3.763   1.00 53.20 ? 126 GLU A CA  1 
ATOM   1010 C C   . GLU A 1 126 ? -7.850  2.431   4.163   1.00 52.64 ? 126 GLU A C   1 
ATOM   1011 O O   . GLU A 1 126 ? -7.175  1.802   4.983   1.00 51.03 ? 126 GLU A O   1 
ATOM   1012 C CB  . GLU A 1 126 ? -9.152  1.227   2.397   1.00 61.55 ? 126 GLU A CB  1 
ATOM   1013 C CG  . GLU A 1 126 ? -8.434  -0.119  2.397   1.00 69.95 ? 126 GLU A CG  1 
ATOM   1014 C CD  . GLU A 1 126 ? -9.073  -1.129  3.339   1.00 72.88 ? 126 GLU A CD  1 
ATOM   1015 O OE1 . GLU A 1 126 ? -10.320 -1.229  3.354   1.00 72.58 ? 126 GLU A OE1 1 
ATOM   1016 O OE2 . GLU A 1 126 ? -8.323  -1.829  4.056   1.00 75.04 ? 126 GLU A OE2 1 
ATOM   1017 N N   . GLN A 1 127 ? -7.424  3.555   3.582   1.00 50.78 ? 127 GLN A N   1 
ATOM   1018 C CA  . GLN A 1 127 ? -6.113  4.122   3.906   1.00 49.72 ? 127 GLN A CA  1 
ATOM   1019 C C   . GLN A 1 127 ? -6.047  4.623   5.346   1.00 49.64 ? 127 GLN A C   1 
ATOM   1020 O O   . GLN A 1 127 ? -4.969  4.678   5.941   1.00 48.01 ? 127 GLN A O   1 
ATOM   1021 C CB  . GLN A 1 127 ? -5.736  5.252   2.942   1.00 47.81 ? 127 GLN A CB  1 
ATOM   1022 C CG  . GLN A 1 127 ? -5.347  4.786   1.544   1.00 48.48 ? 127 GLN A CG  1 
ATOM   1023 C CD  . GLN A 1 127 ? -4.109  3.894   1.523   1.00 51.18 ? 127 GLN A CD  1 
ATOM   1024 O OE1 . GLN A 1 127 ? -4.146  2.762   1.032   1.00 49.47 ? 127 GLN A OE1 1 
ATOM   1025 N NE2 . GLN A 1 127 ? -3.004  4.396   2.068   1.00 49.88 ? 127 GLN A NE2 1 
ATOM   1026 N N   . HIS A 1 128 ? -7.184  5.004   5.923   1.00 47.94 ? 128 HIS A N   1 
ATOM   1027 C CA  . HIS A 1 128 ? -7.154  5.436   7.311   1.00 52.96 ? 128 HIS A CA  1 
ATOM   1028 C C   . HIS A 1 128 ? -6.709  4.208   8.106   1.00 56.94 ? 128 HIS A C   1 
ATOM   1029 O O   . HIS A 1 128 ? -5.860  4.296   8.995   1.00 58.04 ? 128 HIS A O   1 
ATOM   1030 C CB  . HIS A 1 128 ? -8.539  5.876   7.794   1.00 49.29 ? 128 HIS A CB  1 
ATOM   1031 C CG  . HIS A 1 128 ? -8.678  5.861   9.288   1.00 55.87 ? 128 HIS A CG  1 
ATOM   1032 N ND1 . HIS A 1 128 ? -8.084  6.800   10.104  1.00 57.31 ? 128 HIS A ND1 1 
ATOM   1033 C CD2 . HIS A 1 128 ? -9.292  4.981   10.116  1.00 56.03 ? 128 HIS A CD2 1 
ATOM   1034 C CE1 . HIS A 1 128 ? -8.324  6.498   11.369  1.00 57.40 ? 128 HIS A CE1 1 
ATOM   1035 N NE2 . HIS A 1 128 ? -9.054  5.398   11.403  1.00 55.47 ? 128 HIS A NE2 1 
ATOM   1036 N N   . GLU A 1 129 ? -7.299  3.063   7.762   1.00 59.04 ? 129 GLU A N   1 
ATOM   1037 C CA  . GLU A 1 129 ? -7.003  1.787   8.403   1.00 58.86 ? 129 GLU A CA  1 
ATOM   1038 C C   . GLU A 1 129 ? -5.532  1.402   8.278   1.00 57.12 ? 129 GLU A C   1 
ATOM   1039 O O   . GLU A 1 129 ? -4.852  1.150   9.269   1.00 51.71 ? 129 GLU A O   1 
ATOM   1040 C CB  . GLU A 1 129 ? -7.828  0.668   7.764   1.00 63.33 ? 129 GLU A CB  1 
ATOM   1041 C CG  . GLU A 1 129 ? -9.327  0.790   7.893   1.00 70.91 ? 129 GLU A CG  1 
ATOM   1042 C CD  . GLU A 1 129 ? -9.789  0.677   9.319   1.00 75.42 ? 129 GLU A CD  1 
ATOM   1043 O OE1 . GLU A 1 129 ? -9.242  -0.178  10.047  1.00 78.39 ? 129 GLU A OE1 1 
ATOM   1044 O OE2 . GLU A 1 129 ? -10.703 1.434   9.707   1.00 80.21 ? 129 GLU A OE2 1 
ATOM   1045 N N   . GLU A 1 130 ? -5.051  1.350   7.044   1.00 56.41 ? 130 GLU A N   1 
ATOM   1046 C CA  . GLU A 1 130 ? -3.685  0.951   6.793   1.00 57.12 ? 130 GLU A CA  1 
ATOM   1047 C C   . GLU A 1 130 ? -2.615  1.898   7.296   1.00 56.18 ? 130 GLU A C   1 
ATOM   1048 O O   . GLU A 1 130 ? -1.517  1.467   7.646   1.00 53.94 ? 130 GLU A O   1 
ATOM   1049 C CB  . GLU A 1 130 ? -3.513  0.649   5.305   1.00 59.70 ? 130 GLU A CB  1 
ATOM   1050 C CG  . GLU A 1 130 ? -3.972  -0.769  4.974   1.00 65.65 ? 130 GLU A CG  1 
ATOM   1051 C CD  . GLU A 1 130 ? -4.077  -1.032  3.491   1.00 73.61 ? 130 GLU A CD  1 
ATOM   1052 O OE1 . GLU A 1 130 ? -3.089  -0.776  2.770   1.00 77.58 ? 130 GLU A OE1 1 
ATOM   1053 O OE2 . GLU A 1 130 ? -5.149  -1.502  3.045   1.00 77.41 ? 130 GLU A OE2 1 
ATOM   1054 N N   . GLU A 1 131 ? -2.927  3.187   7.358   1.00 60.18 ? 131 GLU A N   1 
ATOM   1055 C CA  . GLU A 1 131 ? -1.947  4.147   7.843   1.00 58.47 ? 131 GLU A CA  1 
ATOM   1056 C C   . GLU A 1 131 ? -1.814  3.938   9.345   1.00 55.46 ? 131 GLU A C   1 
ATOM   1057 O O   . GLU A 1 131 ? -0.716  3.960   9.895   1.00 57.92 ? 131 GLU A O   1 
ATOM   1058 C CB  . GLU A 1 131 ? -2.388  5.577   7.524   1.00 62.13 ? 131 GLU A CB  1 
ATOM   1059 C CG  . GLU A 1 131 ? -1.246  6.587   7.608   1.00 70.74 ? 131 GLU A CG  1 
ATOM   1060 C CD  . GLU A 1 131 ? -1.549  7.908   6.915   1.00 72.03 ? 131 GLU A CD  1 
ATOM   1061 O OE1 . GLU A 1 131 ? -1.810  7.901   5.690   1.00 67.66 ? 131 GLU A OE1 1 
ATOM   1062 O OE2 . GLU A 1 131 ? -1.516  8.954   7.599   1.00 76.44 ? 131 GLU A OE2 1 
ATOM   1063 N N   . ALA A 1 132 ? -2.940  3.712   10.008  1.00 53.42 ? 132 ALA A N   1 
ATOM   1064 C CA  . ALA A 1 132 ? -2.935  3.470   11.445  1.00 53.28 ? 132 ALA A CA  1 
ATOM   1065 C C   . ALA A 1 132 ? -2.117  2.206   11.757  1.00 54.71 ? 132 ALA A C   1 
ATOM   1066 O O   . ALA A 1 132 ? -1.253  2.209   12.639  1.00 55.34 ? 132 ALA A O   1 
ATOM   1067 C CB  . ALA A 1 132 ? -4.370  3.312   11.950  1.00 52.25 ? 132 ALA A CB  1 
ATOM   1068 N N   . LEU A 1 133 ? -2.397  1.136   11.018  1.00 51.76 ? 133 LEU A N   1 
ATOM   1069 C CA  . LEU A 1 133 ? -1.719  -0.147  11.170  1.00 50.62 ? 133 LEU A CA  1 
ATOM   1070 C C   . LEU A 1 133 ? -0.190  -0.059  11.093  1.00 51.82 ? 133 LEU A C   1 
ATOM   1071 O O   . LEU A 1 133 ? 0.510   -0.529  11.987  1.00 52.73 ? 133 LEU A O   1 
ATOM   1072 C CB  . LEU A 1 133 ? -2.228  -1.107  10.096  1.00 50.23 ? 133 LEU A CB  1 
ATOM   1073 C CG  . LEU A 1 133 ? -1.584  -2.481  9.936   1.00 47.50 ? 133 LEU A CG  1 
ATOM   1074 C CD1 . LEU A 1 133 ? -1.867  -3.336  11.158  1.00 48.26 ? 133 LEU A CD1 1 
ATOM   1075 C CD2 . LEU A 1 133 ? -2.139  -3.136  8.687   1.00 47.51 ? 133 LEU A CD2 1 
ATOM   1076 N N   . PHE A 1 134 ? 0.323   0.534   10.020  1.00 53.68 ? 134 PHE A N   1 
ATOM   1077 C CA  . PHE A 1 134 ? 1.767   0.657   9.834   1.00 54.04 ? 134 PHE A CA  1 
ATOM   1078 C C   . PHE A 1 134 ? 2.431   1.619   10.811  1.00 56.05 ? 134 PHE A C   1 
ATOM   1079 O O   . PHE A 1 134 ? 3.564   1.382   11.245  1.00 55.39 ? 134 PHE A O   1 
ATOM   1080 C CB  . PHE A 1 134 ? 2.074   1.039   8.384   1.00 50.61 ? 134 PHE A CB  1 
ATOM   1081 C CG  . PHE A 1 134 ? 1.930   -0.113  7.427   1.00 50.57 ? 134 PHE A CG  1 
ATOM   1082 C CD1 . PHE A 1 134 ? 2.894   -1.115  7.380   1.00 47.67 ? 134 PHE A CD1 1 
ATOM   1083 C CD2 . PHE A 1 134 ? 0.795   -0.239  6.627   1.00 52.07 ? 134 PHE A CD2 1 
ATOM   1084 C CE1 . PHE A 1 134 ? 2.733   -2.231  6.553   1.00 50.51 ? 134 PHE A CE1 1 
ATOM   1085 C CE2 . PHE A 1 134 ? 0.621   -1.352  5.795   1.00 53.67 ? 134 PHE A CE2 1 
ATOM   1086 C CZ  . PHE A 1 134 ? 1.597   -2.353  5.760   1.00 51.24 ? 134 PHE A CZ  1 
ATOM   1087 N N   . ARG A 1 135 ? 1.735   2.694   11.171  1.00 55.67 ? 135 ARG A N   1 
ATOM   1088 C CA  . ARG A 1 135 ? 2.286   3.634   12.137  1.00 56.10 ? 135 ARG A CA  1 
ATOM   1089 C C   . ARG A 1 135 ? 2.519   2.849   13.432  1.00 53.23 ? 135 ARG A C   1 
ATOM   1090 O O   . ARG A 1 135 ? 3.548   2.996   14.096  1.00 51.85 ? 135 ARG A O   1 
ATOM   1091 C CB  . ARG A 1 135 ? 1.306   4.777   12.404  1.00 60.26 ? 135 ARG A CB  1 
ATOM   1092 C CG  . ARG A 1 135 ? 1.826   5.803   13.407  1.00 64.16 ? 135 ARG A CG  1 
ATOM   1093 C CD  . ARG A 1 135 ? 0.710   6.680   13.940  1.00 68.74 ? 135 ARG A CD  1 
ATOM   1094 N NE  . ARG A 1 135 ? -0.013  7.342   12.857  1.00 78.84 ? 135 ARG A NE  1 
ATOM   1095 C CZ  . ARG A 1 135 ? -1.298  7.137   12.580  1.00 80.38 ? 135 ARG A CZ  1 
ATOM   1096 N NH1 . ARG A 1 135 ? -2.006  6.283   13.311  1.00 76.78 ? 135 ARG A NH1 1 
ATOM   1097 N NH2 . ARG A 1 135 ? -1.876  7.782   11.568  1.00 81.53 ? 135 ARG A NH2 1 
ATOM   1098 N N   . GLY A 1 136 ? 1.556   1.999   13.766  1.00 50.65 ? 136 GLY A N   1 
ATOM   1099 C CA  . GLY A 1 136 ? 1.654   1.190   14.965  1.00 49.76 ? 136 GLY A CA  1 
ATOM   1100 C C   . GLY A 1 136 ? 2.830   0.236   14.954  1.00 50.39 ? 136 GLY A C   1 
ATOM   1101 O O   . GLY A 1 136 ? 3.505   0.076   15.977  1.00 48.03 ? 136 GLY A O   1 
ATOM   1102 N N   . ILE A 1 137 ? 3.079   -0.402  13.809  1.00 48.62 ? 137 ILE A N   1 
ATOM   1103 C CA  . ILE A 1 137 ? 4.196   -1.337  13.693  1.00 50.24 ? 137 ILE A CA  1 
ATOM   1104 C C   . ILE A 1 137 ? 5.513   -0.621  13.995  1.00 50.36 ? 137 ILE A C   1 
ATOM   1105 O O   . ILE A 1 137 ? 6.344   -1.121  14.755  1.00 48.81 ? 137 ILE A O   1 
ATOM   1106 C CB  . ILE A 1 137 ? 4.321   -1.936  12.268  1.00 51.83 ? 137 ILE A CB  1 
ATOM   1107 C CG1 . ILE A 1 137 ? 2.983   -2.526  11.803  1.00 54.28 ? 137 ILE A CG1 1 
ATOM   1108 C CG2 . ILE A 1 137 ? 5.412   -3.005  12.259  1.00 48.97 ? 137 ILE A CG2 1 
ATOM   1109 C CD1 . ILE A 1 137 ? 2.498   -3.702  12.611  1.00 52.02 ? 137 ILE A CD1 1 
ATOM   1110 N N   . VAL A 1 138 ? 5.692   0.554   13.396  1.00 49.45 ? 138 VAL A N   1 
ATOM   1111 C CA  . VAL A 1 138 ? 6.914   1.327   13.585  1.00 49.12 ? 138 VAL A CA  1 
ATOM   1112 C C   . VAL A 1 138 ? 7.128   1.716   15.041  1.00 52.36 ? 138 VAL A C   1 
ATOM   1113 O O   . VAL A 1 138 ? 8.212   1.499   15.589  1.00 50.47 ? 138 VAL A O   1 
ATOM   1114 C CB  . VAL A 1 138 ? 6.915   2.612   12.719  1.00 48.11 ? 138 VAL A CB  1 
ATOM   1115 C CG1 . VAL A 1 138 ? 8.179   3.413   12.987  1.00 42.99 ? 138 VAL A CG1 1 
ATOM   1116 C CG2 . VAL A 1 138 ? 6.831   2.254   11.242  1.00 41.61 ? 138 VAL A CG2 1 
ATOM   1117 N N   . ASP A 1 139 ? 6.104   2.296   15.664  1.00 52.86 ? 139 ASP A N   1 
ATOM   1118 C CA  . ASP A 1 139 ? 6.225   2.698   17.063  1.00 56.67 ? 139 ASP A CA  1 
ATOM   1119 C C   . ASP A 1 139 ? 6.566   1.474   17.893  1.00 56.49 ? 139 ASP A C   1 
ATOM   1120 O O   . ASP A 1 139 ? 7.440   1.510   18.765  1.00 56.00 ? 139 ASP A O   1 
ATOM   1121 C CB  . ASP A 1 139 ? 4.923   3.315   17.576  1.00 58.09 ? 139 ASP A CB  1 
ATOM   1122 C CG  . ASP A 1 139 ? 4.580   4.616   16.880  1.00 63.23 ? 139 ASP A CG  1 
ATOM   1123 O OD1 . ASP A 1 139 ? 5.514   5.353   16.503  1.00 63.32 ? 139 ASP A OD1 1 
ATOM   1124 O OD2 . ASP A 1 139 ? 3.376   4.909   16.720  1.00 68.89 ? 139 ASP A OD2 1 
ATOM   1125 N N   . LYS A 1 140 ? 5.869   0.386   17.595  1.00 55.17 ? 140 LYS A N   1 
ATOM   1126 C CA  . LYS A 1 140 ? 6.062   -0.872  18.291  1.00 53.57 ? 140 LYS A CA  1 
ATOM   1127 C C   . LYS A 1 140 ? 7.508   -1.359  18.174  1.00 51.89 ? 140 LYS A C   1 
ATOM   1128 O O   . LYS A 1 140 ? 8.106   -1.785  19.162  1.00 50.60 ? 140 LYS A O   1 
ATOM   1129 C CB  . LYS A 1 140 ? 5.096   -1.923  17.732  1.00 54.05 ? 140 LYS A CB  1 
ATOM   1130 C CG  . LYS A 1 140 ? 4.990   -3.175  18.579  1.00 52.02 ? 140 LYS A CG  1 
ATOM   1131 C CD  . LYS A 1 140 ? 4.535   -2.842  19.987  1.00 53.39 ? 140 LYS A CD  1 
ATOM   1132 C CE  . LYS A 1 140 ? 3.139   -2.241  20.009  1.00 52.32 ? 140 LYS A CE  1 
ATOM   1133 N NZ  . LYS A 1 140 ? 2.698   -1.968  21.409  1.00 54.97 ? 140 LYS A NZ  1 
ATOM   1134 N N   . ILE A 1 141 ? 8.072   -1.296  16.971  1.00 48.80 ? 141 ILE A N   1 
ATOM   1135 C CA  . ILE A 1 141 ? 9.451   -1.734  16.782  1.00 49.49 ? 141 ILE A CA  1 
ATOM   1136 C C   . ILE A 1 141 ? 10.411  -0.842  17.580  1.00 49.18 ? 141 ILE A C   1 
ATOM   1137 O O   . ILE A 1 141 ? 11.379  -1.322  18.169  1.00 45.64 ? 141 ILE A O   1 
ATOM   1138 C CB  . ILE A 1 141 ? 9.850   -1.723  15.284  1.00 50.21 ? 141 ILE A CB  1 
ATOM   1139 C CG1 . ILE A 1 141 ? 8.984   -2.721  14.507  1.00 48.61 ? 141 ILE A CG1 1 
ATOM   1140 C CG2 . ILE A 1 141 ? 11.317  -2.116  15.130  1.00 49.02 ? 141 ILE A CG2 1 
ATOM   1141 C CD1 . ILE A 1 141 ? 9.217   -2.712  13.006  1.00 45.28 ? 141 ILE A CD1 1 
ATOM   1142 N N   . LYS A 1 142 ? 10.137  0.455   17.614  1.00 50.54 ? 142 LYS A N   1 
ATOM   1143 C CA  . LYS A 1 142 ? 10.987  1.362   18.368  1.00 52.28 ? 142 LYS A CA  1 
ATOM   1144 C C   . LYS A 1 142 ? 10.849  1.082   19.861  1.00 51.66 ? 142 LYS A C   1 
ATOM   1145 O O   . LYS A 1 142 ? 11.842  1.035   20.582  1.00 54.40 ? 142 LYS A O   1 
ATOM   1146 C CB  . LYS A 1 142 ? 10.609  2.815   18.081  1.00 55.05 ? 142 LYS A CB  1 
ATOM   1147 C CG  . LYS A 1 142 ? 10.856  3.258   16.651  1.00 57.53 ? 142 LYS A CG  1 
ATOM   1148 C CD  . LYS A 1 142 ? 10.490  4.720   16.490  1.00 63.70 ? 142 LYS A CD  1 
ATOM   1149 C CE  . LYS A 1 142 ? 10.747  5.220   15.076  1.00 64.86 ? 142 LYS A CE  1 
ATOM   1150 N NZ  . LYS A 1 142 ? 10.366  6.656   14.930  1.00 65.29 ? 142 LYS A NZ  1 
ATOM   1151 N N   . LEU A 1 143 ? 9.618   0.887   20.325  1.00 52.24 ? 143 LEU A N   1 
ATOM   1152 C CA  . LEU A 1 143 ? 9.373   0.617   21.742  1.00 53.96 ? 143 LEU A CA  1 
ATOM   1153 C C   . LEU A 1 143 ? 10.059  -0.655  22.243  1.00 54.34 ? 143 LEU A C   1 
ATOM   1154 O O   . LEU A 1 143 ? 10.362  -0.773  23.426  1.00 54.18 ? 143 LEU A O   1 
ATOM   1155 C CB  . LEU A 1 143 ? 7.870   0.512   22.019  1.00 52.34 ? 143 LEU A CB  1 
ATOM   1156 C CG  . LEU A 1 143 ? 7.503   0.137   23.461  1.00 53.37 ? 143 LEU A CG  1 
ATOM   1157 C CD1 . LEU A 1 143 ? 7.826   1.288   24.386  1.00 52.27 ? 143 LEU A CD1 1 
ATOM   1158 C CD2 . LEU A 1 143 ? 6.029   -0.209  23.559  1.00 53.78 ? 143 LEU A CD2 1 
ATOM   1159 N N   . ILE A 1 144 ? 10.291  -1.608  21.349  1.00 55.35 ? 144 ILE A N   1 
ATOM   1160 C CA  . ILE A 1 144 ? 10.935  -2.860  21.726  1.00 56.13 ? 144 ILE A CA  1 
ATOM   1161 C C   . ILE A 1 144 ? 12.455  -2.737  21.678  1.00 60.00 ? 144 ILE A C   1 
ATOM   1162 O O   . ILE A 1 144 ? 13.156  -3.318  22.506  1.00 60.58 ? 144 ILE A O   1 
ATOM   1163 C CB  . ILE A 1 144 ? 10.492  -4.012  20.796  1.00 53.42 ? 144 ILE A CB  1 
ATOM   1164 C CG1 . ILE A 1 144 ? 9.019   -4.331  21.040  1.00 52.70 ? 144 ILE A CG1 1 
ATOM   1165 C CG2 . ILE A 1 144 ? 11.346  -5.244  21.032  1.00 50.49 ? 144 ILE A CG2 1 
ATOM   1166 C CD1 . ILE A 1 144 ? 8.437   -5.337  20.069  1.00 51.68 ? 144 ILE A CD1 1 
ATOM   1167 N N   . GLY A 1 145 ? 12.960  -1.985  20.704  1.00 61.89 ? 145 GLY A N   1 
ATOM   1168 C CA  . GLY A 1 145 ? 14.394  -1.807  20.579  1.00 67.06 ? 145 GLY A CA  1 
ATOM   1169 C C   . GLY A 1 145 ? 15.106  -2.947  19.872  1.00 72.07 ? 145 GLY A C   1 
ATOM   1170 O O   . GLY A 1 145 ? 14.551  -4.032  19.711  1.00 70.55 ? 145 GLY A O   1 
ATOM   1171 N N   . GLU A 1 146 ? 16.343  -2.697  19.445  1.00 77.90 ? 146 GLU A N   1 
ATOM   1172 C CA  . GLU A 1 146 ? 17.140  -3.712  18.758  1.00 82.36 ? 146 GLU A CA  1 
ATOM   1173 C C   . GLU A 1 146 ? 17.980  -4.484  19.777  1.00 83.91 ? 146 GLU A C   1 
ATOM   1174 O O   . GLU A 1 146 ? 18.430  -5.603  19.511  1.00 84.31 ? 146 GLU A O   1 
ATOM   1175 C CB  . GLU A 1 146 ? 18.050  -3.063  17.708  1.00 80.08 ? 146 GLU A CB  1 
ATOM   1176 N N   . HIS A 1 147 ? 18.180  -3.879  20.945  1.00 84.09 ? 147 HIS A N   1 
ATOM   1177 C CA  . HIS A 1 147 ? 18.950  -4.505  22.013  1.00 87.32 ? 147 HIS A CA  1 
ATOM   1178 C C   . HIS A 1 147 ? 18.195  -5.716  22.568  1.00 88.83 ? 147 HIS A C   1 
ATOM   1179 O O   . HIS A 1 147 ? 16.999  -5.880  22.318  1.00 90.00 ? 147 HIS A O   1 
ATOM   1180 C CB  . HIS A 1 147 ? 19.208  -3.497  23.136  1.00 86.75 ? 147 HIS A CB  1 
ATOM   1181 N N   . GLY A 1 148 ? 18.900  -6.556  23.326  1.00 89.29 ? 148 GLY A N   1 
ATOM   1182 C CA  . GLY A 1 148 ? 18.284  -7.743  23.898  1.00 85.30 ? 148 GLY A CA  1 
ATOM   1183 C C   . GLY A 1 148 ? 17.860  -8.723  22.819  1.00 83.45 ? 148 GLY A C   1 
ATOM   1184 O O   . GLY A 1 148 ? 18.625  -9.018  21.894  1.00 82.03 ? 148 GLY A O   1 
ATOM   1185 N N   . ASN A 1 149 ? 16.639  -9.230  22.942  1.00 80.56 ? 149 ASN A N   1 
ATOM   1186 C CA  . ASN A 1 149 ? 16.083  -10.165 21.973  1.00 74.66 ? 149 ASN A CA  1 
ATOM   1187 C C   . ASN A 1 149 ? 15.051  -9.382  21.164  1.00 70.77 ? 149 ASN A C   1 
ATOM   1188 O O   . ASN A 1 149 ? 14.073  -9.939  20.667  1.00 69.61 ? 149 ASN A O   1 
ATOM   1189 C CB  . ASN A 1 149 ? 15.409  -11.319 22.707  1.00 76.50 ? 149 ASN A CB  1 
ATOM   1190 C CG  . ASN A 1 149 ? 16.247  -11.837 23.863  1.00 77.86 ? 149 ASN A CG  1 
ATOM   1191 O OD1 . ASN A 1 149 ? 15.853  -11.730 25.022  1.00 78.51 ? 149 ASN A OD1 1 
ATOM   1192 N ND2 . ASN A 1 149 ? 17.405  -12.407 23.546  1.00 77.85 ? 149 ASN A ND2 1 
ATOM   1193 N N   . GLY A 1 150 ? 15.293  -8.076  21.051  1.00 66.03 ? 150 GLY A N   1 
ATOM   1194 C CA  . GLY A 1 150 ? 14.407  -7.166  20.346  1.00 60.85 ? 150 GLY A CA  1 
ATOM   1195 C C   . GLY A 1 150 ? 13.932  -7.590  18.973  1.00 58.53 ? 150 GLY A C   1 
ATOM   1196 O O   . GLY A 1 150 ? 12.728  -7.727  18.752  1.00 58.57 ? 150 GLY A O   1 
ATOM   1197 N N   . LEU A 1 151 ? 14.865  -7.776  18.042  1.00 55.62 ? 151 LEU A N   1 
ATOM   1198 C CA  . LEU A 1 151 ? 14.512  -8.186  16.688  1.00 51.59 ? 151 LEU A CA  1 
ATOM   1199 C C   . LEU A 1 151 ? 13.572  -9.371  16.694  1.00 48.49 ? 151 LEU A C   1 
ATOM   1200 O O   . LEU A 1 151 ? 12.585  -9.391  15.958  1.00 48.92 ? 151 LEU A O   1 
ATOM   1201 C CB  . LEU A 1 151 ? 15.752  -8.571  15.892  1.00 50.01 ? 151 LEU A CB  1 
ATOM   1202 C CG  . LEU A 1 151 ? 16.426  -7.465  15.106  1.00 49.50 ? 151 LEU A CG  1 
ATOM   1203 C CD1 . LEU A 1 151 ? 17.360  -8.106  14.082  1.00 48.18 ? 151 LEU A CD1 1 
ATOM   1204 C CD2 . LEU A 1 151 ? 15.373  -6.628  14.406  1.00 49.37 ? 151 LEU A CD2 1 
ATOM   1205 N N   . TYR A 1 152 ? 13.900  -10.364 17.513  1.00 45.33 ? 152 TYR A N   1 
ATOM   1206 C CA  . TYR A 1 152 ? 13.084  -11.560 17.624  1.00 46.26 ? 152 TYR A CA  1 
ATOM   1207 C C   . TYR A 1 152 ? 11.669  -11.202 18.066  1.00 47.12 ? 152 TYR A C   1 
ATOM   1208 O O   . TYR A 1 152 ? 10.700  -11.487 17.355  1.00 47.83 ? 152 TYR A O   1 
ATOM   1209 C CB  . TYR A 1 152 ? 13.698  -12.540 18.626  1.00 46.76 ? 152 TYR A CB  1 
ATOM   1210 C CG  . TYR A 1 152 ? 12.824  -13.745 18.884  1.00 49.48 ? 152 TYR A CG  1 
ATOM   1211 C CD1 . TYR A 1 152 ? 12.447  -14.592 17.838  1.00 50.79 ? 152 TYR A CD1 1 
ATOM   1212 C CD2 . TYR A 1 152 ? 12.344  -14.023 20.160  1.00 48.71 ? 152 TYR A CD2 1 
ATOM   1213 C CE1 . TYR A 1 152 ? 11.612  -15.688 18.060  1.00 48.13 ? 152 TYR A CE1 1 
ATOM   1214 C CE2 . TYR A 1 152 ? 11.504  -15.118 20.389  1.00 50.26 ? 152 TYR A CE2 1 
ATOM   1215 C CZ  . TYR A 1 152 ? 11.145  -15.943 19.334  1.00 48.49 ? 152 TYR A CZ  1 
ATOM   1216 O OH  . TYR A 1 152 ? 10.320  -17.022 19.550  1.00 54.25 ? 152 TYR A OH  1 
ATOM   1217 N N   . LEU A 1 153 ? 11.555  -10.576 19.236  1.00 44.28 ? 153 LEU A N   1 
ATOM   1218 C CA  . LEU A 1 153 ? 10.251  -10.190 19.760  1.00 46.92 ? 153 LEU A CA  1 
ATOM   1219 C C   . LEU A 1 153 ? 9.481   -9.319  18.774  1.00 47.39 ? 153 LEU A C   1 
ATOM   1220 O O   . LEU A 1 153 ? 8.262   -9.452  18.635  1.00 50.29 ? 153 LEU A O   1 
ATOM   1221 C CB  . LEU A 1 153 ? 10.396  -9.455  21.095  1.00 43.98 ? 153 LEU A CB  1 
ATOM   1222 C CG  . LEU A 1 153 ? 10.910  -10.302 22.258  1.00 45.67 ? 153 LEU A CG  1 
ATOM   1223 C CD1 . LEU A 1 153 ? 10.985  -9.450  23.515  1.00 41.28 ? 153 LEU A CD1 1 
ATOM   1224 C CD2 . LEU A 1 153 ? 10.000  -11.495 22.463  1.00 37.56 ? 153 LEU A CD2 1 
ATOM   1225 N N   . ALA A 1 154 ? 10.191  -8.434  18.089  1.00 45.02 ? 154 ALA A N   1 
ATOM   1226 C CA  . ALA A 1 154 ? 9.548   -7.563  17.122  1.00 46.83 ? 154 ALA A CA  1 
ATOM   1227 C C   . ALA A 1 154 ? 8.974   -8.374  15.969  1.00 47.31 ? 154 ALA A C   1 
ATOM   1228 O O   . ALA A 1 154 ? 7.823   -8.182  15.575  1.00 46.21 ? 154 ALA A O   1 
ATOM   1229 C CB  . ALA A 1 154 ? 10.541  -6.548  16.590  1.00 49.31 ? 154 ALA A CB  1 
ATOM   1230 N N   . ASP A 1 155 ? 9.779   -9.284  15.432  1.00 46.47 ? 155 ASP A N   1 
ATOM   1231 C CA  . ASP A 1 155 ? 9.335   -10.096 14.312  1.00 49.22 ? 155 ASP A CA  1 
ATOM   1232 C C   . ASP A 1 155 ? 8.154   -10.981 14.695  1.00 49.71 ? 155 ASP A C   1 
ATOM   1233 O O   . ASP A 1 155 ? 7.287   -11.252 13.868  1.00 51.54 ? 155 ASP A O   1 
ATOM   1234 C CB  . ASP A 1 155 ? 10.491  -10.952 13.778  1.00 49.65 ? 155 ASP A CB  1 
ATOM   1235 C CG  . ASP A 1 155 ? 10.153  -11.632 12.451  1.00 49.86 ? 155 ASP A CG  1 
ATOM   1236 O OD1 . ASP A 1 155 ? 9.870   -10.915 11.470  1.00 47.93 ? 155 ASP A OD1 1 
ATOM   1237 O OD2 . ASP A 1 155 ? 10.169  -12.881 12.391  1.00 50.11 ? 155 ASP A OD2 1 
ATOM   1238 N N   . GLN A 1 156 ? 8.116   -11.433 15.947  1.00 50.53 ? 156 GLN A N   1 
ATOM   1239 C CA  . GLN A 1 156 ? 7.017   -12.283 16.403  1.00 49.64 ? 156 GLN A CA  1 
ATOM   1240 C C   . GLN A 1 156 ? 5.750   -11.462 16.612  1.00 47.60 ? 156 GLN A C   1 
ATOM   1241 O O   . GLN A 1 156 ? 4.638   -11.973 16.490  1.00 47.15 ? 156 GLN A O   1 
ATOM   1242 C CB  . GLN A 1 156 ? 7.386   -12.994 17.708  1.00 48.52 ? 156 GLN A CB  1 
ATOM   1243 C CG  . GLN A 1 156 ? 8.444   -14.061 17.542  1.00 55.27 ? 156 GLN A CG  1 
ATOM   1244 C CD  . GLN A 1 156 ? 7.989   -15.219 16.661  1.00 56.13 ? 156 GLN A CD  1 
ATOM   1245 O OE1 . GLN A 1 156 ? 7.155   -16.029 17.064  1.00 58.69 ? 156 GLN A OE1 1 
ATOM   1246 N NE2 . GLN A 1 156 ? 8.539   -15.297 15.453  1.00 56.25 ? 156 GLN A NE2 1 
ATOM   1247 N N   . TYR A 1 157 ? 5.919   -10.188 16.933  1.00 44.81 ? 157 TYR A N   1 
ATOM   1248 C CA  . TYR A 1 157 ? 4.775   -9.328  17.147  1.00 45.94 ? 157 TYR A CA  1 
ATOM   1249 C C   . TYR A 1 157 ? 4.074   -9.147  15.811  1.00 46.35 ? 157 TYR A C   1 
ATOM   1250 O O   . TYR A 1 157 ? 2.849   -9.236  15.713  1.00 46.16 ? 157 TYR A O   1 
ATOM   1251 C CB  . TYR A 1 157 ? 5.224   -7.974  17.686  1.00 45.93 ? 157 TYR A CB  1 
ATOM   1252 C CG  . TYR A 1 157 ? 4.115   -6.954  17.711  1.00 50.29 ? 157 TYR A CG  1 
ATOM   1253 C CD1 . TYR A 1 157 ? 3.159   -6.950  18.728  1.00 49.50 ? 157 TYR A CD1 1 
ATOM   1254 C CD2 . TYR A 1 157 ? 4.007   -6.006  16.699  1.00 51.57 ? 157 TYR A CD2 1 
ATOM   1255 C CE1 . TYR A 1 157 ? 2.122   -6.024  18.733  1.00 50.62 ? 157 TYR A CE1 1 
ATOM   1256 C CE2 . TYR A 1 157 ? 2.973   -5.078  16.691  1.00 56.70 ? 157 TYR A CE2 1 
ATOM   1257 C CZ  . TYR A 1 157 ? 2.036   -5.088  17.708  1.00 57.02 ? 157 TYR A CZ  1 
ATOM   1258 O OH  . TYR A 1 157 ? 1.027   -4.147  17.696  1.00 63.24 ? 157 TYR A OH  1 
ATOM   1259 N N   . ILE A 1 158 ? 4.874   -8.896  14.784  1.00 46.59 ? 158 ILE A N   1 
ATOM   1260 C CA  . ILE A 1 158 ? 4.375   -8.698  13.437  1.00 47.91 ? 158 ILE A CA  1 
ATOM   1261 C C   . ILE A 1 158 ? 3.773   -9.992  12.914  1.00 50.01 ? 158 ILE A C   1 
ATOM   1262 O O   . ILE A 1 158 ? 2.792   -9.969  12.177  1.00 49.91 ? 158 ILE A O   1 
ATOM   1263 C CB  . ILE A 1 158 ? 5.512   -8.220  12.504  1.00 48.94 ? 158 ILE A CB  1 
ATOM   1264 C CG1 . ILE A 1 158 ? 6.044   -6.875  13.014  1.00 49.10 ? 158 ILE A CG1 1 
ATOM   1265 C CG2 . ILE A 1 158 ? 5.018   -8.095  11.064  1.00 45.59 ? 158 ILE A CG2 1 
ATOM   1266 C CD1 . ILE A 1 158 ? 7.258   -6.372  12.277  1.00 50.76 ? 158 ILE A CD1 1 
ATOM   1267 N N   . LYS A 1 159 ? 4.351   -11.124 13.303  1.00 53.23 ? 159 LYS A N   1 
ATOM   1268 C CA  . LYS A 1 159 ? 3.831   -12.411 12.865  1.00 57.00 ? 159 LYS A CA  1 
ATOM   1269 C C   . LYS A 1 159 ? 2.406   -12.607 13.384  1.00 59.59 ? 159 LYS A C   1 
ATOM   1270 O O   . LYS A 1 159 ? 1.547   -13.119 12.670  1.00 58.33 ? 159 LYS A O   1 
ATOM   1271 C CB  . LYS A 1 159 ? 4.722   -13.557 13.354  1.00 59.82 ? 159 LYS A CB  1 
ATOM   1272 C CG  . LYS A 1 159 ? 4.311   -14.923 12.811  1.00 62.05 ? 159 LYS A CG  1 
ATOM   1273 C CD  . LYS A 1 159 ? 5.295   -16.013 13.208  1.00 67.82 ? 159 LYS A CD  1 
ATOM   1274 C CE  . LYS A 1 159 ? 4.952   -17.337 12.532  1.00 74.27 ? 159 LYS A CE  1 
ATOM   1275 N NZ  . LYS A 1 159 ? 5.855   -18.452 12.944  1.00 78.10 ? 159 LYS A NZ  1 
ATOM   1276 N N   . ASN A 1 160 ? 2.153   -12.201 14.626  1.00 60.62 ? 160 ASN A N   1 
ATOM   1277 C CA  . ASN A 1 160 ? 0.817   -12.337 15.191  1.00 65.89 ? 160 ASN A CA  1 
ATOM   1278 C C   . ASN A 1 160 ? -0.182  -11.473 14.432  1.00 67.08 ? 160 ASN A C   1 
ATOM   1279 O O   . ASN A 1 160 ? -1.288  -11.922 14.126  1.00 71.10 ? 160 ASN A O   1 
ATOM   1280 C CB  . ASN A 1 160 ? 0.808   -11.958 16.675  1.00 69.64 ? 160 ASN A CB  1 
ATOM   1281 C CG  . ASN A 1 160 ? 1.446   -13.025 17.551  1.00 75.57 ? 160 ASN A CG  1 
ATOM   1282 O OD1 . ASN A 1 160 ? 1.129   -14.210 17.433  1.00 77.89 ? 160 ASN A OD1 1 
ATOM   1283 N ND2 . ASN A 1 160 ? 2.343   -12.608 18.443  1.00 77.49 ? 160 ASN A ND2 1 
ATOM   1284 N N   . ILE A 1 161 ? 0.208   -10.239 14.129  1.00 65.56 ? 161 ILE A N   1 
ATOM   1285 C CA  . ILE A 1 161 ? -0.654  -9.314  13.400  1.00 66.32 ? 161 ILE A CA  1 
ATOM   1286 C C   . ILE A 1 161 ? -1.078  -9.896  12.054  1.00 69.98 ? 161 ILE A C   1 
ATOM   1287 O O   . ILE A 1 161 ? -2.228  -9.750  11.635  1.00 72.84 ? 161 ILE A O   1 
ATOM   1288 C CB  . ILE A 1 161 ? 0.062   -7.970  13.159  1.00 64.46 ? 161 ILE A CB  1 
ATOM   1289 C CG1 . ILE A 1 161 ? 0.280   -7.266  14.493  1.00 62.69 ? 161 ILE A CG1 1 
ATOM   1290 C CG2 . ILE A 1 161 ? -0.745  -7.099  12.206  1.00 62.33 ? 161 ILE A CG2 1 
ATOM   1291 C CD1 . ILE A 1 161 ? 0.932   -5.920  14.365  1.00 62.72 ? 161 ILE A CD1 1 
ATOM   1292 N N   . ALA A 1 162 ? -0.144  -10.556 11.379  1.00 71.11 ? 162 ALA A N   1 
ATOM   1293 C CA  . ALA A 1 162 ? -0.424  -11.158 10.086  1.00 74.20 ? 162 ALA A CA  1 
ATOM   1294 C C   . ALA A 1 162 ? -1.460  -12.271 10.211  1.00 77.08 ? 162 ALA A C   1 
ATOM   1295 O O   . ALA A 1 162 ? -2.350  -12.397 9.369   1.00 77.53 ? 162 ALA A O   1 
ATOM   1296 C CB  . ALA A 1 162 ? 0.858   -11.710 9.481   1.00 74.10 ? 162 ALA A CB  1 
ATOM   1297 N N   . LEU A 1 163 ? -1.340  -13.073 11.265  1.00 79.16 ? 163 LEU A N   1 
ATOM   1298 C CA  . LEU A 1 163 ? -2.261  -14.178 11.503  1.00 80.67 ? 163 LEU A CA  1 
ATOM   1299 C C   . LEU A 1 163 ? -3.671  -13.706 11.851  1.00 82.21 ? 163 LEU A C   1 
ATOM   1300 O O   . LEU A 1 163 ? -4.656  -14.261 11.360  1.00 80.24 ? 163 LEU A O   1 
ATOM   1301 C CB  . LEU A 1 163 ? -1.732  -15.073 12.629  1.00 79.95 ? 163 LEU A CB  1 
ATOM   1302 C CG  . LEU A 1 163 ? -0.368  -15.736 12.406  1.00 81.63 ? 163 LEU A CG  1 
ATOM   1303 C CD1 . LEU A 1 163 ? -0.030  -16.638 13.593  1.00 79.57 ? 163 LEU A CD1 1 
ATOM   1304 C CD2 . LEU A 1 163 ? -0.390  -16.536 11.113  1.00 77.36 ? 163 LEU A CD2 1 
ATOM   1305 N N   . SER A 1 164 ? -3.762  -12.678 12.691  1.00 84.53 ? 164 SER A N   1 
ATOM   1306 C CA  . SER A 1 164 ? -5.052  -12.145 13.116  1.00 85.65 ? 164 SER A CA  1 
ATOM   1307 C C   . SER A 1 164 ? -5.810  -11.403 12.013  1.00 87.48 ? 164 SER A C   1 
ATOM   1308 O O   . SER A 1 164 ? -6.603  -10.504 12.296  1.00 87.94 ? 164 SER A O   1 
ATOM   1309 C CB  . SER A 1 164 ? -4.867  -11.220 14.326  1.00 84.41 ? 164 SER A CB  1 
ATOM   1310 O OG  . SER A 1 164 ? -4.067  -10.098 14.001  1.00 81.66 ? 164 SER A OG  1 
ATOM   1311 N N   . ARG A 1 165 ? -5.565  -11.779 10.759  1.00 89.83 ? 165 ARG A N   1 
ATOM   1312 C CA  . ARG A 1 165 ? -6.242  -11.160 9.617   1.00 90.00 ? 165 ARG A CA  1 
ATOM   1313 C C   . ARG A 1 165 ? -6.066  -11.977 8.336   1.00 87.30 ? 165 ARG A C   1 
ATOM   1314 C CB  . ARG A 1 165 ? -5.728  -9.732  9.385   1.00 89.27 ? 165 ARG A CB  1 
ATOM   1315 C CG  . ARG A 1 165 ? -4.249  -9.630  9.055   1.00 90.00 ? 165 ARG A CG  1 
ATOM   1316 C CD  . ARG A 1 165 ? -3.967  -8.402  8.196   1.00 90.00 ? 165 ARG A CD  1 
ATOM   1317 N NE  . ARG A 1 165 ? -4.395  -7.163  8.840   1.00 90.00 ? 165 ARG A NE  1 
ATOM   1318 C CZ  . ARG A 1 165 ? -4.495  -5.991  8.217   1.00 90.00 ? 165 ARG A CZ  1 
ATOM   1319 N NH1 . ARG A 1 165 ? -4.197  -5.892  6.926   1.00 89.12 ? 165 ARG A NH1 1 
ATOM   1320 N NH2 . ARG A 1 165 ? -4.900  -4.917  8.885   1.00 90.00 ? 165 ARG A NH2 1 
HETATM 1321 O O   . HOH B 2 .   ? -2.183  0.487   0.981   1.00 29.27 ? 200 HOH A O   1 
HETATM 1322 O O   . HOH B 2 .   ? -4.403  1.537   -1.645  1.00 47.89 ? 201 HOH A O   1 
HETATM 1323 O O   . HOH B 2 .   ? -4.634  7.122   10.662  1.00 49.99 ? 300 HOH A O   1 
HETATM 1324 O O   . HOH B 2 .   ? -6.303  17.550  -7.910  1.00 56.07 ? 301 HOH A O   1 
# 
loop_
_pdbx_poly_seq_scheme.asym_id 
_pdbx_poly_seq_scheme.entity_id 
_pdbx_poly_seq_scheme.seq_id 
_pdbx_poly_seq_scheme.mon_id 
_pdbx_poly_seq_scheme.ndb_seq_num 
_pdbx_poly_seq_scheme.pdb_seq_num 
_pdbx_poly_seq_scheme.auth_seq_num 
_pdbx_poly_seq_scheme.pdb_mon_id 
_pdbx_poly_seq_scheme.auth_mon_id 
_pdbx_poly_seq_scheme.pdb_strand_id 
_pdbx_poly_seq_scheme.pdb_ins_code 
_pdbx_poly_seq_scheme.hetero 
A 1 1   MET 1   1   1   MET MET A . n 
A 1 2   LEU 2   2   2   LEU LEU A . n 
A 1 3   SER 3   3   3   SER SER A . n 
A 1 4   LYS 4   4   4   LYS LYS A . n 
A 1 5   GLU 5   5   5   GLU GLU A . n 
A 1 6   VAL 6   6   6   VAL VAL A . n 
A 1 7   VAL 7   7   7   VAL VAL A . n 
A 1 8   LYS 8   8   8   LYS LYS A . n 
A 1 9   LEU 9   9   9   LEU LEU A . n 
A 1 10  LEU 10  10  10  LEU LEU A . n 
A 1 11  ASN 11  11  11  ASN ASN A . n 
A 1 12  GLU 12  12  12  GLU GLU A . n 
A 1 13  GLN 13  13  13  GLN GLN A . n 
A 1 14  ILE 14  14  14  ILE ILE A . n 
A 1 15  ASN 15  15  15  ASN ASN A . n 
A 1 16  LYS 16  16  16  LYS LYS A . n 
A 1 17  GLU 17  17  17  GLU GLU A . n 
A 1 18  MET 18  18  18  MET MET A . n 
A 1 19  TYR 19  19  19  TYR TYR A . n 
A 1 20  ALA 20  20  20  ALA ALA A . n 
A 1 21  ALA 21  21  21  ALA ALA A . n 
A 1 22  ASN 22  22  22  ASN ASN A . n 
A 1 23  LEU 23  23  23  LEU LEU A . n 
A 1 24  TYR 24  24  24  TYR TYR A . n 
A 1 25  LEU 25  25  25  LEU LEU A . n 
A 1 26  SER 26  26  26  SER SER A . n 
A 1 27  MET 27  27  27  MET MET A . n 
A 1 28  SER 28  28  28  SER SER A . n 
A 1 29  SER 29  29  29  SER SER A . n 
A 1 30  TRP 30  30  30  TRP TRP A . n 
A 1 31  CYS 31  31  31  CYS CYS A . n 
A 1 32  TYR 32  32  32  TYR TYR A . n 
A 1 33  GLU 33  33  33  GLU GLU A . n 
A 1 34  ASN 34  34  34  ASN ASN A . n 
A 1 35  SER 35  35  35  SER SER A . n 
A 1 36  LEU 36  36  36  LEU LEU A . n 
A 1 37  ASP 37  37  37  ASP ASP A . n 
A 1 38  GLY 38  38  38  GLY GLY A . n 
A 1 39  ALA 39  39  39  ALA ALA A . n 
A 1 40  GLY 40  40  40  GLY GLY A . n 
A 1 41  ALA 41  41  41  ALA ALA A . n 
A 1 42  PHE 42  42  42  PHE PHE A . n 
A 1 43  LEU 43  43  43  LEU LEU A . n 
A 1 44  PHE 44  44  44  PHE PHE A . n 
A 1 45  ALA 45  45  45  ALA ALA A . n 
A 1 46  HIS 46  46  46  HIS HIS A . n 
A 1 47  ALA 47  47  47  ALA ALA A . n 
A 1 48  SER 48  48  48  SER SER A . n 
A 1 49  GLU 49  49  49  GLU GLU A . n 
A 1 50  GLU 50  50  50  GLU GLU A . n 
A 1 51  SER 51  51  51  SER SER A . n 
A 1 52  ASP 52  52  52  ASP ASP A . n 
A 1 53  HIS 53  53  53  HIS HIS A . n 
A 1 54  ALA 54  54  54  ALA ALA A . n 
A 1 55  LYS 55  55  55  LYS LYS A . n 
A 1 56  LYS 56  56  56  LYS LYS A . n 
A 1 57  LEU 57  57  57  LEU LEU A . n 
A 1 58  ILE 58  58  58  ILE ILE A . n 
A 1 59  THR 59  59  59  THR THR A . n 
A 1 60  TYR 60  60  60  TYR TYR A . n 
A 1 61  LEU 61  61  61  LEU LEU A . n 
A 1 62  ASN 62  62  62  ASN ASN A . n 
A 1 63  GLU 63  63  63  GLU GLU A . n 
A 1 64  THR 64  64  64  THR THR A . n 
A 1 65  ASP 65  65  65  ASP ASP A . n 
A 1 66  SER 66  66  66  SER SER A . n 
A 1 67  HIS 67  67  67  HIS HIS A . n 
A 1 68  VAL 68  68  68  VAL VAL A . n 
A 1 69  GLU 69  69  69  GLU GLU A . n 
A 1 70  LEU 70  70  70  LEU LEU A . n 
A 1 71  GLN 71  71  71  GLN GLN A . n 
A 1 72  GLU 72  72  72  GLU GLU A . n 
A 1 73  VAL 73  73  73  VAL VAL A . n 
A 1 74  LYS 74  74  74  LYS LYS A . n 
A 1 75  GLN 75  75  75  GLN GLN A . n 
A 1 76  PRO 76  76  76  PRO PRO A . n 
A 1 77  GLU 77  77  77  GLU GLU A . n 
A 1 78  GLN 78  78  78  GLN GLN A . n 
A 1 79  ASN 79  79  79  ASN ASN A . n 
A 1 80  PHE 80  80  80  PHE PHE A . n 
A 1 81  LYS 81  81  81  LYS LYS A . n 
A 1 82  SER 82  82  82  SER SER A . n 
A 1 83  LEU 83  83  83  LEU LEU A . n 
A 1 84  LEU 84  84  84  LEU LEU A . n 
A 1 85  ASP 85  85  85  ASP ASP A . n 
A 1 86  VAL 86  86  86  VAL VAL A . n 
A 1 87  PHE 87  87  87  PHE PHE A . n 
A 1 88  GLU 88  88  88  GLU GLU A . n 
A 1 89  LYS 89  89  89  LYS LYS A . n 
A 1 90  THR 90  90  90  THR THR A . n 
A 1 91  TYR 91  91  91  TYR TYR A . n 
A 1 92  GLU 92  92  92  GLU GLU A . n 
A 1 93  HIS 93  93  93  HIS HIS A . n 
A 1 94  GLU 94  94  94  GLU GLU A . n 
A 1 95  GLN 95  95  95  GLN GLN A . n 
A 1 96  PHE 96  96  96  PHE PHE A . n 
A 1 97  ILE 97  97  97  ILE ILE A . n 
A 1 98  THR 98  98  98  THR THR A . n 
A 1 99  LYS 99  99  99  LYS LYS A . n 
A 1 100 SER 100 100 100 SER SER A . n 
A 1 101 ILE 101 101 101 ILE ILE A . n 
A 1 102 ASN 102 102 102 ASN ASN A . n 
A 1 103 THR 103 103 103 THR THR A . n 
A 1 104 LEU 104 104 104 LEU LEU A . n 
A 1 105 VAL 105 105 105 VAL VAL A . n 
A 1 106 GLU 106 106 106 GLU GLU A . n 
A 1 107 HIS 107 107 107 HIS HIS A . n 
A 1 108 MET 108 108 108 MET MET A . n 
A 1 109 LEU 109 109 109 LEU LEU A . n 
A 1 110 THR 110 110 110 THR THR A . n 
A 1 111 HIS 111 111 111 HIS HIS A . n 
A 1 112 LYS 112 112 112 LYS LYS A . n 
A 1 113 ASP 113 113 113 ASP ASP A . n 
A 1 114 TYR 114 114 114 TYR TYR A . n 
A 1 115 SER 115 115 115 SER SER A . n 
A 1 116 THR 116 116 116 THR THR A . n 
A 1 117 PHE 117 117 117 PHE PHE A . n 
A 1 118 ASN 118 118 118 ASN ASN A . n 
A 1 119 PHE 119 119 119 PHE PHE A . n 
A 1 120 LEU 120 120 120 LEU LEU A . n 
A 1 121 GLN 121 121 121 GLN GLN A . n 
A 1 122 TRP 122 122 122 TRP TRP A . n 
A 1 123 TYR 123 123 123 TYR TYR A . n 
A 1 124 VAL 124 124 124 VAL VAL A . n 
A 1 125 SER 125 125 125 SER SER A . n 
A 1 126 GLU 126 126 126 GLU GLU A . n 
A 1 127 GLN 127 127 127 GLN GLN A . n 
A 1 128 HIS 128 128 128 HIS HIS A . n 
A 1 129 GLU 129 129 129 GLU GLU A . n 
A 1 130 GLU 130 130 130 GLU GLU A . n 
A 1 131 GLU 131 131 131 GLU GLU A . n 
A 1 132 ALA 132 132 132 ALA ALA A . n 
A 1 133 LEU 133 133 133 LEU LEU A . n 
A 1 134 PHE 134 134 134 PHE PHE A . n 
A 1 135 ARG 135 135 135 ARG ARG A . n 
A 1 136 GLY 136 136 136 GLY GLY A . n 
A 1 137 ILE 137 137 137 ILE ILE A . n 
A 1 138 VAL 138 138 138 VAL VAL A . n 
A 1 139 ASP 139 139 139 ASP ASP A . n 
A 1 140 LYS 140 140 140 LYS LYS A . n 
A 1 141 ILE 141 141 141 ILE ILE A . n 
A 1 142 LYS 142 142 142 LYS LYS A . n 
A 1 143 LEU 143 143 143 LEU LEU A . n 
A 1 144 ILE 144 144 144 ILE ILE A . n 
A 1 145 GLY 145 145 145 GLY GLY A . n 
A 1 146 GLU 146 146 146 GLU GLU A . n 
A 1 147 HIS 147 147 147 HIS HIS A . n 
A 1 148 GLY 148 148 148 GLY GLY A . n 
A 1 149 ASN 149 149 149 ASN ASN A . n 
A 1 150 GLY 150 150 150 GLY GLY A . n 
A 1 151 LEU 151 151 151 LEU LEU A . n 
A 1 152 TYR 152 152 152 TYR TYR A . n 
A 1 153 LEU 153 153 153 LEU LEU A . n 
A 1 154 ALA 154 154 154 ALA ALA A . n 
A 1 155 ASP 155 155 155 ASP ASP A . n 
A 1 156 GLN 156 156 156 GLN GLN A . n 
A 1 157 TYR 157 157 157 TYR TYR A . n 
A 1 158 ILE 158 158 158 ILE ILE A . n 
A 1 159 LYS 159 159 159 LYS LYS A . n 
A 1 160 ASN 160 160 160 ASN ASN A . n 
A 1 161 ILE 161 161 161 ILE ILE A . n 
A 1 162 ALA 162 162 162 ALA ALA A . n 
A 1 163 LEU 163 163 163 LEU LEU A . n 
A 1 164 SER 164 164 164 SER SER A . n 
A 1 165 ARG 165 165 165 ARG ARG A . n 
A 1 166 LYS 166 166 ?   ?   ?   A . n 
A 1 167 LYS 167 167 ?   ?   ?   A . n 
# 
loop_
_pdbx_nonpoly_scheme.asym_id 
_pdbx_nonpoly_scheme.entity_id 
_pdbx_nonpoly_scheme.mon_id 
_pdbx_nonpoly_scheme.ndb_seq_num 
_pdbx_nonpoly_scheme.pdb_seq_num 
_pdbx_nonpoly_scheme.auth_seq_num 
_pdbx_nonpoly_scheme.pdb_mon_id 
_pdbx_nonpoly_scheme.auth_mon_id 
_pdbx_nonpoly_scheme.pdb_strand_id 
_pdbx_nonpoly_scheme.pdb_ins_code 
B 2 HOH 1 200 200 HOH HOH A . 
B 2 HOH 2 201 201 HOH HOH A . 
B 2 HOH 3 300 300 HOH HOH A . 
B 2 HOH 4 301 301 HOH HOH A . 
# 
loop_
_pdbx_struct_assembly.id 
_pdbx_struct_assembly.details 
_pdbx_struct_assembly.method_details 
_pdbx_struct_assembly.oligomeric_details 
_pdbx_struct_assembly.oligomeric_count 
1 software_defined_assembly PISA monomeric 1  
2 software_defined_assembly PQS  24-meric  24 
# 
loop_
_pdbx_struct_assembly_gen.assembly_id 
_pdbx_struct_assembly_gen.oper_expression 
_pdbx_struct_assembly_gen.asym_id_list 
1 1                                                              A,B 
2 1,2,3,4,5,6,7,8,9,10,11,12,13,14,15,16,17,18,19,20,21,22,23,24 A,B 
# 
loop_
_pdbx_struct_oper_list.id 
_pdbx_struct_oper_list.type 
_pdbx_struct_oper_list.name 
_pdbx_struct_oper_list.symmetry_operation 
_pdbx_struct_oper_list.matrix[1][1] 
_pdbx_struct_oper_list.matrix[1][2] 
_pdbx_struct_oper_list.matrix[1][3] 
_pdbx_struct_oper_list.vector[1] 
_pdbx_struct_oper_list.matrix[2][1] 
_pdbx_struct_oper_list.matrix[2][2] 
_pdbx_struct_oper_list.matrix[2][3] 
_pdbx_struct_oper_list.vector[2] 
_pdbx_struct_oper_list.matrix[3][1] 
_pdbx_struct_oper_list.matrix[3][2] 
_pdbx_struct_oper_list.matrix[3][3] 
_pdbx_struct_oper_list.vector[3] 
1  'identity operation'         1_555  x,y,z          1.0000000000  0.0000000000  0.0000000000  0.0000000000   0.0000000000  1.0000000000  0.0000000000  0.0000000000   0.0000000000  0.0000000000  1.0000000000  0.0000000000   
2  'crystal symmetry operation' 2_665  -x+1,-y+1,z    0.4675615375  0.7979824561  0.3802764895  5.5012189273   0.7979824561  -0.5660992852 0.2067742710  -33.1798798190 0.3802764895  0.2067742710  -0.9014622523 48.3952734142  
3  'crystal symmetry operation' 3_656  -x+1,y,-z+1    -0.4781684269 -0.8441161889 -0.2425341525 -73.0887619709 -0.8441161889 0.3654446705  0.3923239126  -55.2278943157 -0.2425341525 0.3923239126  -0.8872762436 34.9589365056  
4  'crystal symmetry operation' 4_566  x,-y+1,-z+1    -0.9893931106 0.0461337329  -0.1377423370 -59.4491040916 0.0461337329  -0.7993453854 -0.5990981836 -53.0103495023 -0.1377423370 -0.5990981836 0.7887384959  -22.3325336384 
5  'crystal symmetry operation' 5_555  z,x,y          0.5371369337  -0.5120780235 -0.6702686121 -22.5791927511 0.4490735892  -0.4990431450 0.7411402370  -50.0421713374 -0.7140145839 -0.6990937257 -0.0380937887 -31.5560796371 
6  'crystal symmetry operation' 6_566  z,-x+1,-y+1    -0.4123721032 0.5799185490  0.7025978402  -35.0714303483 0.0935800709  0.7941095455  -0.6005271018 4.8541567755   -0.9061964571 -0.1818914683 -0.3817374423 -14.1317436995 
7  'crystal symmetry operation' 7_665  -z+1,-x+1,y    0.3379744568  -0.9035045703 0.2635389116  -56.9887531283 0.0267657667  -0.2706759068 -0.9622983671 -29.3938274469 0.9407746065  0.3322860889  -0.0672985500 57.9081183854  
8  'crystal symmetry operation' 8_656  -z+1,x,-y+1    -0.4627392873 0.8356640449  -0.2958681397 -12.3972709075 -0.5694194267 -0.0243904938 0.8216852319  -66.8362816281 0.6794364344  0.5486991051  0.4871297811  48.8013812328  
9  'crystal symmetry operation' 9_555  y,z,x          0.5371369337  0.4490735892  -0.7140145839 12.0692347814  -0.5120780235 -0.4990431450 -0.6990937257 -58.5961682436 -0.6702686121 0.7411402370  -0.0380937887 20.7520519102  
10 'crystal symmetry operation' 10_656 -y+1,z,-x+1    0.3379744568  0.0267657667  0.9407746065  -34.4309960798 -0.9035045703 -0.2706759068 0.3322860889  -78.6878619803 0.2635389116  -0.9622983671 -0.0672985500 -9.3697457780  
11 'crystal symmetry operation' 11_566 y,-z+1,-x+1    -0.4627392873 -0.5694194267 0.6794364344  -76.9520179346 0.8356640449  -0.0243904938 0.5486991051  -18.0474905696 -0.2958681397 0.8216852319  0.4871297811  27.4778219293  
12 'crystal symmetry operation' 12_665 -y+1,-z+1,x    -0.4123721032 0.0935800709  -0.9061964571 -27.7228679021 0.5799185490  0.7941095455  -0.1818914683 13.9133971566  0.7025978402  -0.6005271018 -0.3817374423 22.1615482200  
13 'crystal symmetry operation' 13_556 y,x,-z+1       -0.6593831224 -0.2973711361 -0.6904956954 -52.6802328696 -0.2973711361 -0.7403839962 0.6028282887  -80.1711159799 -0.6904956954 0.6028282887  0.3997671185  8.5399510105   
14 'crystal symmetry operation' 14_666 -y+1,-x+1,-z+1 -0.8081784151 -0.5006113199 0.3102192059  -79.8576331929 -0.5006113199 0.3064832813  -0.8096025597 -28.0671278381 0.3102192059  -0.8096025597 -0.4983048662 4.0864518568   
15 'crystal symmetry operation' 15_565 y,-x+1,z       0.7337807687  0.1770252986  0.6559175459  -12.2025502836 0.6209571575  0.2169503574  -0.7532229092 3.5274571667   -0.2756410564 0.9599971802  0.0492688738  39.6899228290  
16 'crystal symmetry operation' 16_655 -y+1,x,z       0.7337807687  0.6209571575  -0.2756410564 17.7037692110  0.1770252986  0.2169503574  0.9599971802  -36.7073369856 0.6559175459  -0.7532229092 0.0492688738  8.7053505852   
17 'crystal symmetry operation' 17_556 x,z,-y+1       0.0053034447  0.9687778413  0.2478736930  -1.1214597553  -0.9226441084 0.1003273073  -0.3723738452 -55.4291904710 -0.3856160301 -0.2267243384 0.8943692480  -18.6511331272 
18 'crystal symmetry operation' 18_655 -x+1,z,y       0.8698079458  -0.4929384854 -0.0211136704 -21.2403015431 -0.4929384854 -0.8700463591 0.0055662084  -81.8548397530 -0.0211136704 0.0055662084  -0.9997615867 30.0334392594  
19 'crystal symmetry operation' 19_666 -x+1,-z+1,-y+1 -0.8804148352 0.4468047526  0.1588560074  -46.3472415005 0.4468047526  0.6693917444  0.5935319752  -6.5529343817  0.1588560074  0.5935319752  -0.7889769092 53.3207706605  
20 'crystal symmetry operation' 20_565 x,-z+1,y       0.0053034447  -0.9226441084 -0.3856160301 -58.3276443363 0.9687778413  0.1003273073  -0.2267243384 2.4188409687   0.2478736930  -0.3723738452 0.8943692480  -3.6814005112  
21 'crystal symmetry operation' 21_556 z,y,-x+1       0.2609157865  -0.6594646617 0.7050030583  -57.5428759748 -0.1846515272 0.6827223353  0.7069611209  -27.8665688953 -0.9475372108 -0.3146372083 0.0563618782  -26.8212434806 
22 'crystal symmetry operation' 22_565 z,-y+1,x       -0.1361509560 0.7273051872  -0.6726738302 -0.1077471246  0.7273051872  -0.3876559347 -0.5663479857 -17.3214456666 -0.6726738302 -0.5663479857 -0.4761931092 -18.8665798561 
23 'crystal symmetry operation' 23_655 -z+1,y,x       0.2609157865  -0.1846515272 -0.9475372108 -15.5458859961 -0.6594646617 0.6827223353  -0.3146372083 -27.3613254203 0.7050030583  0.7069611209  0.0563618782  61.7801799862  
24 'crystal symmetry operation' 24_666 -z+1,-y+1,-x+1 -0.3856806170 0.1168110017  0.9152079827  -53.8401380396 0.1168110017  -0.9777887358 0.1740240731  -68.8687836546 0.9152079827  0.1740240731  0.3634693529  44.9293196320 
# 
loop_
_pdbx_audit_revision_history.ordinal 
_pdbx_audit_revision_history.data_content_type 
_pdbx_audit_revision_history.major_revision 
_pdbx_audit_revision_history.minor_revision 
_pdbx_audit_revision_history.revision_date 
1 'Structure model' 1 0 2002-02-06 
2 'Structure model' 1 1 2008-04-27 
3 'Structure model' 1 2 2011-07-13 
4 'Structure model' 1 3 2023-08-16 
# 
_pdbx_audit_revision_details.ordinal             1 
_pdbx_audit_revision_details.revision_ordinal    1 
_pdbx_audit_revision_details.data_content_type   'Structure model' 
_pdbx_audit_revision_details.provider            repository 
_pdbx_audit_revision_details.type                'Initial release' 
_pdbx_audit_revision_details.description         ? 
_pdbx_audit_revision_details.details             ? 
# 
loop_
_pdbx_audit_revision_group.ordinal 
_pdbx_audit_revision_group.revision_ordinal 
_pdbx_audit_revision_group.data_content_type 
_pdbx_audit_revision_group.group 
1 2 'Structure model' 'Version format compliance' 
2 3 'Structure model' 'Derived calculations'      
3 3 'Structure model' 'Version format compliance' 
4 4 'Structure model' 'Data collection'           
5 4 'Structure model' 'Database references'       
6 4 'Structure model' 'Refinement description'    
# 
loop_
_pdbx_audit_revision_category.ordinal 
_pdbx_audit_revision_category.revision_ordinal 
_pdbx_audit_revision_category.data_content_type 
_pdbx_audit_revision_category.category 
1 4 'Structure model' chem_comp_atom                
2 4 'Structure model' chem_comp_bond                
3 4 'Structure model' database_2                    
4 4 'Structure model' pdbx_initial_refinement_model 
# 
loop_
_pdbx_audit_revision_item.ordinal 
_pdbx_audit_revision_item.revision_ordinal 
_pdbx_audit_revision_item.data_content_type 
_pdbx_audit_revision_item.item 
1 4 'Structure model' '_database_2.pdbx_DOI'                
2 4 'Structure model' '_database_2.pdbx_database_accession' 
# 
loop_
_software.name 
_software.classification 
_software.version 
_software.citation_id 
_software.pdbx_ordinal 
AMoRE  phasing          .         ? 1 
CNS    refinement       1.0       ? 2 
MOSFLM 'data reduction' .         ? 3 
CCP4   'data scaling'   '(SCALA)' ? 4 
# 
_pdbx_database_remark.id     525 
_pdbx_database_remark.text   
;SOLVENT 
WATER MOLECULES HOH 200 AND HOH 201 BIND THE PROTEIN
AT THE FERROXYDASE CENTER (INVOLVED RESIDUES: GLU 17,
GLU 50, HIS 53, GLU 94, GLU 126, GLU 129 and GLU 130)
PREVIOUSLY DESCRIBED IN THE FERRITIN OF E.Coli 
(PDB entry code 1EUM) AND THUS COULD STAND FOR IRON
IONS WITH LOW OCCUPANCY FACTORS.
;
# 
loop_
_pdbx_validate_torsion.id 
_pdbx_validate_torsion.PDB_model_num 
_pdbx_validate_torsion.auth_comp_id 
_pdbx_validate_torsion.auth_asym_id 
_pdbx_validate_torsion.auth_seq_id 
_pdbx_validate_torsion.PDB_ins_code 
_pdbx_validate_torsion.label_alt_id 
_pdbx_validate_torsion.phi 
_pdbx_validate_torsion.psi 
1 1 LEU A 36  ? ? -106.77 58.46 
2 1 SER A 164 ? ? -70.48  27.75 
# 
loop_
_pdbx_unobs_or_zero_occ_atoms.id 
_pdbx_unobs_or_zero_occ_atoms.PDB_model_num 
_pdbx_unobs_or_zero_occ_atoms.polymer_flag 
_pdbx_unobs_or_zero_occ_atoms.occupancy_flag 
_pdbx_unobs_or_zero_occ_atoms.auth_asym_id 
_pdbx_unobs_or_zero_occ_atoms.auth_comp_id 
_pdbx_unobs_or_zero_occ_atoms.auth_seq_id 
_pdbx_unobs_or_zero_occ_atoms.PDB_ins_code 
_pdbx_unobs_or_zero_occ_atoms.auth_atom_id 
_pdbx_unobs_or_zero_occ_atoms.label_alt_id 
_pdbx_unobs_or_zero_occ_atoms.label_asym_id 
_pdbx_unobs_or_zero_occ_atoms.label_comp_id 
_pdbx_unobs_or_zero_occ_atoms.label_seq_id 
_pdbx_unobs_or_zero_occ_atoms.label_atom_id 
1  1 Y 1 A MET 1   ? SD  ? A MET 1   SD  
2  1 Y 1 A MET 1   ? CE  ? A MET 1   CE  
3  1 Y 1 A LYS 4   ? CG  ? A LYS 4   CG  
4  1 Y 1 A LYS 4   ? CD  ? A LYS 4   CD  
5  1 Y 1 A LYS 4   ? CE  ? A LYS 4   CE  
6  1 Y 1 A LYS 4   ? NZ  ? A LYS 4   NZ  
7  1 Y 1 A GLU 5   ? CG  ? A GLU 5   CG  
8  1 Y 1 A GLU 5   ? CD  ? A GLU 5   CD  
9  1 Y 1 A GLU 5   ? OE1 ? A GLU 5   OE1 
10 1 Y 1 A GLU 5   ? OE2 ? A GLU 5   OE2 
11 1 Y 1 A LYS 8   ? CG  ? A LYS 8   CG  
12 1 Y 1 A LYS 8   ? CD  ? A LYS 8   CD  
13 1 Y 1 A LYS 8   ? CE  ? A LYS 8   CE  
14 1 Y 1 A LYS 8   ? NZ  ? A LYS 8   NZ  
15 1 Y 1 A GLN 71  ? CG  ? A GLN 71  CG  
16 1 Y 1 A GLN 71  ? CD  ? A GLN 71  CD  
17 1 Y 1 A GLN 71  ? OE1 ? A GLN 71  OE1 
18 1 Y 1 A GLN 71  ? NE2 ? A GLN 71  NE2 
19 1 Y 1 A LYS 74  ? CG  ? A LYS 74  CG  
20 1 Y 1 A LYS 74  ? CD  ? A LYS 74  CD  
21 1 Y 1 A LYS 74  ? CE  ? A LYS 74  CE  
22 1 Y 1 A LYS 74  ? NZ  ? A LYS 74  NZ  
23 1 Y 1 A LYS 99  ? CG  ? A LYS 99  CG  
24 1 Y 1 A LYS 99  ? CD  ? A LYS 99  CD  
25 1 Y 1 A LYS 99  ? CE  ? A LYS 99  CE  
26 1 Y 1 A LYS 99  ? NZ  ? A LYS 99  NZ  
27 1 Y 1 A GLU 146 ? CG  ? A GLU 146 CG  
28 1 Y 1 A GLU 146 ? CD  ? A GLU 146 CD  
29 1 Y 1 A GLU 146 ? OE1 ? A GLU 146 OE1 
30 1 Y 1 A GLU 146 ? OE2 ? A GLU 146 OE2 
31 1 Y 1 A HIS 147 ? CG  ? A HIS 147 CG  
32 1 Y 1 A HIS 147 ? ND1 ? A HIS 147 ND1 
33 1 Y 1 A HIS 147 ? CD2 ? A HIS 147 CD2 
34 1 Y 1 A HIS 147 ? CE1 ? A HIS 147 CE1 
35 1 Y 1 A HIS 147 ? NE2 ? A HIS 147 NE2 
36 1 Y 1 A ARG 165 ? O   ? A ARG 165 O   
# 
loop_
_pdbx_unobs_or_zero_occ_residues.id 
_pdbx_unobs_or_zero_occ_residues.PDB_model_num 
_pdbx_unobs_or_zero_occ_residues.polymer_flag 
_pdbx_unobs_or_zero_occ_residues.occupancy_flag 
_pdbx_unobs_or_zero_occ_residues.auth_asym_id 
_pdbx_unobs_or_zero_occ_residues.auth_comp_id 
_pdbx_unobs_or_zero_occ_residues.auth_seq_id 
_pdbx_unobs_or_zero_occ_residues.PDB_ins_code 
_pdbx_unobs_or_zero_occ_residues.label_asym_id 
_pdbx_unobs_or_zero_occ_residues.label_comp_id 
_pdbx_unobs_or_zero_occ_residues.label_seq_id 
1 1 Y 1 A LYS 166 ? A LYS 166 
2 1 Y 1 A LYS 167 ? A LYS 167 
# 
loop_
_chem_comp_atom.comp_id 
_chem_comp_atom.atom_id 
_chem_comp_atom.type_symbol 
_chem_comp_atom.pdbx_aromatic_flag 
_chem_comp_atom.pdbx_stereo_config 
_chem_comp_atom.pdbx_ordinal 
ALA N    N N N 1   
ALA CA   C N S 2   
ALA C    C N N 3   
ALA O    O N N 4   
ALA CB   C N N 5   
ALA OXT  O N N 6   
ALA H    H N N 7   
ALA H2   H N N 8   
ALA HA   H N N 9   
ALA HB1  H N N 10  
ALA HB2  H N N 11  
ALA HB3  H N N 12  
ALA HXT  H N N 13  
ARG N    N N N 14  
ARG CA   C N S 15  
ARG C    C N N 16  
ARG O    O N N 17  
ARG CB   C N N 18  
ARG CG   C N N 19  
ARG CD   C N N 20  
ARG NE   N N N 21  
ARG CZ   C N N 22  
ARG NH1  N N N 23  
ARG NH2  N N N 24  
ARG OXT  O N N 25  
ARG H    H N N 26  
ARG H2   H N N 27  
ARG HA   H N N 28  
ARG HB2  H N N 29  
ARG HB3  H N N 30  
ARG HG2  H N N 31  
ARG HG3  H N N 32  
ARG HD2  H N N 33  
ARG HD3  H N N 34  
ARG HE   H N N 35  
ARG HH11 H N N 36  
ARG HH12 H N N 37  
ARG HH21 H N N 38  
ARG HH22 H N N 39  
ARG HXT  H N N 40  
ASN N    N N N 41  
ASN CA   C N S 42  
ASN C    C N N 43  
ASN O    O N N 44  
ASN CB   C N N 45  
ASN CG   C N N 46  
ASN OD1  O N N 47  
ASN ND2  N N N 48  
ASN OXT  O N N 49  
ASN H    H N N 50  
ASN H2   H N N 51  
ASN HA   H N N 52  
ASN HB2  H N N 53  
ASN HB3  H N N 54  
ASN HD21 H N N 55  
ASN HD22 H N N 56  
ASN HXT  H N N 57  
ASP N    N N N 58  
ASP CA   C N S 59  
ASP C    C N N 60  
ASP O    O N N 61  
ASP CB   C N N 62  
ASP CG   C N N 63  
ASP OD1  O N N 64  
ASP OD2  O N N 65  
ASP OXT  O N N 66  
ASP H    H N N 67  
ASP H2   H N N 68  
ASP HA   H N N 69  
ASP HB2  H N N 70  
ASP HB3  H N N 71  
ASP HD2  H N N 72  
ASP HXT  H N N 73  
CYS N    N N N 74  
CYS CA   C N R 75  
CYS C    C N N 76  
CYS O    O N N 77  
CYS CB   C N N 78  
CYS SG   S N N 79  
CYS OXT  O N N 80  
CYS H    H N N 81  
CYS H2   H N N 82  
CYS HA   H N N 83  
CYS HB2  H N N 84  
CYS HB3  H N N 85  
CYS HG   H N N 86  
CYS HXT  H N N 87  
GLN N    N N N 88  
GLN CA   C N S 89  
GLN C    C N N 90  
GLN O    O N N 91  
GLN CB   C N N 92  
GLN CG   C N N 93  
GLN CD   C N N 94  
GLN OE1  O N N 95  
GLN NE2  N N N 96  
GLN OXT  O N N 97  
GLN H    H N N 98  
GLN H2   H N N 99  
GLN HA   H N N 100 
GLN HB2  H N N 101 
GLN HB3  H N N 102 
GLN HG2  H N N 103 
GLN HG3  H N N 104 
GLN HE21 H N N 105 
GLN HE22 H N N 106 
GLN HXT  H N N 107 
GLU N    N N N 108 
GLU CA   C N S 109 
GLU C    C N N 110 
GLU O    O N N 111 
GLU CB   C N N 112 
GLU CG   C N N 113 
GLU CD   C N N 114 
GLU OE1  O N N 115 
GLU OE2  O N N 116 
GLU OXT  O N N 117 
GLU H    H N N 118 
GLU H2   H N N 119 
GLU HA   H N N 120 
GLU HB2  H N N 121 
GLU HB3  H N N 122 
GLU HG2  H N N 123 
GLU HG3  H N N 124 
GLU HE2  H N N 125 
GLU HXT  H N N 126 
GLY N    N N N 127 
GLY CA   C N N 128 
GLY C    C N N 129 
GLY O    O N N 130 
GLY OXT  O N N 131 
GLY H    H N N 132 
GLY H2   H N N 133 
GLY HA2  H N N 134 
GLY HA3  H N N 135 
GLY HXT  H N N 136 
HIS N    N N N 137 
HIS CA   C N S 138 
HIS C    C N N 139 
HIS O    O N N 140 
HIS CB   C N N 141 
HIS CG   C Y N 142 
HIS ND1  N Y N 143 
HIS CD2  C Y N 144 
HIS CE1  C Y N 145 
HIS NE2  N Y N 146 
HIS OXT  O N N 147 
HIS H    H N N 148 
HIS H2   H N N 149 
HIS HA   H N N 150 
HIS HB2  H N N 151 
HIS HB3  H N N 152 
HIS HD1  H N N 153 
HIS HD2  H N N 154 
HIS HE1  H N N 155 
HIS HE2  H N N 156 
HIS HXT  H N N 157 
HOH O    O N N 158 
HOH H1   H N N 159 
HOH H2   H N N 160 
ILE N    N N N 161 
ILE CA   C N S 162 
ILE C    C N N 163 
ILE O    O N N 164 
ILE CB   C N S 165 
ILE CG1  C N N 166 
ILE CG2  C N N 167 
ILE CD1  C N N 168 
ILE OXT  O N N 169 
ILE H    H N N 170 
ILE H2   H N N 171 
ILE HA   H N N 172 
ILE HB   H N N 173 
ILE HG12 H N N 174 
ILE HG13 H N N 175 
ILE HG21 H N N 176 
ILE HG22 H N N 177 
ILE HG23 H N N 178 
ILE HD11 H N N 179 
ILE HD12 H N N 180 
ILE HD13 H N N 181 
ILE HXT  H N N 182 
LEU N    N N N 183 
LEU CA   C N S 184 
LEU C    C N N 185 
LEU O    O N N 186 
LEU CB   C N N 187 
LEU CG   C N N 188 
LEU CD1  C N N 189 
LEU CD2  C N N 190 
LEU OXT  O N N 191 
LEU H    H N N 192 
LEU H2   H N N 193 
LEU HA   H N N 194 
LEU HB2  H N N 195 
LEU HB3  H N N 196 
LEU HG   H N N 197 
LEU HD11 H N N 198 
LEU HD12 H N N 199 
LEU HD13 H N N 200 
LEU HD21 H N N 201 
LEU HD22 H N N 202 
LEU HD23 H N N 203 
LEU HXT  H N N 204 
LYS N    N N N 205 
LYS CA   C N S 206 
LYS C    C N N 207 
LYS O    O N N 208 
LYS CB   C N N 209 
LYS CG   C N N 210 
LYS CD   C N N 211 
LYS CE   C N N 212 
LYS NZ   N N N 213 
LYS OXT  O N N 214 
LYS H    H N N 215 
LYS H2   H N N 216 
LYS HA   H N N 217 
LYS HB2  H N N 218 
LYS HB3  H N N 219 
LYS HG2  H N N 220 
LYS HG3  H N N 221 
LYS HD2  H N N 222 
LYS HD3  H N N 223 
LYS HE2  H N N 224 
LYS HE3  H N N 225 
LYS HZ1  H N N 226 
LYS HZ2  H N N 227 
LYS HZ3  H N N 228 
LYS HXT  H N N 229 
MET N    N N N 230 
MET CA   C N S 231 
MET C    C N N 232 
MET O    O N N 233 
MET CB   C N N 234 
MET CG   C N N 235 
MET SD   S N N 236 
MET CE   C N N 237 
MET OXT  O N N 238 
MET H    H N N 239 
MET H2   H N N 240 
MET HA   H N N 241 
MET HB2  H N N 242 
MET HB3  H N N 243 
MET HG2  H N N 244 
MET HG3  H N N 245 
MET HE1  H N N 246 
MET HE2  H N N 247 
MET HE3  H N N 248 
MET HXT  H N N 249 
PHE N    N N N 250 
PHE CA   C N S 251 
PHE C    C N N 252 
PHE O    O N N 253 
PHE CB   C N N 254 
PHE CG   C Y N 255 
PHE CD1  C Y N 256 
PHE CD2  C Y N 257 
PHE CE1  C Y N 258 
PHE CE2  C Y N 259 
PHE CZ   C Y N 260 
PHE OXT  O N N 261 
PHE H    H N N 262 
PHE H2   H N N 263 
PHE HA   H N N 264 
PHE HB2  H N N 265 
PHE HB3  H N N 266 
PHE HD1  H N N 267 
PHE HD2  H N N 268 
PHE HE1  H N N 269 
PHE HE2  H N N 270 
PHE HZ   H N N 271 
PHE HXT  H N N 272 
PRO N    N N N 273 
PRO CA   C N S 274 
PRO C    C N N 275 
PRO O    O N N 276 
PRO CB   C N N 277 
PRO CG   C N N 278 
PRO CD   C N N 279 
PRO OXT  O N N 280 
PRO H    H N N 281 
PRO HA   H N N 282 
PRO HB2  H N N 283 
PRO HB3  H N N 284 
PRO HG2  H N N 285 
PRO HG3  H N N 286 
PRO HD2  H N N 287 
PRO HD3  H N N 288 
PRO HXT  H N N 289 
SER N    N N N 290 
SER CA   C N S 291 
SER C    C N N 292 
SER O    O N N 293 
SER CB   C N N 294 
SER OG   O N N 295 
SER OXT  O N N 296 
SER H    H N N 297 
SER H2   H N N 298 
SER HA   H N N 299 
SER HB2  H N N 300 
SER HB3  H N N 301 
SER HG   H N N 302 
SER HXT  H N N 303 
THR N    N N N 304 
THR CA   C N S 305 
THR C    C N N 306 
THR O    O N N 307 
THR CB   C N R 308 
THR OG1  O N N 309 
THR CG2  C N N 310 
THR OXT  O N N 311 
THR H    H N N 312 
THR H2   H N N 313 
THR HA   H N N 314 
THR HB   H N N 315 
THR HG1  H N N 316 
THR HG21 H N N 317 
THR HG22 H N N 318 
THR HG23 H N N 319 
THR HXT  H N N 320 
TRP N    N N N 321 
TRP CA   C N S 322 
TRP C    C N N 323 
TRP O    O N N 324 
TRP CB   C N N 325 
TRP CG   C Y N 326 
TRP CD1  C Y N 327 
TRP CD2  C Y N 328 
TRP NE1  N Y N 329 
TRP CE2  C Y N 330 
TRP CE3  C Y N 331 
TRP CZ2  C Y N 332 
TRP CZ3  C Y N 333 
TRP CH2  C Y N 334 
TRP OXT  O N N 335 
TRP H    H N N 336 
TRP H2   H N N 337 
TRP HA   H N N 338 
TRP HB2  H N N 339 
TRP HB3  H N N 340 
TRP HD1  H N N 341 
TRP HE1  H N N 342 
TRP HE3  H N N 343 
TRP HZ2  H N N 344 
TRP HZ3  H N N 345 
TRP HH2  H N N 346 
TRP HXT  H N N 347 
TYR N    N N N 348 
TYR CA   C N S 349 
TYR C    C N N 350 
TYR O    O N N 351 
TYR CB   C N N 352 
TYR CG   C Y N 353 
TYR CD1  C Y N 354 
TYR CD2  C Y N 355 
TYR CE1  C Y N 356 
TYR CE2  C Y N 357 
TYR CZ   C Y N 358 
TYR OH   O N N 359 
TYR OXT  O N N 360 
TYR H    H N N 361 
TYR H2   H N N 362 
TYR HA   H N N 363 
TYR HB2  H N N 364 
TYR HB3  H N N 365 
TYR HD1  H N N 366 
TYR HD2  H N N 367 
TYR HE1  H N N 368 
TYR HE2  H N N 369 
TYR HH   H N N 370 
TYR HXT  H N N 371 
VAL N    N N N 372 
VAL CA   C N S 373 
VAL C    C N N 374 
VAL O    O N N 375 
VAL CB   C N N 376 
VAL CG1  C N N 377 
VAL CG2  C N N 378 
VAL OXT  O N N 379 
VAL H    H N N 380 
VAL H2   H N N 381 
VAL HA   H N N 382 
VAL HB   H N N 383 
VAL HG11 H N N 384 
VAL HG12 H N N 385 
VAL HG13 H N N 386 
VAL HG21 H N N 387 
VAL HG22 H N N 388 
VAL HG23 H N N 389 
VAL HXT  H N N 390 
# 
loop_
_chem_comp_bond.comp_id 
_chem_comp_bond.atom_id_1 
_chem_comp_bond.atom_id_2 
_chem_comp_bond.value_order 
_chem_comp_bond.pdbx_aromatic_flag 
_chem_comp_bond.pdbx_stereo_config 
_chem_comp_bond.pdbx_ordinal 
ALA N   CA   sing N N 1   
ALA N   H    sing N N 2   
ALA N   H2   sing N N 3   
ALA CA  C    sing N N 4   
ALA CA  CB   sing N N 5   
ALA CA  HA   sing N N 6   
ALA C   O    doub N N 7   
ALA C   OXT  sing N N 8   
ALA CB  HB1  sing N N 9   
ALA CB  HB2  sing N N 10  
ALA CB  HB3  sing N N 11  
ALA OXT HXT  sing N N 12  
ARG N   CA   sing N N 13  
ARG N   H    sing N N 14  
ARG N   H2   sing N N 15  
ARG CA  C    sing N N 16  
ARG CA  CB   sing N N 17  
ARG CA  HA   sing N N 18  
ARG C   O    doub N N 19  
ARG C   OXT  sing N N 20  
ARG CB  CG   sing N N 21  
ARG CB  HB2  sing N N 22  
ARG CB  HB3  sing N N 23  
ARG CG  CD   sing N N 24  
ARG CG  HG2  sing N N 25  
ARG CG  HG3  sing N N 26  
ARG CD  NE   sing N N 27  
ARG CD  HD2  sing N N 28  
ARG CD  HD3  sing N N 29  
ARG NE  CZ   sing N N 30  
ARG NE  HE   sing N N 31  
ARG CZ  NH1  sing N N 32  
ARG CZ  NH2  doub N N 33  
ARG NH1 HH11 sing N N 34  
ARG NH1 HH12 sing N N 35  
ARG NH2 HH21 sing N N 36  
ARG NH2 HH22 sing N N 37  
ARG OXT HXT  sing N N 38  
ASN N   CA   sing N N 39  
ASN N   H    sing N N 40  
ASN N   H2   sing N N 41  
ASN CA  C    sing N N 42  
ASN CA  CB   sing N N 43  
ASN CA  HA   sing N N 44  
ASN C   O    doub N N 45  
ASN C   OXT  sing N N 46  
ASN CB  CG   sing N N 47  
ASN CB  HB2  sing N N 48  
ASN CB  HB3  sing N N 49  
ASN CG  OD1  doub N N 50  
ASN CG  ND2  sing N N 51  
ASN ND2 HD21 sing N N 52  
ASN ND2 HD22 sing N N 53  
ASN OXT HXT  sing N N 54  
ASP N   CA   sing N N 55  
ASP N   H    sing N N 56  
ASP N   H2   sing N N 57  
ASP CA  C    sing N N 58  
ASP CA  CB   sing N N 59  
ASP CA  HA   sing N N 60  
ASP C   O    doub N N 61  
ASP C   OXT  sing N N 62  
ASP CB  CG   sing N N 63  
ASP CB  HB2  sing N N 64  
ASP CB  HB3  sing N N 65  
ASP CG  OD1  doub N N 66  
ASP CG  OD2  sing N N 67  
ASP OD2 HD2  sing N N 68  
ASP OXT HXT  sing N N 69  
CYS N   CA   sing N N 70  
CYS N   H    sing N N 71  
CYS N   H2   sing N N 72  
CYS CA  C    sing N N 73  
CYS CA  CB   sing N N 74  
CYS CA  HA   sing N N 75  
CYS C   O    doub N N 76  
CYS C   OXT  sing N N 77  
CYS CB  SG   sing N N 78  
CYS CB  HB2  sing N N 79  
CYS CB  HB3  sing N N 80  
CYS SG  HG   sing N N 81  
CYS OXT HXT  sing N N 82  
GLN N   CA   sing N N 83  
GLN N   H    sing N N 84  
GLN N   H2   sing N N 85  
GLN CA  C    sing N N 86  
GLN CA  CB   sing N N 87  
GLN CA  HA   sing N N 88  
GLN C   O    doub N N 89  
GLN C   OXT  sing N N 90  
GLN CB  CG   sing N N 91  
GLN CB  HB2  sing N N 92  
GLN CB  HB3  sing N N 93  
GLN CG  CD   sing N N 94  
GLN CG  HG2  sing N N 95  
GLN CG  HG3  sing N N 96  
GLN CD  OE1  doub N N 97  
GLN CD  NE2  sing N N 98  
GLN NE2 HE21 sing N N 99  
GLN NE2 HE22 sing N N 100 
GLN OXT HXT  sing N N 101 
GLU N   CA   sing N N 102 
GLU N   H    sing N N 103 
GLU N   H2   sing N N 104 
GLU CA  C    sing N N 105 
GLU CA  CB   sing N N 106 
GLU CA  HA   sing N N 107 
GLU C   O    doub N N 108 
GLU C   OXT  sing N N 109 
GLU CB  CG   sing N N 110 
GLU CB  HB2  sing N N 111 
GLU CB  HB3  sing N N 112 
GLU CG  CD   sing N N 113 
GLU CG  HG2  sing N N 114 
GLU CG  HG3  sing N N 115 
GLU CD  OE1  doub N N 116 
GLU CD  OE2  sing N N 117 
GLU OE2 HE2  sing N N 118 
GLU OXT HXT  sing N N 119 
GLY N   CA   sing N N 120 
GLY N   H    sing N N 121 
GLY N   H2   sing N N 122 
GLY CA  C    sing N N 123 
GLY CA  HA2  sing N N 124 
GLY CA  HA3  sing N N 125 
GLY C   O    doub N N 126 
GLY C   OXT  sing N N 127 
GLY OXT HXT  sing N N 128 
HIS N   CA   sing N N 129 
HIS N   H    sing N N 130 
HIS N   H2   sing N N 131 
HIS CA  C    sing N N 132 
HIS CA  CB   sing N N 133 
HIS CA  HA   sing N N 134 
HIS C   O    doub N N 135 
HIS C   OXT  sing N N 136 
HIS CB  CG   sing N N 137 
HIS CB  HB2  sing N N 138 
HIS CB  HB3  sing N N 139 
HIS CG  ND1  sing Y N 140 
HIS CG  CD2  doub Y N 141 
HIS ND1 CE1  doub Y N 142 
HIS ND1 HD1  sing N N 143 
HIS CD2 NE2  sing Y N 144 
HIS CD2 HD2  sing N N 145 
HIS CE1 NE2  sing Y N 146 
HIS CE1 HE1  sing N N 147 
HIS NE2 HE2  sing N N 148 
HIS OXT HXT  sing N N 149 
HOH O   H1   sing N N 150 
HOH O   H2   sing N N 151 
ILE N   CA   sing N N 152 
ILE N   H    sing N N 153 
ILE N   H2   sing N N 154 
ILE CA  C    sing N N 155 
ILE CA  CB   sing N N 156 
ILE CA  HA   sing N N 157 
ILE C   O    doub N N 158 
ILE C   OXT  sing N N 159 
ILE CB  CG1  sing N N 160 
ILE CB  CG2  sing N N 161 
ILE CB  HB   sing N N 162 
ILE CG1 CD1  sing N N 163 
ILE CG1 HG12 sing N N 164 
ILE CG1 HG13 sing N N 165 
ILE CG2 HG21 sing N N 166 
ILE CG2 HG22 sing N N 167 
ILE CG2 HG23 sing N N 168 
ILE CD1 HD11 sing N N 169 
ILE CD1 HD12 sing N N 170 
ILE CD1 HD13 sing N N 171 
ILE OXT HXT  sing N N 172 
LEU N   CA   sing N N 173 
LEU N   H    sing N N 174 
LEU N   H2   sing N N 175 
LEU CA  C    sing N N 176 
LEU CA  CB   sing N N 177 
LEU CA  HA   sing N N 178 
LEU C   O    doub N N 179 
LEU C   OXT  sing N N 180 
LEU CB  CG   sing N N 181 
LEU CB  HB2  sing N N 182 
LEU CB  HB3  sing N N 183 
LEU CG  CD1  sing N N 184 
LEU CG  CD2  sing N N 185 
LEU CG  HG   sing N N 186 
LEU CD1 HD11 sing N N 187 
LEU CD1 HD12 sing N N 188 
LEU CD1 HD13 sing N N 189 
LEU CD2 HD21 sing N N 190 
LEU CD2 HD22 sing N N 191 
LEU CD2 HD23 sing N N 192 
LEU OXT HXT  sing N N 193 
LYS N   CA   sing N N 194 
LYS N   H    sing N N 195 
LYS N   H2   sing N N 196 
LYS CA  C    sing N N 197 
LYS CA  CB   sing N N 198 
LYS CA  HA   sing N N 199 
LYS C   O    doub N N 200 
LYS C   OXT  sing N N 201 
LYS CB  CG   sing N N 202 
LYS CB  HB2  sing N N 203 
LYS CB  HB3  sing N N 204 
LYS CG  CD   sing N N 205 
LYS CG  HG2  sing N N 206 
LYS CG  HG3  sing N N 207 
LYS CD  CE   sing N N 208 
LYS CD  HD2  sing N N 209 
LYS CD  HD3  sing N N 210 
LYS CE  NZ   sing N N 211 
LYS CE  HE2  sing N N 212 
LYS CE  HE3  sing N N 213 
LYS NZ  HZ1  sing N N 214 
LYS NZ  HZ2  sing N N 215 
LYS NZ  HZ3  sing N N 216 
LYS OXT HXT  sing N N 217 
MET N   CA   sing N N 218 
MET N   H    sing N N 219 
MET N   H2   sing N N 220 
MET CA  C    sing N N 221 
MET CA  CB   sing N N 222 
MET CA  HA   sing N N 223 
MET C   O    doub N N 224 
MET C   OXT  sing N N 225 
MET CB  CG   sing N N 226 
MET CB  HB2  sing N N 227 
MET CB  HB3  sing N N 228 
MET CG  SD   sing N N 229 
MET CG  HG2  sing N N 230 
MET CG  HG3  sing N N 231 
MET SD  CE   sing N N 232 
MET CE  HE1  sing N N 233 
MET CE  HE2  sing N N 234 
MET CE  HE3  sing N N 235 
MET OXT HXT  sing N N 236 
PHE N   CA   sing N N 237 
PHE N   H    sing N N 238 
PHE N   H2   sing N N 239 
PHE CA  C    sing N N 240 
PHE CA  CB   sing N N 241 
PHE CA  HA   sing N N 242 
PHE C   O    doub N N 243 
PHE C   OXT  sing N N 244 
PHE CB  CG   sing N N 245 
PHE CB  HB2  sing N N 246 
PHE CB  HB3  sing N N 247 
PHE CG  CD1  doub Y N 248 
PHE CG  CD2  sing Y N 249 
PHE CD1 CE1  sing Y N 250 
PHE CD1 HD1  sing N N 251 
PHE CD2 CE2  doub Y N 252 
PHE CD2 HD2  sing N N 253 
PHE CE1 CZ   doub Y N 254 
PHE CE1 HE1  sing N N 255 
PHE CE2 CZ   sing Y N 256 
PHE CE2 HE2  sing N N 257 
PHE CZ  HZ   sing N N 258 
PHE OXT HXT  sing N N 259 
PRO N   CA   sing N N 260 
PRO N   CD   sing N N 261 
PRO N   H    sing N N 262 
PRO CA  C    sing N N 263 
PRO CA  CB   sing N N 264 
PRO CA  HA   sing N N 265 
PRO C   O    doub N N 266 
PRO C   OXT  sing N N 267 
PRO CB  CG   sing N N 268 
PRO CB  HB2  sing N N 269 
PRO CB  HB3  sing N N 270 
PRO CG  CD   sing N N 271 
PRO CG  HG2  sing N N 272 
PRO CG  HG3  sing N N 273 
PRO CD  HD2  sing N N 274 
PRO CD  HD3  sing N N 275 
PRO OXT HXT  sing N N 276 
SER N   CA   sing N N 277 
SER N   H    sing N N 278 
SER N   H2   sing N N 279 
SER CA  C    sing N N 280 
SER CA  CB   sing N N 281 
SER CA  HA   sing N N 282 
SER C   O    doub N N 283 
SER C   OXT  sing N N 284 
SER CB  OG   sing N N 285 
SER CB  HB2  sing N N 286 
SER CB  HB3  sing N N 287 
SER OG  HG   sing N N 288 
SER OXT HXT  sing N N 289 
THR N   CA   sing N N 290 
THR N   H    sing N N 291 
THR N   H2   sing N N 292 
THR CA  C    sing N N 293 
THR CA  CB   sing N N 294 
THR CA  HA   sing N N 295 
THR C   O    doub N N 296 
THR C   OXT  sing N N 297 
THR CB  OG1  sing N N 298 
THR CB  CG2  sing N N 299 
THR CB  HB   sing N N 300 
THR OG1 HG1  sing N N 301 
THR CG2 HG21 sing N N 302 
THR CG2 HG22 sing N N 303 
THR CG2 HG23 sing N N 304 
THR OXT HXT  sing N N 305 
TRP N   CA   sing N N 306 
TRP N   H    sing N N 307 
TRP N   H2   sing N N 308 
TRP CA  C    sing N N 309 
TRP CA  CB   sing N N 310 
TRP CA  HA   sing N N 311 
TRP C   O    doub N N 312 
TRP C   OXT  sing N N 313 
TRP CB  CG   sing N N 314 
TRP CB  HB2  sing N N 315 
TRP CB  HB3  sing N N 316 
TRP CG  CD1  doub Y N 317 
TRP CG  CD2  sing Y N 318 
TRP CD1 NE1  sing Y N 319 
TRP CD1 HD1  sing N N 320 
TRP CD2 CE2  doub Y N 321 
TRP CD2 CE3  sing Y N 322 
TRP NE1 CE2  sing Y N 323 
TRP NE1 HE1  sing N N 324 
TRP CE2 CZ2  sing Y N 325 
TRP CE3 CZ3  doub Y N 326 
TRP CE3 HE3  sing N N 327 
TRP CZ2 CH2  doub Y N 328 
TRP CZ2 HZ2  sing N N 329 
TRP CZ3 CH2  sing Y N 330 
TRP CZ3 HZ3  sing N N 331 
TRP CH2 HH2  sing N N 332 
TRP OXT HXT  sing N N 333 
TYR N   CA   sing N N 334 
TYR N   H    sing N N 335 
TYR N   H2   sing N N 336 
TYR CA  C    sing N N 337 
TYR CA  CB   sing N N 338 
TYR CA  HA   sing N N 339 
TYR C   O    doub N N 340 
TYR C   OXT  sing N N 341 
TYR CB  CG   sing N N 342 
TYR CB  HB2  sing N N 343 
TYR CB  HB3  sing N N 344 
TYR CG  CD1  doub Y N 345 
TYR CG  CD2  sing Y N 346 
TYR CD1 CE1  sing Y N 347 
TYR CD1 HD1  sing N N 348 
TYR CD2 CE2  doub Y N 349 
TYR CD2 HD2  sing N N 350 
TYR CE1 CZ   doub Y N 351 
TYR CE1 HE1  sing N N 352 
TYR CE2 CZ   sing Y N 353 
TYR CE2 HE2  sing N N 354 
TYR CZ  OH   sing N N 355 
TYR OH  HH   sing N N 356 
TYR OXT HXT  sing N N 357 
VAL N   CA   sing N N 358 
VAL N   H    sing N N 359 
VAL N   H2   sing N N 360 
VAL CA  C    sing N N 361 
VAL CA  CB   sing N N 362 
VAL CA  HA   sing N N 363 
VAL C   O    doub N N 364 
VAL C   OXT  sing N N 365 
VAL CB  CG1  sing N N 366 
VAL CB  CG2  sing N N 367 
VAL CB  HB   sing N N 368 
VAL CG1 HG11 sing N N 369 
VAL CG1 HG12 sing N N 370 
VAL CG1 HG13 sing N N 371 
VAL CG2 HG21 sing N N 372 
VAL CG2 HG22 sing N N 373 
VAL CG2 HG23 sing N N 374 
VAL OXT HXT  sing N N 375 
# 
_pdbx_entity_nonpoly.entity_id   2 
_pdbx_entity_nonpoly.name        water 
_pdbx_entity_nonpoly.comp_id     HOH 
# 
_pdbx_initial_refinement_model.id               1 
_pdbx_initial_refinement_model.entity_id_list   ? 
_pdbx_initial_refinement_model.type             'experimental model' 
_pdbx_initial_refinement_model.source_name      PDB 
_pdbx_initial_refinement_model.accession_code   2FHA 
_pdbx_initial_refinement_model.details          'PDB ENTRY 2FHA' 
# 
